data_2P8S
#
_entry.id   2P8S
#
_cell.length_a   118.139
_cell.length_b   126.174
_cell.length_c   137.340
_cell.angle_alpha   90.00
_cell.angle_beta   90.00
_cell.angle_gamma   90.00
#
_symmetry.space_group_name_H-M   'P 21 21 21'
#
loop_
_entity.id
_entity.type
_entity.pdbx_description
1 polymer 'DIPEPTIDYL PEPTIDASE IV SOLUBLE FORM'
2 branched 2-acetamido-2-deoxy-beta-D-glucopyranose-(1-4)-2-acetamido-2-deoxy-beta-D-glucopyranose
3 non-polymer 2-acetamido-2-deoxy-beta-D-glucopyranose
4 non-polymer 'SODIUM ION'
5 non-polymer (1S,2R,5S)-5-[3-(TRIFLUOROMETHYL)-5,6-DIHYDRO[1,2,4]TRIAZOLO[4,3-A]PYRAZIN-7(8H)-YL]-2-(2,4,5-TRIFLUOROPHENYL)CYCLOHEXANAMINE
6 water water
#
_entity_poly.entity_id   1
_entity_poly.type   'polypeptide(L)'
_entity_poly.pdbx_seq_one_letter_code
;TRKTYTLTDYLKNTYRLKLYSLRWISDHEYLYKQENNILVFNAEYGNSSVFLENSTFDEFGHSINDYSISPDGQFILLEY
NYVKQWRHSYTASYDIYDLNKRQLITEERIPNNTQWVTWSPVGHKLAYVWNNDIYVKIEPNLPSYRITWTGKEDIIYNGI
TDWVYEEEVFSAYSALWWSPNGTFLAYAQFNDTEVPLIEYSFYSDESLQYPKTVRVPYPKAGAVNPTVKFFVVNTDSLSS
VTNATSIQITAPASMLIGDHYLCDVTWATQERISLQWLRRIQNYSVMDICDYDESSGRWNCLVARQHIEMSTTGWVGRFR
PSEPHFTLDGNSFYKIISNEEGYRHICYFQIDKKDCTFITKGTWEVIGIEALTSDYLYYISNEYKGMPGGRNLYKIQLSD
YTKVTCLSCELNPERCQYYSVSFSKEAKYYQLRCSGPGLPLYTLHSSVNDKGLRVLEDNSALDKMLQNVQMPSKKLDFII
LNETKFWYQMILPPHFDKSKKYPLLLDVYAGPCSQKADTVFRLNWATYLASTENIIVASFDGRGSGYQGDKIMHAINRRL
GTFEVEDQIEAARQFSKMGFVDNKRIAIWGWSYGGYVTSMVLGSGSGVFKCGIAVAPVSRWEYYDSVYTERYMGLPTPED
NLDHYRNSTVMSRAENFKQVEYLLIHGTADDNVHFQQSAQISKALVDVGVDFQAMWYTDEDHGIASSTAHQHIYTHMSHF
IKQCFSLP
;
_entity_poly.pdbx_strand_id   A,B
#
loop_
_chem_comp.id
_chem_comp.type
_chem_comp.name
_chem_comp.formula
417 non-polymer (1S,2R,5S)-5-[3-(TRIFLUOROMETHYL)-5,6-DIHYDRO[1,2,4]TRIAZOLO[4,3-A]PYRAZIN-7(8H)-YL]-2-(2,4,5-TRIFLUOROPHENYL)CYCLOHEXANAMINE 'C18 H19 F6 N5'
NA non-polymer 'SODIUM ION' 'Na 1'
NAG D-saccharide, beta linking 2-acetamido-2-deoxy-beta-D-glucopyranose 'C8 H15 N O6'
#
# COMPACT_ATOMS: atom_id res chain seq x y z
N THR A 1 20.54 -2.46 -41.60
CA THR A 1 21.10 -1.08 -41.62
C THR A 1 20.12 -0.06 -41.00
N ARG A 2 18.92 0.04 -41.56
CA ARG A 2 17.90 0.96 -41.05
C ARG A 2 17.59 0.67 -39.57
N LYS A 3 16.94 1.62 -38.92
CA LYS A 3 16.60 1.50 -37.51
C LYS A 3 15.44 0.54 -37.24
N THR A 4 15.31 0.15 -35.98
CA THR A 4 14.24 -0.76 -35.57
C THR A 4 13.26 0.07 -34.77
N TYR A 5 12.14 -0.53 -34.37
CA TYR A 5 11.13 0.18 -33.59
C TYR A 5 11.58 0.01 -32.15
N THR A 6 12.08 1.08 -31.56
CA THR A 6 12.63 1.03 -30.20
C THR A 6 11.63 1.24 -29.08
N LEU A 7 12.10 1.04 -27.85
CA LEU A 7 11.25 1.23 -26.68
C LEU A 7 10.90 2.70 -26.60
N THR A 8 11.86 3.56 -26.95
CA THR A 8 11.61 5.01 -26.93
C THR A 8 10.55 5.39 -27.97
N ASP A 9 10.56 4.72 -29.11
CA ASP A 9 9.56 5.03 -30.14
C ASP A 9 8.16 4.70 -29.60
N TYR A 10 8.05 3.60 -28.87
CA TYR A 10 6.75 3.26 -28.31
C TYR A 10 6.36 4.27 -27.23
N LEU A 11 7.28 4.56 -26.30
CA LEU A 11 6.97 5.50 -25.22
C LEU A 11 6.79 6.95 -25.62
N LYS A 12 7.51 7.41 -26.64
CA LYS A 12 7.39 8.80 -27.08
C LYS A 12 6.46 8.99 -28.26
N ASN A 13 5.80 7.90 -28.68
CA ASN A 13 4.86 7.96 -29.80
C ASN A 13 5.46 8.56 -31.06
N THR A 14 6.68 8.13 -31.42
CA THR A 14 7.37 8.64 -32.60
C THR A 14 6.54 8.41 -33.86
N TYR A 15 5.97 7.21 -33.96
CA TYR A 15 5.15 6.84 -35.12
C TYR A 15 3.68 6.83 -34.69
N ARG A 16 2.94 7.83 -35.15
CA ARG A 16 1.54 7.97 -34.78
C ARG A 16 0.58 7.62 -35.89
N LEU A 17 -0.47 6.90 -35.51
CA LEU A 17 -1.51 6.51 -36.44
C LEU A 17 -2.42 7.71 -36.55
N LYS A 18 -2.82 8.08 -37.76
CA LYS A 18 -3.73 9.20 -37.94
C LYS A 18 -5.11 8.58 -37.93
N LEU A 19 -6.06 9.34 -37.41
CA LEU A 19 -7.45 8.94 -37.31
C LEU A 19 -8.30 9.91 -38.10
N TYR A 20 -9.60 9.71 -38.02
CA TYR A 20 -10.55 10.60 -38.68
C TYR A 20 -11.84 10.43 -37.93
N SER A 21 -11.93 11.09 -36.78
CA SER A 21 -13.12 11.01 -35.93
C SER A 21 -14.09 12.08 -36.37
N LEU A 22 -15.21 11.68 -36.92
CA LEU A 22 -16.20 12.66 -37.34
C LEU A 22 -17.45 12.51 -36.46
N ARG A 23 -18.32 13.51 -36.53
CA ARG A 23 -19.55 13.47 -35.75
C ARG A 23 -20.72 13.79 -36.66
N TRP A 24 -21.56 12.79 -36.95
CA TRP A 24 -22.71 13.02 -37.80
C TRP A 24 -23.72 13.95 -37.10
N ILE A 25 -24.15 15.00 -37.78
CA ILE A 25 -25.13 15.92 -37.19
C ILE A 25 -26.48 15.80 -37.91
N SER A 26 -26.49 15.08 -39.02
CA SER A 26 -27.71 14.88 -39.78
C SER A 26 -27.50 13.69 -40.68
N ASP A 27 -28.37 13.54 -41.67
CA ASP A 27 -28.22 12.43 -42.58
C ASP A 27 -27.34 12.82 -43.77
N HIS A 28 -26.86 14.06 -43.78
CA HIS A 28 -26.07 14.59 -44.92
C HIS A 28 -24.74 15.22 -44.54
N GLU A 29 -24.59 15.63 -43.28
CA GLU A 29 -23.36 16.31 -42.88
C GLU A 29 -22.76 15.82 -41.59
N TYR A 30 -21.46 16.08 -41.43
CA TYR A 30 -20.73 15.70 -40.23
C TYR A 30 -19.75 16.77 -39.81
N LEU A 31 -19.39 16.76 -38.52
CA LEU A 31 -18.41 17.71 -37.98
C LEU A 31 -17.08 17.00 -37.83
N TYR A 32 -16.00 17.75 -38.04
CA TYR A 32 -14.66 17.21 -37.98
C TYR A 32 -13.76 18.34 -37.52
N LYS A 33 -12.95 18.09 -36.50
CA LYS A 33 -12.04 19.12 -35.98
C LYS A 33 -10.71 19.10 -36.75
N GLN A 34 -10.33 20.23 -37.34
CA GLN A 34 -9.09 20.34 -38.10
C GLN A 34 -8.33 21.62 -37.75
N GLU A 35 -7.12 21.44 -37.18
CA GLU A 35 -6.28 22.57 -36.79
C GLU A 35 -6.99 23.39 -35.70
N ASN A 36 -7.67 22.67 -34.81
CA ASN A 36 -8.40 23.28 -33.70
C ASN A 36 -9.65 24.04 -34.17
N ASN A 37 -10.00 23.86 -35.44
CA ASN A 37 -11.18 24.50 -36.03
C ASN A 37 -12.22 23.40 -36.30
N ILE A 38 -13.48 23.67 -35.96
CA ILE A 38 -14.53 22.70 -36.20
C ILE A 38 -15.14 22.97 -37.57
N LEU A 39 -14.96 22.03 -38.50
CA LEU A 39 -15.49 22.20 -39.83
C LEU A 39 -16.74 21.35 -40.01
N VAL A 40 -17.59 21.73 -40.96
CA VAL A 40 -18.78 20.94 -41.24
C VAL A 40 -18.60 20.47 -42.67
N PHE A 41 -18.78 19.16 -42.88
CA PHE A 41 -18.61 18.54 -44.18
C PHE A 41 -19.92 18.04 -44.77
N ASN A 42 -19.99 18.09 -46.09
CA ASN A 42 -21.13 17.61 -46.85
C ASN A 42 -20.64 16.24 -47.33
N ALA A 43 -21.35 15.19 -46.93
CA ALA A 43 -20.95 13.83 -47.28
C ALA A 43 -20.97 13.51 -48.77
N GLU A 44 -21.97 14.02 -49.48
CA GLU A 44 -22.09 13.73 -50.90
C GLU A 44 -20.91 14.26 -51.71
N TYR A 45 -20.47 15.48 -51.45
CA TYR A 45 -19.40 16.10 -52.22
C TYR A 45 -18.03 16.25 -51.54
N GLY A 46 -18.00 16.24 -50.22
CA GLY A 46 -16.74 16.38 -49.53
C GLY A 46 -16.32 17.81 -49.33
N ASN A 47 -17.19 18.76 -49.71
CA ASN A 47 -16.86 20.17 -49.52
C ASN A 47 -17.23 20.52 -48.08
N SER A 48 -16.54 21.51 -47.53
CA SER A 48 -16.80 21.92 -46.15
C SER A 48 -16.83 23.44 -45.97
N SER A 49 -17.13 23.84 -44.74
CA SER A 49 -17.17 25.25 -44.32
C SER A 49 -16.72 25.25 -42.87
N VAL A 50 -16.25 26.39 -42.38
CA VAL A 50 -15.82 26.46 -40.99
C VAL A 50 -17.08 26.62 -40.15
N PHE A 51 -17.26 25.74 -39.18
CA PHE A 51 -18.44 25.79 -38.33
C PHE A 51 -18.17 26.69 -37.14
N LEU A 52 -16.94 26.62 -36.63
CA LEU A 52 -16.53 27.43 -35.51
C LEU A 52 -15.02 27.64 -35.53
N GLU A 53 -14.62 28.90 -35.43
CA GLU A 53 -13.21 29.30 -35.45
C GLU A 53 -12.47 28.89 -34.19
N ASN A 54 -11.22 28.48 -34.37
CA ASN A 54 -10.35 28.07 -33.27
C ASN A 54 -10.09 29.22 -32.32
N SER A 55 -10.00 30.43 -32.88
CA SER A 55 -9.73 31.63 -32.11
C SER A 55 -10.95 32.18 -31.37
N THR A 56 -12.14 31.76 -31.80
CA THR A 56 -13.39 32.23 -31.19
C THR A 56 -13.34 32.31 -29.67
N PHE A 57 -12.55 31.43 -29.04
CA PHE A 57 -12.44 31.42 -27.59
C PHE A 57 -11.01 31.74 -27.09
N ASP A 58 -10.26 32.49 -27.90
CA ASP A 58 -8.89 32.86 -27.56
C ASP A 58 -8.76 33.51 -26.18
N GLU A 59 -9.77 34.25 -25.74
CA GLU A 59 -9.69 34.88 -24.42
C GLU A 59 -10.66 34.28 -23.42
N PHE A 60 -11.04 33.03 -23.67
CA PHE A 60 -11.96 32.31 -22.79
C PHE A 60 -11.40 32.19 -21.38
N GLY A 61 -10.08 32.06 -21.28
CA GLY A 61 -9.44 31.96 -19.97
C GLY A 61 -9.19 30.55 -19.48
N HIS A 62 -10.03 29.62 -19.91
CA HIS A 62 -9.91 28.23 -19.50
C HIS A 62 -9.54 27.33 -20.68
N SER A 63 -8.83 26.25 -20.37
CA SER A 63 -8.45 25.30 -21.41
C SER A 63 -9.66 24.39 -21.61
N ILE A 64 -10.23 24.41 -22.81
CA ILE A 64 -11.39 23.57 -23.11
C ILE A 64 -10.99 22.11 -23.32
N ASN A 65 -11.66 21.21 -22.61
CA ASN A 65 -11.36 19.78 -22.72
C ASN A 65 -12.11 19.18 -23.91
N ASP A 66 -13.37 19.57 -24.07
CA ASP A 66 -14.19 19.03 -25.15
C ASP A 66 -15.36 19.99 -25.45
N TYR A 67 -16.08 19.71 -26.52
CA TYR A 67 -17.21 20.54 -26.90
C TYR A 67 -18.36 19.63 -27.29
N SER A 68 -19.57 20.19 -27.24
CA SER A 68 -20.73 19.43 -27.62
C SER A 68 -21.75 20.38 -28.19
N ILE A 69 -21.95 20.28 -29.49
CA ILE A 69 -22.92 21.13 -30.19
C ILE A 69 -24.31 20.55 -30.04
N SER A 70 -25.28 21.41 -29.75
CA SER A 70 -26.65 20.97 -29.60
C SER A 70 -27.11 20.40 -30.93
N PRO A 71 -28.11 19.50 -30.90
CA PRO A 71 -28.60 18.89 -32.14
C PRO A 71 -29.01 19.89 -33.22
N ASP A 72 -29.57 21.04 -32.82
CA ASP A 72 -29.99 22.03 -33.80
C ASP A 72 -28.90 23.00 -34.26
N GLY A 73 -27.67 22.78 -33.78
CA GLY A 73 -26.55 23.62 -34.16
C GLY A 73 -26.56 25.03 -33.62
N GLN A 74 -27.55 25.34 -32.80
CA GLN A 74 -27.70 26.68 -32.23
C GLN A 74 -26.77 27.02 -31.07
N PHE A 75 -26.39 26.00 -30.30
CA PHE A 75 -25.54 26.21 -29.14
C PHE A 75 -24.38 25.22 -29.08
N ILE A 76 -23.39 25.55 -28.27
CA ILE A 76 -22.26 24.67 -28.09
C ILE A 76 -21.89 24.64 -26.61
N LEU A 77 -21.79 23.42 -26.09
CA LEU A 77 -21.45 23.19 -24.70
C LEU A 77 -19.93 23.07 -24.60
N LEU A 78 -19.34 23.92 -23.77
CA LEU A 78 -17.89 23.93 -23.58
C LEU A 78 -17.49 23.26 -22.27
N GLU A 79 -16.67 22.23 -22.37
CA GLU A 79 -16.22 21.47 -21.21
C GLU A 79 -14.80 21.87 -20.76
N TYR A 80 -14.64 22.14 -19.48
CA TYR A 80 -13.32 22.50 -18.97
C TYR A 80 -13.22 22.12 -17.49
N ASN A 81 -12.05 22.29 -16.90
CA ASN A 81 -11.81 21.90 -15.50
C ASN A 81 -12.11 20.41 -15.35
N TYR A 82 -11.76 19.65 -16.38
CA TYR A 82 -11.97 18.21 -16.37
C TYR A 82 -11.22 17.52 -15.23
N VAL A 83 -11.94 16.74 -14.45
CA VAL A 83 -11.30 15.98 -13.37
C VAL A 83 -11.80 14.54 -13.46
N LYS A 84 -10.90 13.64 -13.86
CA LYS A 84 -11.25 12.24 -14.01
C LYS A 84 -11.58 11.50 -12.72
N GLN A 85 -12.54 10.58 -12.82
CA GLN A 85 -12.87 9.73 -11.69
C GLN A 85 -12.55 8.26 -12.04
N TRP A 86 -13.53 7.43 -12.39
CA TRP A 86 -13.24 6.03 -12.71
C TRP A 86 -13.01 5.78 -14.20
N ARG A 87 -13.43 4.63 -14.73
CA ARG A 87 -13.21 4.36 -16.15
C ARG A 87 -13.95 5.34 -17.06
N HIS A 88 -15.20 5.63 -16.74
CA HIS A 88 -15.99 6.54 -17.57
C HIS A 88 -16.36 7.86 -16.87
N SER A 89 -16.46 7.84 -15.55
CA SER A 89 -16.86 9.05 -14.81
C SER A 89 -15.79 10.13 -14.69
N TYR A 90 -16.27 11.35 -14.48
CA TYR A 90 -15.45 12.54 -14.30
C TYR A 90 -16.39 13.71 -14.04
N THR A 91 -15.85 14.79 -13.48
CA THR A 91 -16.66 15.99 -13.25
C THR A 91 -15.96 17.11 -14.00
N ALA A 92 -16.72 18.15 -14.33
CA ALA A 92 -16.14 19.27 -15.05
C ALA A 92 -17.05 20.48 -14.94
N SER A 93 -16.57 21.61 -15.44
CA SER A 93 -17.33 22.86 -15.47
C SER A 93 -17.80 23.01 -16.90
N TYR A 94 -18.93 23.69 -17.09
CA TYR A 94 -19.47 23.91 -18.43
C TYR A 94 -19.97 25.33 -18.66
N ASP A 95 -19.90 25.77 -19.90
CA ASP A 95 -20.36 27.08 -20.31
C ASP A 95 -21.05 26.85 -21.64
N ILE A 96 -22.12 27.57 -21.89
CA ILE A 96 -22.85 27.41 -23.13
C ILE A 96 -22.63 28.68 -23.97
N TYR A 97 -22.35 28.51 -25.26
CA TYR A 97 -22.12 29.63 -26.14
C TYR A 97 -23.21 29.65 -27.21
N ASP A 98 -23.86 30.80 -27.36
CA ASP A 98 -24.90 30.96 -28.38
C ASP A 98 -24.22 31.17 -29.73
N LEU A 99 -24.45 30.26 -30.67
CA LEU A 99 -23.82 30.41 -31.97
C LEU A 99 -24.45 31.50 -32.81
N ASN A 100 -25.74 31.75 -32.60
CA ASN A 100 -26.45 32.77 -33.38
C ASN A 100 -26.07 34.16 -32.95
N LYS A 101 -26.20 34.44 -31.66
CA LYS A 101 -25.85 35.75 -31.16
C LYS A 101 -24.35 35.81 -30.87
N ARG A 102 -23.62 34.79 -31.30
CA ARG A 102 -22.17 34.76 -31.10
C ARG A 102 -21.82 35.27 -29.71
N GLN A 103 -22.51 34.79 -28.69
CA GLN A 103 -22.23 35.25 -27.34
C GLN A 103 -22.27 34.11 -26.30
N LEU A 104 -21.33 34.16 -25.36
CA LEU A 104 -21.25 33.19 -24.29
C LEU A 104 -22.41 33.47 -23.33
N ILE A 105 -23.09 32.42 -22.87
CA ILE A 105 -24.21 32.60 -21.95
C ILE A 105 -23.72 32.79 -20.53
N THR A 106 -24.22 33.84 -19.86
CA THR A 106 -23.81 34.15 -18.48
C THR A 106 -24.86 34.00 -17.40
N GLU A 107 -26.12 33.88 -17.78
CA GLU A 107 -27.15 33.74 -16.76
C GLU A 107 -27.55 32.27 -16.56
N GLU A 108 -27.84 31.91 -15.31
CA GLU A 108 -28.27 30.55 -14.99
C GLU A 108 -27.33 29.46 -15.53
N ARG A 109 -26.03 29.66 -15.40
CA ARG A 109 -25.10 28.67 -15.92
C ARG A 109 -25.04 27.35 -15.14
N ILE A 110 -24.67 26.30 -15.87
CA ILE A 110 -24.51 24.97 -15.30
C ILE A 110 -23.50 25.11 -14.15
N PRO A 111 -23.77 24.48 -12.98
CA PRO A 111 -22.86 24.58 -11.84
C PRO A 111 -21.48 23.99 -12.11
N ASN A 112 -20.54 24.28 -11.21
CA ASN A 112 -19.19 23.73 -11.34
C ASN A 112 -19.27 22.34 -10.69
N ASN A 113 -18.34 21.45 -11.01
CA ASN A 113 -18.38 20.11 -10.43
C ASN A 113 -19.60 19.31 -10.91
N THR A 114 -20.10 19.62 -12.10
CA THR A 114 -21.23 18.90 -12.66
C THR A 114 -20.75 17.49 -13.03
N GLN A 115 -21.56 16.50 -12.65
CA GLN A 115 -21.21 15.11 -12.87
C GLN A 115 -21.48 14.56 -14.25
N TRP A 116 -22.48 15.13 -14.92
CA TRP A 116 -22.83 14.67 -16.26
C TRP A 116 -23.82 15.67 -16.87
N VAL A 117 -23.73 15.84 -18.18
CA VAL A 117 -24.62 16.74 -18.88
C VAL A 117 -24.84 16.17 -20.26
N THR A 118 -26.04 16.40 -20.80
CA THR A 118 -26.41 15.92 -22.12
C THR A 118 -27.54 16.72 -22.77
N TRP A 119 -27.37 17.07 -24.04
CA TRP A 119 -28.39 17.78 -24.78
C TRP A 119 -29.52 16.78 -25.01
N SER A 120 -30.73 17.27 -25.30
CA SER A 120 -31.84 16.38 -25.61
C SER A 120 -31.46 15.91 -27.00
N PRO A 121 -32.04 14.81 -27.48
CA PRO A 121 -31.69 14.31 -28.82
C PRO A 121 -32.07 15.23 -29.99
N VAL A 122 -33.04 16.09 -29.73
CA VAL A 122 -33.51 17.05 -30.73
C VAL A 122 -33.60 18.41 -30.05
N GLY A 123 -33.34 19.47 -30.79
CA GLY A 123 -33.42 20.81 -30.23
C GLY A 123 -32.25 21.20 -29.35
N HIS A 124 -32.56 21.80 -28.20
CA HIS A 124 -31.50 22.24 -27.30
C HIS A 124 -31.84 22.22 -25.82
N LYS A 125 -32.62 21.24 -25.37
CA LYS A 125 -32.90 21.14 -23.94
C LYS A 125 -31.61 20.55 -23.35
N LEU A 126 -31.47 20.65 -22.03
CA LEU A 126 -30.29 20.13 -21.33
C LEU A 126 -30.72 19.39 -20.07
N ALA A 127 -29.99 18.32 -19.77
CA ALA A 127 -30.22 17.57 -18.55
C ALA A 127 -28.82 17.38 -17.96
N TYR A 128 -28.67 17.68 -16.67
CA TYR A 128 -27.39 17.51 -16.03
C TYR A 128 -27.61 17.03 -14.61
N VAL A 129 -26.55 16.44 -14.07
CA VAL A 129 -26.57 15.91 -12.72
C VAL A 129 -25.54 16.68 -11.93
N TRP A 130 -25.89 17.02 -10.70
CA TRP A 130 -24.99 17.79 -9.85
C TRP A 130 -25.30 17.39 -8.43
N ASN A 131 -24.28 17.05 -7.67
CA ASN A 131 -24.49 16.62 -6.30
C ASN A 131 -25.50 15.46 -6.26
N ASN A 132 -25.37 14.55 -7.23
CA ASN A 132 -26.21 13.37 -7.31
C ASN A 132 -27.71 13.60 -7.60
N ASP A 133 -28.07 14.80 -8.05
CA ASP A 133 -29.47 15.10 -8.38
C ASP A 133 -29.61 15.56 -9.81
N ILE A 134 -30.77 15.29 -10.40
CA ILE A 134 -31.02 15.65 -11.80
C ILE A 134 -31.68 17.01 -11.97
N TYR A 135 -31.21 17.77 -12.96
CA TYR A 135 -31.72 19.09 -13.30
C TYR A 135 -31.95 19.15 -14.80
N VAL A 136 -32.98 19.91 -15.20
CA VAL A 136 -33.29 20.10 -16.61
C VAL A 136 -33.41 21.59 -16.95
N LYS A 137 -32.92 21.95 -18.14
CA LYS A 137 -32.96 23.32 -18.66
C LYS A 137 -33.62 23.34 -20.05
N ILE A 138 -34.81 23.94 -20.16
CA ILE A 138 -35.52 24.03 -21.44
C ILE A 138 -34.79 24.93 -22.44
N GLU A 139 -34.17 25.98 -21.90
CA GLU A 139 -33.41 26.94 -22.69
C GLU A 139 -32.10 27.16 -21.95
N PRO A 140 -30.99 27.28 -22.68
CA PRO A 140 -29.66 27.50 -22.09
C PRO A 140 -29.54 28.67 -21.11
N ASN A 141 -30.27 29.75 -21.38
CA ASN A 141 -30.21 30.94 -20.53
C ASN A 141 -31.21 30.98 -19.39
N LEU A 142 -32.15 30.04 -19.35
CA LEU A 142 -33.17 30.01 -18.30
C LEU A 142 -32.83 29.15 -17.09
N PRO A 143 -33.48 29.43 -15.94
CA PRO A 143 -33.23 28.64 -14.73
C PRO A 143 -33.62 27.19 -14.92
N SER A 144 -32.92 26.30 -14.23
CA SER A 144 -33.18 24.87 -14.33
C SER A 144 -34.23 24.38 -13.34
N TYR A 145 -34.87 23.26 -13.67
CA TYR A 145 -35.86 22.65 -12.80
C TYR A 145 -35.22 21.45 -12.08
N ARG A 146 -35.29 21.46 -10.76
CA ARG A 146 -34.76 20.35 -9.96
C ARG A 146 -35.71 19.21 -10.20
N ILE A 147 -35.18 18.04 -10.57
CA ILE A 147 -36.02 16.88 -10.83
C ILE A 147 -36.02 15.95 -9.63
N THR A 148 -34.86 15.77 -9.01
CA THR A 148 -34.73 14.89 -7.85
C THR A 148 -34.18 15.66 -6.67
N TRP A 149 -34.51 15.23 -5.46
CA TRP A 149 -34.04 15.91 -4.26
C TRP A 149 -33.39 14.96 -3.26
N THR A 150 -33.33 13.68 -3.62
CA THR A 150 -32.75 12.65 -2.77
C THR A 150 -31.23 12.44 -2.93
N GLY A 151 -30.62 13.08 -3.92
CA GLY A 151 -29.19 12.92 -4.14
C GLY A 151 -28.35 13.00 -2.87
N LYS A 152 -27.48 12.02 -2.66
CA LYS A 152 -26.61 11.99 -1.48
C LYS A 152 -25.30 11.25 -1.79
N GLU A 153 -24.18 11.98 -1.70
CA GLU A 153 -22.86 11.43 -1.99
C GLU A 153 -22.64 10.02 -1.43
N ASP A 154 -22.20 9.12 -2.30
CA ASP A 154 -21.92 7.72 -1.95
C ASP A 154 -23.11 6.94 -1.45
N ILE A 155 -24.32 7.48 -1.53
CA ILE A 155 -25.48 6.77 -1.01
C ILE A 155 -26.60 6.68 -2.05
N ILE A 156 -27.12 7.83 -2.47
CA ILE A 156 -28.19 7.87 -3.49
C ILE A 156 -27.71 8.53 -4.77
N TYR A 157 -27.83 7.82 -5.89
CA TYR A 157 -27.39 8.36 -7.17
C TYR A 157 -28.56 8.52 -8.13
N ASN A 158 -28.84 9.75 -8.53
CA ASN A 158 -29.93 9.98 -9.49
C ASN A 158 -29.37 10.38 -10.84
N GLY A 159 -29.66 9.60 -11.88
CA GLY A 159 -29.19 9.98 -13.19
C GLY A 159 -27.73 9.67 -13.50
N ILE A 160 -27.01 9.12 -12.52
CA ILE A 160 -25.61 8.69 -12.67
C ILE A 160 -25.44 7.33 -11.99
N THR A 161 -24.46 6.56 -12.43
CA THR A 161 -24.24 5.23 -11.88
C THR A 161 -23.24 5.23 -10.73
N ASP A 162 -23.33 4.21 -9.85
CA ASP A 162 -22.39 4.08 -8.75
C ASP A 162 -21.21 3.35 -9.39
N TRP A 163 -20.19 3.02 -8.61
CA TRP A 163 -18.99 2.36 -9.14
C TRP A 163 -19.24 1.10 -9.96
N VAL A 164 -19.95 0.12 -9.39
CA VAL A 164 -20.16 -1.15 -10.08
C VAL A 164 -21.06 -1.06 -11.33
N TYR A 165 -22.09 -0.21 -11.28
CA TYR A 165 -22.95 -0.07 -12.44
C TYR A 165 -22.18 0.65 -13.57
N GLU A 166 -21.28 1.56 -13.20
CA GLU A 166 -20.48 2.28 -14.17
C GLU A 166 -19.54 1.31 -14.90
N GLU A 167 -18.83 0.53 -14.11
CA GLU A 167 -17.84 -0.41 -14.62
C GLU A 167 -18.38 -1.68 -15.29
N GLU A 168 -19.34 -2.32 -14.62
CA GLU A 168 -19.84 -3.61 -15.09
C GLU A 168 -21.19 -3.72 -15.80
N VAL A 169 -22.03 -2.69 -15.74
CA VAL A 169 -23.36 -2.80 -16.36
C VAL A 169 -23.59 -1.86 -17.55
N PHE A 170 -23.47 -0.57 -17.33
CA PHE A 170 -23.67 0.40 -18.40
C PHE A 170 -22.41 0.88 -19.10
N SER A 171 -21.22 0.60 -18.55
CA SER A 171 -20.00 1.08 -19.19
C SER A 171 -20.16 2.59 -19.48
N ALA A 172 -20.73 3.30 -18.52
CA ALA A 172 -20.97 4.73 -18.65
C ALA A 172 -21.34 5.26 -17.27
N TYR A 173 -21.11 6.54 -17.05
CA TYR A 173 -21.42 7.21 -15.78
C TYR A 173 -22.89 7.66 -15.80
N SER A 174 -23.36 7.97 -17.00
N SER A 174 -23.36 7.99 -17.00
CA SER A 174 -24.72 8.44 -17.21
CA SER A 174 -24.72 8.46 -17.16
C SER A 174 -25.77 7.36 -16.98
C SER A 174 -25.76 7.37 -16.95
N ALA A 175 -26.89 7.76 -16.38
CA ALA A 175 -28.01 6.88 -16.16
C ALA A 175 -29.25 7.73 -16.49
N LEU A 176 -29.15 8.44 -17.61
CA LEU A 176 -30.21 9.33 -18.14
C LEU A 176 -30.52 8.93 -19.58
N TRP A 177 -31.79 8.93 -19.94
CA TRP A 177 -32.19 8.55 -21.29
C TRP A 177 -33.36 9.37 -21.83
N TRP A 178 -33.03 10.37 -22.65
CA TRP A 178 -34.02 11.22 -23.28
C TRP A 178 -34.88 10.43 -24.27
N SER A 179 -36.16 10.77 -24.38
CA SER A 179 -37.03 10.10 -25.35
C SER A 179 -36.55 10.63 -26.70
N PRO A 180 -36.90 9.96 -27.81
CA PRO A 180 -36.46 10.40 -29.14
C PRO A 180 -36.58 11.89 -29.49
N ASN A 181 -37.69 12.52 -29.14
CA ASN A 181 -37.86 13.95 -29.46
C ASN A 181 -37.69 14.89 -28.25
N GLY A 182 -37.15 14.36 -27.15
CA GLY A 182 -36.91 15.18 -25.97
C GLY A 182 -38.05 15.43 -24.99
N THR A 183 -39.23 14.92 -25.30
CA THR A 183 -40.36 15.12 -24.41
C THR A 183 -40.15 14.52 -23.02
N PHE A 184 -39.78 13.25 -22.98
CA PHE A 184 -39.57 12.55 -21.71
C PHE A 184 -38.09 12.37 -21.39
N LEU A 185 -37.81 12.22 -20.10
CA LEU A 185 -36.45 11.99 -19.65
C LEU A 185 -36.57 10.87 -18.63
N ALA A 186 -36.06 9.70 -19.02
CA ALA A 186 -36.06 8.57 -18.12
C ALA A 186 -34.71 8.54 -17.38
N TYR A 187 -34.73 8.01 -16.16
CA TYR A 187 -33.50 7.91 -15.37
C TYR A 187 -33.61 6.81 -14.34
N ALA A 188 -32.44 6.35 -13.88
CA ALA A 188 -32.38 5.32 -12.87
C ALA A 188 -31.87 5.95 -11.59
N GLN A 189 -32.21 5.32 -10.48
CA GLN A 189 -31.76 5.81 -9.19
C GLN A 189 -31.11 4.63 -8.48
N PHE A 190 -29.86 4.81 -8.03
CA PHE A 190 -29.19 3.73 -7.34
C PHE A 190 -29.06 4.01 -5.85
N ASN A 191 -29.27 2.99 -5.02
CA ASN A 191 -29.17 3.14 -3.58
C ASN A 191 -28.05 2.22 -3.06
N ASP A 192 -26.96 2.82 -2.60
CA ASP A 192 -25.83 2.04 -2.10
C ASP A 192 -25.71 2.05 -0.58
N THR A 193 -26.79 2.41 0.08
CA THR A 193 -26.81 2.50 1.54
C THR A 193 -26.08 1.38 2.27
N GLU A 194 -26.32 0.14 1.87
CA GLU A 194 -25.67 -0.95 2.60
C GLU A 194 -24.51 -1.63 1.87
N VAL A 195 -24.00 -0.98 0.84
CA VAL A 195 -22.89 -1.53 0.10
C VAL A 195 -21.62 -1.22 0.88
N PRO A 196 -20.78 -2.24 1.16
CA PRO A 196 -19.57 -1.95 1.90
C PRO A 196 -18.66 -1.08 1.06
N LEU A 197 -17.77 -0.35 1.72
CA LEU A 197 -16.85 0.52 1.03
C LEU A 197 -15.43 -0.05 1.01
N ILE A 198 -14.77 0.06 -0.15
CA ILE A 198 -13.38 -0.36 -0.22
C ILE A 198 -12.63 0.89 0.24
N GLU A 199 -11.58 0.72 1.03
CA GLU A 199 -10.80 1.84 1.55
C GLU A 199 -9.32 1.64 1.23
N TYR A 200 -8.66 2.68 0.75
CA TYR A 200 -7.21 2.57 0.46
C TYR A 200 -6.63 3.97 0.59
N SER A 201 -5.32 4.07 0.77
CA SER A 201 -4.64 5.35 0.94
C SER A 201 -4.31 6.05 -0.37
N PHE A 202 -4.36 7.39 -0.34
CA PHE A 202 -3.96 8.16 -1.51
C PHE A 202 -2.92 9.08 -0.90
N TYR A 203 -1.74 9.09 -1.49
CA TYR A 203 -0.66 9.90 -0.94
C TYR A 203 -0.60 11.33 -1.42
N SER A 204 -1.01 11.55 -2.66
CA SER A 204 -1.04 12.90 -3.24
C SER A 204 0.36 13.49 -3.36
N ASP A 205 0.42 14.81 -3.55
CA ASP A 205 1.70 15.49 -3.68
C ASP A 205 2.44 15.41 -2.36
N GLU A 206 3.75 15.50 -2.46
CA GLU A 206 4.65 15.45 -1.35
C GLU A 206 4.23 16.40 -0.23
N SER A 207 3.55 17.49 -0.61
CA SER A 207 3.11 18.49 0.35
C SER A 207 2.05 18.01 1.33
N LEU A 208 1.29 16.97 0.99
CA LEU A 208 0.25 16.48 1.91
C LEU A 208 0.90 15.75 3.09
N GLN A 209 0.78 16.31 4.28
CA GLN A 209 1.40 15.72 5.46
C GLN A 209 0.85 14.34 5.87
N TYR A 210 -0.48 14.20 5.81
CA TYR A 210 -1.15 12.96 6.16
C TYR A 210 -1.85 12.37 4.94
N PRO A 211 -1.60 11.07 4.63
CA PRO A 211 -2.24 10.45 3.47
C PRO A 211 -3.75 10.51 3.66
N LYS A 212 -4.44 10.57 2.53
CA LYS A 212 -5.88 10.63 2.51
C LYS A 212 -6.40 9.20 2.37
N THR A 213 -7.54 8.89 2.98
CA THR A 213 -8.14 7.57 2.85
C THR A 213 -9.33 7.69 1.88
N VAL A 214 -9.24 7.01 0.73
CA VAL A 214 -10.31 7.04 -0.25
C VAL A 214 -11.28 5.92 0.13
N ARG A 215 -12.58 6.21 0.09
CA ARG A 215 -13.62 5.24 0.42
C ARG A 215 -14.63 5.16 -0.72
N VAL A 216 -14.84 3.97 -1.26
CA VAL A 216 -15.74 3.79 -2.39
C VAL A 216 -16.73 2.67 -2.20
N PRO A 217 -18.04 2.97 -2.35
CA PRO A 217 -19.03 1.90 -2.19
C PRO A 217 -18.71 0.90 -3.32
N TYR A 218 -18.29 -0.29 -2.93
CA TYR A 218 -17.87 -1.30 -3.89
C TYR A 218 -18.24 -2.68 -3.36
N PRO A 219 -19.21 -3.36 -4.01
CA PRO A 219 -19.60 -4.69 -3.55
C PRO A 219 -18.70 -5.79 -4.10
N LYS A 220 -18.01 -6.50 -3.21
CA LYS A 220 -17.16 -7.62 -3.61
C LYS A 220 -18.08 -8.84 -3.77
N ALA A 221 -17.59 -9.91 -4.37
CA ALA A 221 -18.45 -11.07 -4.58
C ALA A 221 -19.23 -11.53 -3.34
N GLY A 222 -20.54 -11.65 -3.49
CA GLY A 222 -21.36 -12.09 -2.38
C GLY A 222 -21.84 -11.00 -1.44
N ALA A 223 -21.26 -9.81 -1.53
CA ALA A 223 -21.64 -8.69 -0.65
C ALA A 223 -23.00 -8.08 -1.01
N VAL A 224 -23.46 -7.16 -0.16
CA VAL A 224 -24.72 -6.48 -0.42
C VAL A 224 -24.52 -5.55 -1.63
N ASN A 225 -25.41 -5.69 -2.61
CA ASN A 225 -25.39 -4.91 -3.84
C ASN A 225 -26.28 -3.67 -3.78
N PRO A 226 -26.02 -2.69 -4.66
CA PRO A 226 -26.86 -1.50 -4.64
C PRO A 226 -28.23 -1.95 -5.16
N THR A 227 -29.28 -1.21 -4.82
CA THR A 227 -30.63 -1.52 -5.31
C THR A 227 -30.91 -0.45 -6.35
N VAL A 228 -31.91 -0.66 -7.19
CA VAL A 228 -32.19 0.29 -8.27
C VAL A 228 -33.70 0.53 -8.52
N LYS A 229 -34.04 1.75 -8.93
CA LYS A 229 -35.40 2.09 -9.26
C LYS A 229 -35.34 2.83 -10.58
N PHE A 230 -36.43 2.79 -11.35
CA PHE A 230 -36.47 3.45 -12.64
C PHE A 230 -37.61 4.45 -12.75
N PHE A 231 -37.32 5.64 -13.25
CA PHE A 231 -38.31 6.70 -13.37
C PHE A 231 -38.35 7.39 -14.74
N VAL A 232 -39.51 7.98 -15.04
CA VAL A 232 -39.68 8.72 -16.28
C VAL A 232 -40.42 10.01 -15.92
N VAL A 233 -39.88 11.13 -16.37
CA VAL A 233 -40.50 12.41 -16.10
C VAL A 233 -40.79 13.14 -17.39
N ASN A 234 -41.94 13.83 -17.44
CA ASN A 234 -42.30 14.59 -18.63
C ASN A 234 -41.65 15.96 -18.49
N THR A 235 -40.71 16.28 -19.38
CA THR A 235 -40.04 17.56 -19.29
C THR A 235 -40.83 18.69 -19.96
N ASP A 236 -41.88 18.35 -20.69
CA ASP A 236 -42.70 19.36 -21.37
C ASP A 236 -43.71 20.00 -20.41
N SER A 237 -43.91 19.39 -19.25
CA SER A 237 -44.86 19.95 -18.30
C SER A 237 -44.20 20.28 -16.97
N LEU A 238 -43.02 20.91 -17.04
CA LEU A 238 -42.32 21.29 -15.83
C LEU A 238 -42.82 22.66 -15.35
N SER A 239 -42.92 22.81 -14.03
CA SER A 239 -43.37 24.07 -13.42
C SER A 239 -42.32 24.66 -12.50
N SER A 240 -42.24 25.98 -12.50
CA SER A 240 -41.30 26.69 -11.64
C SER A 240 -41.90 26.87 -10.26
N VAL A 241 -43.18 26.53 -10.15
CA VAL A 241 -43.91 26.69 -8.90
C VAL A 241 -44.10 25.37 -8.14
N THR A 242 -44.17 24.27 -8.88
CA THR A 242 -44.36 22.97 -8.26
C THR A 242 -43.21 22.02 -8.62
N ASN A 243 -42.92 21.09 -7.72
CA ASN A 243 -41.84 20.12 -7.96
C ASN A 243 -42.27 19.09 -9.00
N ALA A 244 -41.38 18.79 -9.94
CA ALA A 244 -41.67 17.81 -10.99
C ALA A 244 -42.11 16.46 -10.41
N THR A 245 -42.98 15.77 -11.13
CA THR A 245 -43.43 14.48 -10.68
C THR A 245 -42.83 13.41 -11.59
N SER A 246 -42.09 12.47 -11.00
CA SER A 246 -41.47 11.40 -11.78
C SER A 246 -42.32 10.15 -11.65
N ILE A 247 -42.59 9.50 -12.77
CA ILE A 247 -43.40 8.30 -12.76
C ILE A 247 -42.50 7.06 -12.69
N GLN A 248 -42.70 6.24 -11.67
CA GLN A 248 -41.90 5.04 -11.53
C GLN A 248 -42.43 3.84 -12.31
N ILE A 249 -41.49 3.08 -12.88
CA ILE A 249 -41.79 1.85 -13.61
C ILE A 249 -41.08 0.77 -12.81
N THR A 250 -41.87 -0.09 -12.17
CA THR A 250 -41.33 -1.14 -11.35
C THR A 250 -40.88 -2.34 -12.18
N ALA A 251 -39.96 -3.12 -11.63
CA ALA A 251 -39.45 -4.30 -12.33
C ALA A 251 -40.45 -5.42 -12.19
N PRO A 252 -40.41 -6.41 -13.11
CA PRO A 252 -41.35 -7.53 -13.03
C PRO A 252 -41.18 -8.36 -11.77
N ALA A 253 -42.24 -9.06 -11.42
CA ALA A 253 -42.28 -9.88 -10.22
C ALA A 253 -41.17 -10.92 -10.24
N SER A 254 -40.86 -11.43 -11.42
CA SER A 254 -39.81 -12.43 -11.55
C SER A 254 -38.45 -11.85 -11.16
N MET A 255 -38.36 -10.52 -11.09
CA MET A 255 -37.12 -9.86 -10.70
C MET A 255 -37.20 -9.42 -9.24
N LEU A 256 -38.35 -8.88 -8.85
CA LEU A 256 -38.54 -8.41 -7.48
C LEU A 256 -38.45 -9.49 -6.42
N ILE A 257 -38.47 -10.76 -6.81
CA ILE A 257 -38.37 -11.84 -5.84
C ILE A 257 -37.01 -11.89 -5.12
N GLY A 258 -35.99 -11.31 -5.75
CA GLY A 258 -34.66 -11.28 -5.16
C GLY A 258 -33.79 -10.17 -5.75
N ASP A 259 -32.48 -10.21 -5.45
CA ASP A 259 -31.56 -9.22 -5.99
C ASP A 259 -31.60 -9.24 -7.52
N HIS A 260 -31.50 -8.07 -8.13
CA HIS A 260 -31.53 -7.98 -9.59
C HIS A 260 -30.85 -6.68 -9.99
N TYR A 261 -30.73 -6.48 -11.30
CA TYR A 261 -30.11 -5.30 -11.89
C TYR A 261 -30.97 -4.81 -13.06
N LEU A 262 -30.83 -3.52 -13.35
CA LEU A 262 -31.47 -2.92 -14.50
C LEU A 262 -30.27 -3.00 -15.46
N CYS A 263 -30.42 -3.60 -16.64
CA CYS A 263 -29.22 -3.69 -17.48
C CYS A 263 -29.28 -3.03 -18.85
N ASP A 264 -30.44 -2.53 -19.22
CA ASP A 264 -30.60 -1.86 -20.50
C ASP A 264 -31.87 -1.03 -20.54
N VAL A 265 -31.76 0.14 -21.17
CA VAL A 265 -32.87 1.03 -21.36
C VAL A 265 -32.75 1.51 -22.79
N THR A 266 -33.80 1.28 -23.56
CA THR A 266 -33.80 1.68 -24.96
C THR A 266 -35.18 2.20 -25.36
N TRP A 267 -35.25 3.45 -25.79
CA TRP A 267 -36.54 4.00 -26.21
C TRP A 267 -36.92 3.38 -27.55
N ALA A 268 -38.21 3.02 -27.68
CA ALA A 268 -38.71 2.43 -28.93
C ALA A 268 -39.39 3.52 -29.76
N THR A 269 -40.27 4.30 -29.12
CA THR A 269 -40.95 5.39 -29.83
C THR A 269 -41.05 6.58 -28.92
N GLN A 270 -41.78 7.60 -29.37
CA GLN A 270 -41.97 8.79 -28.57
C GLN A 270 -42.69 8.45 -27.28
N GLU A 271 -43.42 7.34 -27.26
CA GLU A 271 -44.19 6.98 -26.07
C GLU A 271 -44.09 5.53 -25.60
N ARG A 272 -43.03 4.84 -26.05
CA ARG A 272 -42.78 3.46 -25.68
C ARG A 272 -41.30 3.29 -25.33
N ILE A 273 -41.05 2.68 -24.18
CA ILE A 273 -39.69 2.45 -23.73
C ILE A 273 -39.52 0.99 -23.32
N SER A 274 -38.33 0.43 -23.57
CA SER A 274 -38.07 -0.95 -23.18
C SER A 274 -36.95 -0.97 -22.15
N LEU A 275 -37.08 -1.89 -21.20
CA LEU A 275 -36.09 -2.05 -20.14
C LEU A 275 -35.82 -3.52 -20.00
N GLN A 276 -34.55 -3.87 -19.80
CA GLN A 276 -34.22 -5.27 -19.58
C GLN A 276 -33.70 -5.34 -18.13
N TRP A 277 -34.16 -6.35 -17.40
CA TRP A 277 -33.76 -6.57 -16.02
C TRP A 277 -33.02 -7.89 -15.96
N LEU A 278 -32.07 -8.00 -15.04
CA LEU A 278 -31.26 -9.20 -14.91
C LEU A 278 -31.21 -9.64 -13.46
N ARG A 279 -31.39 -10.94 -13.23
CA ARG A 279 -31.34 -11.47 -11.88
C ARG A 279 -29.90 -11.49 -11.40
N ARG A 280 -29.68 -11.49 -10.09
CA ARG A 280 -28.31 -11.53 -9.59
C ARG A 280 -27.61 -12.79 -10.11
N ILE A 281 -28.37 -13.87 -10.26
CA ILE A 281 -27.83 -15.10 -10.85
C ILE A 281 -28.11 -14.70 -12.29
N GLN A 282 -27.04 -14.31 -12.99
CA GLN A 282 -27.15 -13.75 -14.33
C GLN A 282 -27.45 -14.62 -15.54
N ASN A 283 -28.30 -15.63 -15.38
CA ASN A 283 -28.66 -16.46 -16.53
C ASN A 283 -30.14 -16.35 -16.86
N TYR A 284 -30.78 -15.30 -16.34
CA TYR A 284 -32.19 -15.08 -16.59
C TYR A 284 -32.46 -13.57 -16.65
N SER A 285 -32.88 -13.10 -17.81
N SER A 285 -32.87 -13.10 -17.81
CA SER A 285 -33.15 -11.68 -17.99
CA SER A 285 -33.16 -11.68 -18.00
C SER A 285 -34.56 -11.49 -18.55
C SER A 285 -34.56 -11.49 -18.55
N VAL A 286 -35.14 -10.33 -18.28
CA VAL A 286 -36.49 -10.02 -18.73
C VAL A 286 -36.62 -8.65 -19.36
N MET A 287 -37.24 -8.59 -20.53
CA MET A 287 -37.44 -7.31 -21.17
C MET A 287 -38.91 -6.90 -21.00
N ASP A 288 -39.10 -5.66 -20.58
CA ASP A 288 -40.43 -5.09 -20.43
C ASP A 288 -40.57 -4.00 -21.49
N ILE A 289 -41.74 -3.90 -22.10
CA ILE A 289 -42.01 -2.88 -23.10
C ILE A 289 -43.15 -2.04 -22.58
N CYS A 290 -42.87 -0.78 -22.27
CA CYS A 290 -43.85 0.10 -21.68
C CYS A 290 -44.33 1.26 -22.54
N ASP A 291 -45.66 1.46 -22.52
CA ASP A 291 -46.33 2.50 -23.30
C ASP A 291 -46.92 3.57 -22.39
N TYR A 292 -46.82 4.82 -22.82
CA TYR A 292 -47.34 5.93 -22.05
C TYR A 292 -48.88 6.01 -22.22
N ASP A 293 -49.59 6.12 -21.09
CA ASP A 293 -51.05 6.23 -21.09
C ASP A 293 -51.41 7.70 -20.87
N GLU A 294 -51.79 8.38 -21.93
CA GLU A 294 -52.12 9.80 -21.85
C GLU A 294 -53.29 10.07 -20.91
N SER A 295 -54.08 9.05 -20.63
CA SER A 295 -55.26 9.21 -19.77
C SER A 295 -54.85 9.34 -18.31
N SER A 296 -54.14 8.34 -17.81
CA SER A 296 -53.70 8.34 -16.42
C SER A 296 -52.33 8.98 -16.26
N GLY A 297 -51.64 9.24 -17.36
CA GLY A 297 -50.32 9.82 -17.29
C GLY A 297 -49.31 8.85 -16.69
N ARG A 298 -49.65 7.57 -16.74
CA ARG A 298 -48.79 6.51 -16.21
C ARG A 298 -48.17 5.71 -17.34
N TRP A 299 -47.18 4.88 -17.00
CA TRP A 299 -46.51 4.02 -17.97
C TRP A 299 -46.88 2.59 -17.64
N ASN A 300 -47.44 1.86 -18.61
CA ASN A 300 -47.86 0.48 -18.38
C ASN A 300 -47.09 -0.49 -19.24
N CYS A 301 -46.69 -1.61 -18.66
CA CYS A 301 -45.94 -2.61 -19.41
C CYS A 301 -46.75 -3.89 -19.42
N LEU A 302 -47.38 -4.16 -20.56
CA LEU A 302 -48.20 -5.36 -20.72
C LEU A 302 -47.40 -6.65 -20.62
N VAL A 303 -47.89 -7.59 -19.82
CA VAL A 303 -47.21 -8.86 -19.68
C VAL A 303 -47.10 -9.55 -21.05
N ALA A 304 -48.09 -9.37 -21.91
CA ALA A 304 -48.07 -9.99 -23.24
C ALA A 304 -46.86 -9.49 -24.06
N ARG A 305 -46.29 -8.38 -23.63
CA ARG A 305 -45.14 -7.81 -24.32
C ARG A 305 -43.83 -8.08 -23.58
N GLN A 306 -43.86 -9.04 -22.65
CA GLN A 306 -42.66 -9.39 -21.91
C GLN A 306 -41.85 -10.40 -22.71
N HIS A 307 -40.53 -10.28 -22.65
CA HIS A 307 -39.65 -11.19 -23.38
C HIS A 307 -38.54 -11.68 -22.46
N ILE A 308 -38.57 -12.98 -22.21
CA ILE A 308 -37.59 -13.62 -21.34
C ILE A 308 -36.41 -14.11 -22.16
N GLU A 309 -35.22 -13.94 -21.63
CA GLU A 309 -34.00 -14.40 -22.28
C GLU A 309 -33.18 -15.15 -21.23
N MET A 310 -32.94 -16.43 -21.46
CA MET A 310 -32.16 -17.20 -20.48
C MET A 310 -31.09 -18.06 -21.13
N SER A 311 -30.20 -18.60 -20.29
CA SER A 311 -29.13 -19.45 -20.78
C SER A 311 -29.06 -20.64 -19.86
N THR A 312 -28.82 -21.81 -20.43
CA THR A 312 -28.70 -23.03 -19.66
C THR A 312 -27.22 -23.42 -19.50
N THR A 313 -26.37 -22.89 -20.37
CA THR A 313 -24.93 -23.20 -20.35
C THR A 313 -24.03 -22.18 -19.63
N GLY A 314 -24.53 -20.96 -19.49
CA GLY A 314 -23.75 -19.93 -18.84
C GLY A 314 -24.61 -18.72 -18.49
N TRP A 315 -24.04 -17.53 -18.68
CA TRP A 315 -24.72 -16.27 -18.37
C TRP A 315 -25.44 -15.78 -19.62
N VAL A 316 -26.15 -14.64 -19.53
CA VAL A 316 -26.87 -14.08 -20.68
C VAL A 316 -26.06 -12.96 -21.38
N GLY A 317 -25.87 -13.08 -22.69
CA GLY A 317 -25.14 -12.05 -23.43
C GLY A 317 -23.62 -12.18 -23.32
N ARG A 318 -22.87 -11.39 -24.08
CA ARG A 318 -21.41 -11.46 -24.00
C ARG A 318 -20.94 -11.00 -22.62
N PHE A 319 -21.29 -9.76 -22.28
CA PHE A 319 -20.98 -9.21 -20.98
C PHE A 319 -22.32 -8.81 -20.31
N ARG A 320 -23.38 -8.78 -21.11
CA ARG A 320 -24.73 -8.45 -20.62
C ARG A 320 -25.73 -8.64 -21.75
N PRO A 321 -27.03 -8.69 -21.44
CA PRO A 321 -28.04 -8.86 -22.48
C PRO A 321 -27.89 -7.79 -23.56
N SER A 322 -27.96 -8.20 -24.83
CA SER A 322 -27.81 -7.27 -25.96
C SER A 322 -28.94 -6.22 -26.03
N GLU A 323 -28.68 -5.12 -26.71
CA GLU A 323 -29.69 -4.10 -26.83
C GLU A 323 -30.57 -4.34 -28.05
N PRO A 324 -31.86 -4.01 -27.93
CA PRO A 324 -32.82 -4.19 -29.02
C PRO A 324 -32.72 -3.03 -30.00
N HIS A 325 -33.05 -3.29 -31.25
CA HIS A 325 -33.04 -2.24 -32.26
C HIS A 325 -34.47 -2.22 -32.84
N PHE A 326 -35.25 -1.23 -32.40
CA PHE A 326 -36.63 -1.08 -32.84
C PHE A 326 -36.80 -0.47 -34.22
N THR A 327 -37.89 -0.88 -34.88
CA THR A 327 -38.27 -0.38 -36.20
C THR A 327 -38.86 1.03 -36.00
N LEU A 328 -39.10 1.76 -37.10
CA LEU A 328 -39.65 3.10 -36.99
C LEU A 328 -40.92 3.16 -36.14
N ASP A 329 -41.87 2.25 -36.38
CA ASP A 329 -43.12 2.24 -35.60
C ASP A 329 -43.00 1.62 -34.21
N GLY A 330 -41.86 1.01 -33.91
CA GLY A 330 -41.67 0.41 -32.61
C GLY A 330 -42.49 -0.84 -32.34
N ASN A 331 -43.08 -1.43 -33.39
CA ASN A 331 -43.89 -2.63 -33.21
C ASN A 331 -43.12 -3.94 -33.23
N SER A 332 -41.87 -3.88 -33.67
CA SER A 332 -41.01 -5.08 -33.71
C SER A 332 -39.56 -4.63 -33.52
N PHE A 333 -38.65 -5.58 -33.28
CA PHE A 333 -37.26 -5.22 -33.08
C PHE A 333 -36.31 -6.38 -33.34
N TYR A 334 -35.06 -6.02 -33.58
CA TYR A 334 -34.00 -6.96 -33.86
C TYR A 334 -33.06 -6.97 -32.70
N LYS A 335 -32.53 -8.14 -32.38
CA LYS A 335 -31.66 -8.27 -31.23
C LYS A 335 -30.77 -9.50 -31.42
N ILE A 336 -29.51 -9.39 -31.01
CA ILE A 336 -28.57 -10.48 -31.10
C ILE A 336 -28.73 -11.38 -29.89
N ILE A 337 -28.90 -12.68 -30.13
CA ILE A 337 -29.02 -13.65 -29.05
C ILE A 337 -28.43 -14.98 -29.52
N SER A 338 -27.98 -15.78 -28.57
N SER A 338 -27.97 -15.78 -28.56
CA SER A 338 -27.38 -17.07 -28.87
CA SER A 338 -27.37 -17.07 -28.87
C SER A 338 -28.46 -18.00 -29.40
C SER A 338 -28.45 -18.00 -29.39
N ASN A 339 -28.22 -18.59 -30.56
CA ASN A 339 -29.17 -19.52 -31.15
C ASN A 339 -29.00 -20.91 -30.54
N GLU A 340 -29.71 -21.90 -31.08
CA GLU A 340 -29.65 -23.27 -30.54
C GLU A 340 -28.29 -23.94 -30.69
N GLU A 341 -27.48 -23.41 -31.60
CA GLU A 341 -26.15 -23.93 -31.83
C GLU A 341 -25.16 -23.22 -30.89
N GLY A 342 -25.65 -22.19 -30.21
CA GLY A 342 -24.78 -21.44 -29.31
C GLY A 342 -24.03 -20.32 -30.02
N TYR A 343 -24.44 -19.97 -31.24
CA TYR A 343 -23.80 -18.89 -31.97
C TYR A 343 -24.71 -17.66 -31.94
N ARG A 344 -24.10 -16.50 -31.68
CA ARG A 344 -24.85 -15.27 -31.58
C ARG A 344 -25.27 -14.71 -32.93
N HIS A 345 -26.58 -14.65 -33.13
CA HIS A 345 -27.16 -14.18 -34.38
C HIS A 345 -28.31 -13.22 -34.16
N ILE A 346 -28.74 -12.58 -35.23
CA ILE A 346 -29.83 -11.61 -35.12
C ILE A 346 -31.20 -12.29 -35.16
N CYS A 347 -32.02 -12.03 -34.14
CA CYS A 347 -33.36 -12.58 -34.06
C CYS A 347 -34.32 -11.40 -34.23
N TYR A 348 -35.44 -11.65 -34.90
CA TYR A 348 -36.45 -10.65 -35.16
C TYR A 348 -37.65 -10.91 -34.25
N PHE A 349 -38.01 -9.94 -33.42
CA PHE A 349 -39.13 -10.06 -32.48
C PHE A 349 -40.32 -9.15 -32.82
N GLN A 350 -41.51 -9.62 -32.49
CA GLN A 350 -42.77 -8.90 -32.67
C GLN A 350 -43.00 -8.50 -31.20
N ILE A 351 -43.31 -7.24 -30.89
CA ILE A 351 -43.43 -6.92 -29.46
C ILE A 351 -44.36 -7.72 -28.59
N ASP A 352 -45.42 -8.26 -29.17
CA ASP A 352 -46.38 -9.04 -28.40
C ASP A 352 -46.43 -10.48 -28.94
N LYS A 353 -45.26 -11.02 -29.25
CA LYS A 353 -45.18 -12.38 -29.77
C LYS A 353 -44.03 -13.01 -29.04
N LYS A 354 -44.26 -14.18 -28.47
CA LYS A 354 -43.22 -14.86 -27.71
C LYS A 354 -42.05 -15.42 -28.54
N ASP A 355 -42.34 -15.92 -29.73
CA ASP A 355 -41.22 -16.46 -30.51
C ASP A 355 -40.62 -15.45 -31.47
N CYS A 356 -39.30 -15.47 -31.57
CA CYS A 356 -38.59 -14.58 -32.48
C CYS A 356 -38.04 -15.44 -33.60
N THR A 357 -37.71 -14.80 -34.71
CA THR A 357 -37.18 -15.51 -35.87
C THR A 357 -35.73 -15.10 -36.14
N PHE A 358 -34.83 -16.07 -36.23
CA PHE A 358 -33.43 -15.78 -36.52
C PHE A 358 -33.31 -15.40 -37.99
N ILE A 359 -32.64 -14.29 -38.27
CA ILE A 359 -32.49 -13.88 -39.65
C ILE A 359 -31.11 -14.15 -40.23
N THR A 360 -30.16 -14.52 -39.37
CA THR A 360 -28.80 -14.89 -39.82
C THR A 360 -28.53 -16.21 -39.09
N LYS A 361 -27.59 -16.99 -39.60
CA LYS A 361 -27.25 -18.26 -38.99
C LYS A 361 -25.90 -18.71 -39.54
N GLY A 362 -25.26 -19.64 -38.83
CA GLY A 362 -23.97 -20.13 -39.27
C GLY A 362 -22.98 -20.26 -38.13
N THR A 363 -21.85 -20.89 -38.40
CA THR A 363 -20.84 -21.07 -37.37
C THR A 363 -19.87 -19.90 -37.40
N TRP A 364 -20.41 -18.75 -36.99
CA TRP A 364 -19.71 -17.48 -36.89
C TRP A 364 -20.70 -16.64 -36.08
N GLU A 365 -20.34 -15.40 -35.75
CA GLU A 365 -21.23 -14.59 -34.96
C GLU A 365 -21.37 -13.14 -35.41
N VAL A 366 -22.54 -12.59 -35.15
CA VAL A 366 -22.81 -11.21 -35.43
C VAL A 366 -22.20 -10.46 -34.24
N ILE A 367 -21.39 -9.45 -34.51
CA ILE A 367 -20.75 -8.67 -33.44
C ILE A 367 -21.71 -7.59 -32.94
N GLY A 368 -22.35 -6.91 -33.88
CA GLY A 368 -23.28 -5.86 -33.50
C GLY A 368 -24.15 -5.42 -34.67
N ILE A 369 -25.31 -4.89 -34.33
CA ILE A 369 -26.25 -4.36 -35.30
C ILE A 369 -25.87 -2.89 -35.36
N GLU A 370 -25.61 -2.38 -36.56
CA GLU A 370 -25.15 -0.99 -36.73
C GLU A 370 -26.16 0.03 -37.24
N ALA A 371 -27.10 -0.41 -38.08
CA ALA A 371 -28.12 0.47 -38.62
C ALA A 371 -29.30 -0.35 -39.12
N LEU A 372 -30.45 0.29 -39.13
CA LEU A 372 -31.69 -0.34 -39.55
C LEU A 372 -32.53 0.65 -40.38
N THR A 373 -32.97 0.21 -41.56
CA THR A 373 -33.84 1.02 -42.42
C THR A 373 -35.04 0.09 -42.68
N SER A 374 -36.04 0.54 -43.42
CA SER A 374 -37.19 -0.33 -43.69
C SER A 374 -36.82 -1.45 -44.64
N ASP A 375 -35.73 -1.29 -45.39
CA ASP A 375 -35.32 -2.32 -46.33
C ASP A 375 -34.14 -3.19 -45.88
N TYR A 376 -33.20 -2.58 -45.16
CA TYR A 376 -32.01 -3.31 -44.74
C TYR A 376 -31.64 -3.13 -43.28
N LEU A 377 -30.92 -4.11 -42.76
CA LEU A 377 -30.39 -4.07 -41.42
C LEU A 377 -28.90 -4.27 -41.69
N TYR A 378 -28.08 -3.38 -41.15
CA TYR A 378 -26.64 -3.44 -41.34
C TYR A 378 -25.95 -3.95 -40.08
N TYR A 379 -25.01 -4.88 -40.25
CA TYR A 379 -24.31 -5.41 -39.10
C TYR A 379 -22.86 -5.80 -39.40
N ILE A 380 -22.10 -5.96 -38.33
CA ILE A 380 -20.69 -6.35 -38.37
C ILE A 380 -20.64 -7.83 -37.90
N SER A 381 -19.91 -8.68 -38.62
CA SER A 381 -19.78 -10.08 -38.21
C SER A 381 -18.40 -10.58 -38.59
N ASN A 382 -18.02 -11.73 -38.04
CA ASN A 382 -16.72 -12.31 -38.36
C ASN A 382 -16.90 -13.50 -39.30
N GLU A 383 -17.97 -13.47 -40.09
CA GLU A 383 -18.22 -14.56 -41.03
C GLU A 383 -17.17 -14.70 -42.16
N TYR A 384 -16.68 -13.60 -42.69
CA TYR A 384 -15.75 -13.67 -43.82
C TYR A 384 -14.57 -14.61 -43.62
N LYS A 385 -14.39 -15.52 -44.57
CA LYS A 385 -13.30 -16.49 -44.54
C LYS A 385 -13.20 -17.32 -43.26
N GLY A 386 -14.30 -17.43 -42.53
CA GLY A 386 -14.27 -18.20 -41.31
C GLY A 386 -13.26 -17.72 -40.28
N MET A 387 -12.85 -16.45 -40.36
CA MET A 387 -11.88 -15.91 -39.40
C MET A 387 -12.59 -15.17 -38.25
N PRO A 388 -12.59 -15.76 -37.04
CA PRO A 388 -13.26 -15.12 -35.89
C PRO A 388 -12.64 -13.79 -35.46
N GLY A 389 -11.37 -13.59 -35.84
CA GLY A 389 -10.68 -12.36 -35.50
C GLY A 389 -10.73 -11.29 -36.57
N GLY A 390 -11.62 -11.45 -37.55
CA GLY A 390 -11.80 -10.46 -38.61
C GLY A 390 -13.20 -9.89 -38.46
N ARG A 391 -13.42 -8.67 -38.95
CA ARG A 391 -14.73 -7.99 -38.81
C ARG A 391 -15.08 -7.31 -40.13
N ASN A 392 -16.29 -7.55 -40.64
CA ASN A 392 -16.74 -6.92 -41.86
C ASN A 392 -18.16 -6.43 -41.74
N LEU A 393 -18.50 -5.45 -42.57
CA LEU A 393 -19.85 -4.87 -42.58
C LEU A 393 -20.71 -5.58 -43.63
N TYR A 394 -21.92 -5.99 -43.22
CA TYR A 394 -22.90 -6.65 -44.08
C TYR A 394 -24.27 -5.99 -43.98
N LYS A 395 -25.10 -6.20 -45.00
CA LYS A 395 -26.45 -5.69 -44.94
C LYS A 395 -27.32 -6.87 -45.34
N ILE A 396 -28.47 -7.01 -44.70
CA ILE A 396 -29.34 -8.10 -45.02
C ILE A 396 -30.70 -7.52 -45.42
N GLN A 397 -31.21 -8.00 -46.55
CA GLN A 397 -32.49 -7.56 -47.10
C GLN A 397 -33.59 -8.08 -46.19
N LEU A 398 -34.33 -7.18 -45.58
CA LEU A 398 -35.38 -7.60 -44.66
C LEU A 398 -36.52 -8.41 -45.28
N SER A 399 -36.73 -8.29 -46.59
CA SER A 399 -37.79 -9.06 -47.27
C SER A 399 -37.34 -10.47 -47.72
N ASP A 400 -36.04 -10.71 -47.74
CA ASP A 400 -35.51 -12.00 -48.18
C ASP A 400 -34.17 -12.18 -47.49
N TYR A 401 -34.20 -12.85 -46.34
CA TYR A 401 -33.01 -13.06 -45.55
C TYR A 401 -31.93 -13.85 -46.29
N THR A 402 -32.25 -14.42 -47.46
CA THR A 402 -31.23 -15.17 -48.18
C THR A 402 -30.35 -14.18 -48.94
N LYS A 403 -30.75 -12.91 -48.96
CA LYS A 403 -29.97 -11.89 -49.64
C LYS A 403 -29.10 -11.07 -48.68
N VAL A 404 -27.91 -11.59 -48.41
CA VAL A 404 -26.92 -10.95 -47.54
C VAL A 404 -25.75 -10.47 -48.40
N THR A 405 -25.39 -9.21 -48.25
CA THR A 405 -24.32 -8.62 -49.05
C THR A 405 -23.19 -8.06 -48.17
N CYS A 406 -21.97 -8.53 -48.38
CA CYS A 406 -20.85 -8.00 -47.61
C CYS A 406 -20.44 -6.71 -48.27
N LEU A 407 -20.32 -5.65 -47.47
CA LEU A 407 -19.98 -4.34 -47.99
C LEU A 407 -18.52 -3.92 -47.81
N SER A 408 -17.74 -4.69 -47.04
CA SER A 408 -16.35 -4.32 -46.80
C SER A 408 -15.33 -5.41 -47.14
N CYS A 409 -15.80 -6.66 -47.22
CA CYS A 409 -14.95 -7.81 -47.49
C CYS A 409 -13.96 -7.62 -48.62
N GLU A 410 -14.46 -7.16 -49.76
CA GLU A 410 -13.63 -7.02 -50.94
C GLU A 410 -13.06 -5.65 -51.28
N LEU A 411 -13.21 -4.66 -50.41
CA LEU A 411 -12.67 -3.32 -50.69
C LEU A 411 -11.14 -3.35 -50.82
N ASN A 412 -10.48 -4.07 -49.93
CA ASN A 412 -9.03 -4.21 -49.95
C ASN A 412 -8.70 -5.33 -49.01
N PRO A 413 -8.91 -6.57 -49.47
CA PRO A 413 -8.67 -7.79 -48.70
C PRO A 413 -7.28 -7.97 -48.08
N GLU A 414 -6.24 -7.44 -48.71
CA GLU A 414 -4.89 -7.57 -48.16
C GLU A 414 -4.66 -6.63 -47.00
N ARG A 415 -5.08 -5.38 -47.15
CA ARG A 415 -4.88 -4.40 -46.11
C ARG A 415 -5.99 -4.38 -45.06
N CYS A 416 -7.19 -4.70 -45.49
CA CYS A 416 -8.34 -4.59 -44.61
C CYS A 416 -9.20 -5.81 -44.32
N GLN A 417 -9.13 -6.27 -43.07
CA GLN A 417 -9.90 -7.43 -42.63
C GLN A 417 -10.59 -7.19 -41.29
N TYR A 418 -10.48 -5.96 -40.77
CA TYR A 418 -11.10 -5.61 -39.49
C TYR A 418 -11.74 -4.23 -39.57
N TYR A 419 -13.06 -4.21 -39.75
CA TYR A 419 -13.79 -2.96 -39.89
C TYR A 419 -14.72 -2.62 -38.73
N SER A 420 -15.00 -1.33 -38.63
N SER A 420 -14.99 -1.33 -38.58
CA SER A 420 -15.90 -0.76 -37.66
CA SER A 420 -15.94 -0.79 -37.61
C SER A 420 -16.62 0.23 -38.58
C SER A 420 -16.62 0.23 -38.54
N VAL A 421 -17.85 0.64 -38.23
CA VAL A 421 -18.56 1.56 -39.10
C VAL A 421 -19.31 2.67 -38.37
N SER A 422 -19.59 3.78 -39.06
CA SER A 422 -20.36 4.89 -38.48
C SER A 422 -21.36 5.41 -39.52
N PHE A 423 -22.65 5.19 -39.27
CA PHE A 423 -23.70 5.64 -40.21
C PHE A 423 -24.23 7.04 -39.90
N SER A 424 -24.64 7.77 -40.93
CA SER A 424 -25.23 9.10 -40.75
C SER A 424 -26.64 8.94 -40.12
N LYS A 425 -27.30 10.03 -39.78
CA LYS A 425 -28.62 9.94 -39.13
C LYS A 425 -29.65 8.95 -39.65
N GLU A 426 -29.85 8.87 -40.96
CA GLU A 426 -30.85 7.94 -41.53
C GLU A 426 -30.19 6.84 -42.38
N ALA A 427 -28.93 6.53 -42.07
CA ALA A 427 -28.20 5.51 -42.78
C ALA A 427 -28.01 5.83 -44.24
N LYS A 428 -28.07 7.11 -44.60
CA LYS A 428 -27.89 7.51 -46.00
C LYS A 428 -26.40 7.37 -46.38
N TYR A 429 -25.52 7.58 -45.42
CA TYR A 429 -24.08 7.47 -45.63
C TYR A 429 -23.42 6.69 -44.48
N TYR A 430 -22.24 6.14 -44.75
CA TYR A 430 -21.50 5.47 -43.68
C TYR A 430 -20.00 5.60 -43.85
N GLN A 431 -19.32 5.73 -42.71
CA GLN A 431 -17.87 5.82 -42.70
C GLN A 431 -17.36 4.45 -42.31
N LEU A 432 -16.42 3.91 -43.09
CA LEU A 432 -15.80 2.64 -42.75
C LEU A 432 -14.43 2.94 -42.14
N ARG A 433 -14.13 2.24 -41.05
N ARG A 433 -14.12 2.25 -41.05
CA ARG A 433 -12.86 2.38 -40.34
CA ARG A 433 -12.84 2.39 -40.37
C ARG A 433 -12.20 1.01 -40.34
C ARG A 433 -12.19 1.02 -40.35
N CYS A 434 -11.17 0.86 -41.17
CA CYS A 434 -10.41 -0.38 -41.27
C CYS A 434 -9.25 -0.20 -40.28
N SER A 435 -9.02 -1.18 -39.41
CA SER A 435 -7.89 -1.06 -38.49
C SER A 435 -6.84 -2.17 -38.61
N GLY A 436 -6.86 -2.91 -39.72
CA GLY A 436 -5.87 -3.95 -39.91
C GLY A 436 -6.24 -4.99 -40.95
N PRO A 437 -5.29 -5.87 -41.32
CA PRO A 437 -3.90 -5.97 -40.84
C PRO A 437 -2.94 -4.86 -41.29
N GLY A 438 -3.29 -4.13 -42.34
CA GLY A 438 -2.44 -3.05 -42.80
C GLY A 438 -2.72 -1.78 -42.02
N LEU A 439 -2.17 -0.64 -42.44
CA LEU A 439 -2.42 0.62 -41.71
C LEU A 439 -3.88 1.05 -41.83
N PRO A 440 -4.43 1.64 -40.75
CA PRO A 440 -5.82 2.09 -40.71
C PRO A 440 -6.21 2.91 -41.95
N LEU A 441 -7.39 2.61 -42.46
CA LEU A 441 -7.92 3.27 -43.64
C LEU A 441 -9.34 3.71 -43.36
N TYR A 442 -9.61 5.00 -43.52
CA TYR A 442 -10.95 5.56 -43.30
C TYR A 442 -11.56 5.98 -44.63
N THR A 443 -12.77 5.50 -44.91
CA THR A 443 -13.46 5.82 -46.16
C THR A 443 -14.93 6.21 -45.95
N LEU A 444 -15.49 6.98 -46.88
CA LEU A 444 -16.88 7.40 -46.83
C LEU A 444 -17.67 6.72 -47.96
N HIS A 445 -18.87 6.26 -47.65
CA HIS A 445 -19.70 5.55 -48.61
C HIS A 445 -21.15 6.04 -48.57
N SER A 446 -21.89 5.81 -49.65
CA SER A 446 -23.30 6.20 -49.72
C SER A 446 -24.06 4.89 -49.79
N SER A 447 -25.11 4.79 -48.98
CA SER A 447 -25.89 3.57 -48.92
C SER A 447 -26.73 3.17 -50.12
N VAL A 448 -27.32 4.14 -50.80
CA VAL A 448 -28.21 3.78 -51.92
C VAL A 448 -27.66 2.74 -52.89
N ASN A 449 -26.40 2.89 -53.30
CA ASN A 449 -25.77 1.90 -54.19
C ASN A 449 -24.43 1.44 -53.64
N ASP A 450 -24.19 1.71 -52.36
CA ASP A 450 -22.93 1.34 -51.73
C ASP A 450 -21.70 1.82 -52.52
N LYS A 451 -21.72 3.08 -52.89
CA LYS A 451 -20.61 3.67 -53.61
C LYS A 451 -19.52 4.10 -52.64
N GLY A 452 -18.27 3.96 -53.09
CA GLY A 452 -17.13 4.38 -52.30
C GLY A 452 -16.86 5.80 -52.75
N LEU A 453 -17.37 6.77 -52.01
CA LEU A 453 -17.20 8.17 -52.40
C LEU A 453 -15.76 8.65 -52.35
N ARG A 454 -15.12 8.58 -51.19
CA ARG A 454 -13.74 9.05 -51.07
C ARG A 454 -12.95 8.51 -49.90
N VAL A 455 -11.63 8.67 -50.00
CA VAL A 455 -10.75 8.26 -48.94
C VAL A 455 -10.55 9.46 -48.03
N LEU A 456 -10.90 9.30 -46.75
CA LEU A 456 -10.78 10.39 -45.77
C LEU A 456 -9.40 10.47 -45.12
N GLU A 457 -8.80 9.32 -44.90
CA GLU A 457 -7.48 9.26 -44.28
C GLU A 457 -6.90 7.87 -44.55
N ASP A 458 -5.75 7.82 -45.20
CA ASP A 458 -5.14 6.52 -45.53
C ASP A 458 -3.81 6.26 -44.85
N ASN A 459 -3.41 7.16 -43.97
CA ASN A 459 -2.16 7.03 -43.25
C ASN A 459 -0.94 6.87 -44.15
N SER A 460 -0.94 7.53 -45.29
CA SER A 460 0.20 7.43 -46.20
C SER A 460 1.46 8.06 -45.58
N ALA A 461 1.29 9.04 -44.70
CA ALA A 461 2.45 9.66 -44.07
C ALA A 461 3.17 8.64 -43.18
N LEU A 462 2.41 7.92 -42.36
CA LEU A 462 2.98 6.91 -41.48
C LEU A 462 3.65 5.81 -42.30
N ASP A 463 2.99 5.36 -43.36
CA ASP A 463 3.52 4.32 -44.25
C ASP A 463 4.92 4.72 -44.75
N LYS A 464 5.06 5.98 -45.17
CA LYS A 464 6.34 6.47 -45.64
C LYS A 464 7.39 6.39 -44.53
N MET A 465 7.03 6.79 -43.32
CA MET A 465 8.00 6.73 -42.21
C MET A 465 8.40 5.30 -41.88
N LEU A 466 7.43 4.40 -41.84
CA LEU A 466 7.71 3.01 -41.49
C LEU A 466 8.53 2.26 -42.53
N GLN A 467 8.75 2.89 -43.68
CA GLN A 467 9.55 2.28 -44.74
C GLN A 467 11.01 2.18 -44.30
N ASN A 468 11.44 3.14 -43.49
CA ASN A 468 12.81 3.19 -43.00
C ASN A 468 12.96 2.48 -41.65
N VAL A 469 12.01 1.62 -41.30
CA VAL A 469 12.08 0.90 -40.02
C VAL A 469 11.95 -0.60 -40.25
N GLN A 470 12.70 -1.39 -39.49
CA GLN A 470 12.62 -2.84 -39.63
C GLN A 470 11.44 -3.30 -38.78
N MET A 471 10.26 -3.26 -39.37
CA MET A 471 9.03 -3.65 -38.68
C MET A 471 8.79 -5.14 -38.62
N PRO A 472 8.21 -5.62 -37.50
CA PRO A 472 7.91 -7.05 -37.34
C PRO A 472 6.68 -7.37 -38.16
N SER A 473 6.45 -8.66 -38.37
CA SER A 473 5.28 -9.11 -39.11
C SER A 473 4.38 -9.80 -38.10
N LYS A 474 3.16 -10.12 -38.54
CA LYS A 474 2.20 -10.79 -37.68
C LYS A 474 1.62 -12.00 -38.37
N LYS A 475 1.68 -13.14 -37.68
CA LYS A 475 1.14 -14.36 -38.21
C LYS A 475 -0.11 -14.69 -37.41
N LEU A 476 -1.23 -14.88 -38.11
CA LEU A 476 -2.48 -15.26 -37.48
C LEU A 476 -2.82 -16.64 -38.01
N ASP A 477 -2.90 -17.63 -37.13
CA ASP A 477 -3.19 -19.00 -37.53
C ASP A 477 -3.94 -19.69 -36.38
N PHE A 478 -4.07 -21.01 -36.47
CA PHE A 478 -4.76 -21.77 -35.43
C PHE A 478 -4.14 -23.16 -35.22
N ILE A 479 -4.40 -23.74 -34.05
CA ILE A 479 -3.94 -25.07 -33.72
C ILE A 479 -5.21 -25.82 -33.35
N ILE A 480 -5.16 -27.15 -33.38
CA ILE A 480 -6.34 -27.92 -33.05
C ILE A 480 -6.19 -28.64 -31.72
N LEU A 481 -7.25 -28.59 -30.93
CA LEU A 481 -7.29 -29.24 -29.64
C LEU A 481 -8.63 -29.94 -29.56
N ASN A 482 -8.61 -31.27 -29.52
CA ASN A 482 -9.83 -32.06 -29.47
C ASN A 482 -10.80 -31.71 -30.55
N GLU A 483 -10.35 -31.83 -31.80
CA GLU A 483 -11.20 -31.53 -32.95
C GLU A 483 -11.69 -30.09 -32.99
N THR A 484 -11.19 -29.24 -32.09
CA THR A 484 -11.61 -27.85 -32.12
C THR A 484 -10.43 -26.94 -32.44
N LYS A 485 -10.65 -25.97 -33.33
CA LYS A 485 -9.55 -25.07 -33.63
C LYS A 485 -9.59 -23.83 -32.73
N PHE A 486 -8.41 -23.43 -32.29
CA PHE A 486 -8.23 -22.27 -31.44
C PHE A 486 -7.17 -21.42 -32.14
N TRP A 487 -7.46 -20.14 -32.27
CA TRP A 487 -6.57 -19.22 -32.95
C TRP A 487 -5.51 -18.58 -32.06
N TYR A 488 -4.40 -18.24 -32.69
CA TYR A 488 -3.30 -17.56 -32.03
C TYR A 488 -2.65 -16.62 -33.03
N GLN A 489 -1.84 -15.70 -32.52
CA GLN A 489 -1.13 -14.80 -33.38
C GLN A 489 0.25 -14.71 -32.82
N MET A 490 1.19 -14.35 -33.68
CA MET A 490 2.58 -14.21 -33.27
C MET A 490 3.13 -12.96 -33.93
N ILE A 491 3.74 -12.09 -33.11
CA ILE A 491 4.38 -10.91 -33.64
C ILE A 491 5.80 -11.45 -33.89
N LEU A 492 6.17 -11.57 -35.15
CA LEU A 492 7.47 -12.12 -35.53
C LEU A 492 8.49 -11.05 -35.81
N PRO A 493 9.73 -11.24 -35.35
CA PRO A 493 10.81 -10.27 -35.59
C PRO A 493 11.10 -10.03 -37.08
N PRO A 494 11.72 -8.89 -37.42
CA PRO A 494 12.06 -8.60 -38.82
C PRO A 494 12.96 -9.72 -39.36
N HIS A 495 12.87 -10.03 -40.64
CA HIS A 495 13.69 -11.07 -41.26
C HIS A 495 13.59 -12.39 -40.50
N PHE A 496 12.40 -12.71 -40.01
CA PHE A 496 12.20 -13.96 -39.28
C PHE A 496 12.88 -15.12 -40.02
N ASP A 497 13.62 -15.95 -39.29
CA ASP A 497 14.30 -17.10 -39.89
C ASP A 497 13.89 -18.38 -39.15
N LYS A 498 13.02 -19.17 -39.79
CA LYS A 498 12.52 -20.41 -39.22
C LYS A 498 13.60 -21.41 -38.82
N SER A 499 14.83 -21.18 -39.29
CA SER A 499 15.93 -22.07 -38.97
C SER A 499 16.62 -21.67 -37.66
N LYS A 500 16.23 -20.54 -37.09
CA LYS A 500 16.81 -20.07 -35.83
C LYS A 500 15.84 -20.24 -34.67
N LYS A 501 16.35 -20.21 -33.44
CA LYS A 501 15.52 -20.37 -32.25
C LYS A 501 15.32 -19.00 -31.58
N TYR A 502 14.07 -18.56 -31.52
CA TYR A 502 13.78 -17.27 -30.89
C TYR A 502 13.14 -17.45 -29.52
N PRO A 503 13.46 -16.55 -28.57
CA PRO A 503 12.83 -16.69 -27.26
C PRO A 503 11.37 -16.29 -27.52
N LEU A 504 10.43 -16.72 -26.69
CA LEU A 504 9.04 -16.36 -26.92
C LEU A 504 8.33 -15.82 -25.67
N LEU A 505 7.57 -14.75 -25.85
CA LEU A 505 6.79 -14.14 -24.78
C LEU A 505 5.30 -14.30 -25.09
N LEU A 506 4.59 -14.99 -24.21
CA LEU A 506 3.15 -15.19 -24.38
C LEU A 506 2.42 -14.01 -23.72
N ASP A 507 1.76 -13.19 -24.54
CA ASP A 507 1.01 -12.02 -24.10
C ASP A 507 -0.39 -12.56 -23.84
N VAL A 508 -0.81 -12.59 -22.58
CA VAL A 508 -2.12 -13.15 -22.25
C VAL A 508 -3.15 -12.23 -21.59
N TYR A 509 -4.41 -12.44 -21.93
CA TYR A 509 -5.52 -11.75 -21.26
C TYR A 509 -6.38 -12.93 -20.83
N ALA A 510 -7.04 -13.54 -21.81
CA ALA A 510 -7.85 -14.74 -21.62
C ALA A 510 -9.10 -14.68 -20.76
N GLY A 511 -9.65 -13.50 -20.52
CA GLY A 511 -10.86 -13.44 -19.72
C GLY A 511 -12.04 -13.95 -20.53
N PRO A 512 -13.21 -14.15 -19.90
CA PRO A 512 -14.37 -14.64 -20.66
C PRO A 512 -14.75 -13.68 -21.77
N CYS A 513 -14.92 -14.21 -22.97
CA CYS A 513 -15.28 -13.47 -24.16
C CYS A 513 -14.14 -12.58 -24.69
N SER A 514 -12.91 -12.86 -24.28
CA SER A 514 -11.80 -12.04 -24.77
C SER A 514 -11.34 -12.52 -26.14
N GLN A 515 -10.57 -11.69 -26.83
CA GLN A 515 -10.03 -12.07 -28.12
C GLN A 515 -8.70 -11.38 -28.24
N LYS A 516 -7.63 -12.17 -28.26
CA LYS A 516 -6.28 -11.64 -28.35
C LYS A 516 -5.61 -12.02 -29.66
N ALA A 517 -6.30 -12.80 -30.48
CA ALA A 517 -5.77 -13.21 -31.79
C ALA A 517 -6.71 -12.56 -32.78
N ASP A 518 -6.24 -11.52 -33.46
CA ASP A 518 -7.08 -10.84 -34.44
C ASP A 518 -6.27 -10.20 -35.56
N THR A 519 -6.95 -9.54 -36.49
CA THR A 519 -6.26 -8.93 -37.62
C THR A 519 -5.96 -7.43 -37.43
N VAL A 520 -5.96 -6.96 -36.20
CA VAL A 520 -5.73 -5.55 -35.95
C VAL A 520 -4.27 -5.10 -35.97
N PHE A 521 -4.00 -3.97 -36.61
CA PHE A 521 -2.64 -3.43 -36.66
C PHE A 521 -2.36 -2.65 -35.36
N ARG A 522 -1.26 -2.96 -34.68
CA ARG A 522 -0.95 -2.27 -33.44
C ARG A 522 0.54 -1.94 -33.30
N LEU A 523 0.82 -0.78 -32.71
CA LEU A 523 2.18 -0.34 -32.41
C LEU A 523 2.21 -0.29 -30.89
N ASN A 524 2.80 -1.31 -30.27
CA ASN A 524 2.85 -1.36 -28.81
C ASN A 524 4.15 -1.96 -28.30
N TRP A 525 4.17 -2.32 -27.03
CA TRP A 525 5.36 -2.89 -26.41
C TRP A 525 5.84 -4.11 -27.21
N ALA A 526 4.90 -4.97 -27.59
CA ALA A 526 5.23 -6.16 -28.37
C ALA A 526 5.95 -5.77 -29.66
N THR A 527 5.58 -4.64 -30.28
CA THR A 527 6.24 -4.23 -31.53
C THR A 527 7.72 -4.02 -31.30
N TYR A 528 8.04 -3.38 -30.18
CA TYR A 528 9.41 -3.12 -29.81
C TYR A 528 10.13 -4.43 -29.48
N LEU A 529 9.48 -5.29 -28.70
CA LEU A 529 10.10 -6.54 -28.31
C LEU A 529 10.52 -7.38 -29.52
N ALA A 530 9.66 -7.44 -30.53
CA ALA A 530 9.98 -8.23 -31.72
C ALA A 530 10.97 -7.51 -32.64
N SER A 531 10.74 -6.22 -32.87
CA SER A 531 11.57 -5.44 -33.76
C SER A 531 13.00 -5.20 -33.27
N THR A 532 13.14 -4.79 -32.00
CA THR A 532 14.44 -4.51 -31.44
C THR A 532 15.08 -5.67 -30.65
N GLU A 533 14.29 -6.38 -29.87
CA GLU A 533 14.85 -7.47 -29.08
C GLU A 533 14.78 -8.84 -29.71
N ASN A 534 14.18 -8.94 -30.89
CA ASN A 534 14.05 -10.23 -31.57
C ASN A 534 13.32 -11.31 -30.78
N ILE A 535 12.29 -10.89 -30.08
CA ILE A 535 11.46 -11.78 -29.30
C ILE A 535 10.14 -12.04 -30.01
N ILE A 536 9.70 -13.30 -30.05
CA ILE A 536 8.41 -13.57 -30.63
C ILE A 536 7.37 -13.34 -29.54
N VAL A 537 6.37 -12.52 -29.84
CA VAL A 537 5.32 -12.27 -28.88
C VAL A 537 4.04 -12.92 -29.40
N ALA A 538 3.60 -13.96 -28.71
CA ALA A 538 2.41 -14.69 -29.13
C ALA A 538 1.23 -14.50 -28.18
N SER A 539 0.03 -14.68 -28.71
CA SER A 539 -1.18 -14.60 -27.90
C SER A 539 -2.03 -15.76 -28.41
N PHE A 540 -2.84 -16.32 -27.52
CA PHE A 540 -3.69 -17.47 -27.86
C PHE A 540 -5.10 -17.33 -27.31
N ASP A 541 -6.10 -17.68 -28.10
CA ASP A 541 -7.50 -17.64 -27.66
C ASP A 541 -8.04 -19.04 -27.42
N GLY A 542 -8.03 -19.46 -26.15
CA GLY A 542 -8.50 -20.78 -25.80
C GLY A 542 -9.91 -20.81 -25.24
N ARG A 543 -10.22 -21.84 -24.47
CA ARG A 543 -11.57 -21.94 -23.92
C ARG A 543 -11.92 -20.71 -23.10
N GLY A 544 -13.16 -20.26 -23.26
CA GLY A 544 -13.60 -19.06 -22.59
C GLY A 544 -13.49 -17.83 -23.49
N SER A 545 -12.73 -17.89 -24.59
CA SER A 545 -12.60 -16.72 -25.46
C SER A 545 -13.90 -16.48 -26.25
N GLY A 546 -14.09 -15.29 -26.80
CA GLY A 546 -15.35 -15.04 -27.47
C GLY A 546 -15.44 -15.06 -28.98
N TYR A 547 -16.63 -14.74 -29.48
CA TYR A 547 -16.94 -14.66 -30.92
C TYR A 547 -16.83 -15.98 -31.70
N GLN A 548 -16.85 -17.09 -30.97
CA GLN A 548 -16.75 -18.41 -31.57
C GLN A 548 -17.85 -19.35 -31.10
N GLY A 549 -18.89 -18.81 -30.48
CA GLY A 549 -19.98 -19.64 -30.00
C GLY A 549 -19.85 -19.94 -28.52
N ASP A 550 -20.95 -20.30 -27.88
CA ASP A 550 -20.99 -20.62 -26.44
C ASP A 550 -20.27 -21.89 -26.00
N LYS A 551 -20.12 -22.83 -26.92
CA LYS A 551 -19.44 -24.06 -26.61
C LYS A 551 -18.05 -23.68 -26.11
N ILE A 552 -17.40 -22.75 -26.80
CA ILE A 552 -16.08 -22.27 -26.41
C ILE A 552 -16.20 -21.24 -25.29
N MET A 553 -17.05 -20.23 -25.47
CA MET A 553 -17.13 -19.19 -24.45
C MET A 553 -17.62 -19.63 -23.06
N HIS A 554 -18.60 -20.51 -23.01
CA HIS A 554 -19.16 -20.97 -21.73
C HIS A 554 -18.42 -22.15 -21.09
N ALA A 555 -17.34 -22.60 -21.72
CA ALA A 555 -16.58 -23.74 -21.20
C ALA A 555 -16.01 -23.44 -19.83
N ILE A 556 -15.89 -22.16 -19.48
CA ILE A 556 -15.37 -21.81 -18.15
C ILE A 556 -16.44 -21.34 -17.19
N ASN A 557 -17.70 -21.58 -17.53
CA ASN A 557 -18.77 -21.16 -16.64
C ASN A 557 -18.60 -21.78 -15.25
N ARG A 558 -18.68 -20.93 -14.22
CA ARG A 558 -18.54 -21.37 -12.83
C ARG A 558 -17.18 -21.99 -12.58
N ARG A 559 -16.27 -21.84 -13.54
CA ARG A 559 -14.95 -22.46 -13.41
C ARG A 559 -13.79 -21.58 -13.86
N LEU A 560 -13.75 -20.33 -13.43
CA LEU A 560 -12.64 -19.47 -13.85
C LEU A 560 -11.37 -20.02 -13.23
N GLY A 561 -10.24 -19.72 -13.84
CA GLY A 561 -8.98 -20.20 -13.32
C GLY A 561 -8.74 -21.66 -13.65
N THR A 562 -9.46 -22.21 -14.63
CA THR A 562 -9.21 -23.61 -14.98
C THR A 562 -8.82 -23.79 -16.44
N PHE A 563 -9.80 -23.97 -17.33
CA PHE A 563 -9.49 -24.24 -18.72
C PHE A 563 -8.78 -23.13 -19.46
N GLU A 564 -9.08 -21.88 -19.14
CA GLU A 564 -8.41 -20.79 -19.86
C GLU A 564 -6.93 -20.76 -19.43
N VAL A 565 -6.63 -21.21 -18.22
CA VAL A 565 -5.24 -21.27 -17.76
C VAL A 565 -4.53 -22.49 -18.40
N GLU A 566 -5.20 -23.65 -18.36
CA GLU A 566 -4.66 -24.88 -18.95
C GLU A 566 -4.38 -24.68 -20.43
N ASP A 567 -5.30 -24.02 -21.13
CA ASP A 567 -5.12 -23.79 -22.56
C ASP A 567 -3.92 -22.92 -22.92
N GLN A 568 -3.61 -21.93 -22.09
CA GLN A 568 -2.44 -21.10 -22.34
C GLN A 568 -1.17 -21.98 -22.19
N ILE A 569 -1.16 -22.87 -21.20
CA ILE A 569 -0.01 -23.73 -21.01
C ILE A 569 0.08 -24.67 -22.21
N GLU A 570 -1.06 -25.21 -22.66
CA GLU A 570 -1.07 -26.09 -23.83
C GLU A 570 -0.55 -25.40 -25.09
N ALA A 571 -0.96 -24.15 -25.31
CA ALA A 571 -0.52 -23.41 -26.48
C ALA A 571 0.99 -23.20 -26.44
N ALA A 572 1.50 -22.76 -25.30
CA ALA A 572 2.93 -22.53 -25.15
C ALA A 572 3.70 -23.82 -25.33
N ARG A 573 3.14 -24.91 -24.81
CA ARG A 573 3.75 -26.23 -24.95
C ARG A 573 3.88 -26.50 -26.45
N GLN A 574 2.82 -26.25 -27.20
CA GLN A 574 2.89 -26.49 -28.64
C GLN A 574 3.87 -25.56 -29.33
N PHE A 575 3.89 -24.28 -28.96
CA PHE A 575 4.81 -23.34 -29.58
C PHE A 575 6.24 -23.76 -29.27
N SER A 576 6.45 -24.31 -28.08
CA SER A 576 7.80 -24.73 -27.69
C SER A 576 8.27 -25.92 -28.50
N LYS A 577 7.36 -26.58 -29.20
CA LYS A 577 7.72 -27.73 -30.01
C LYS A 577 8.07 -27.29 -31.42
N MET A 578 7.70 -26.07 -31.78
CA MET A 578 8.01 -25.58 -33.11
C MET A 578 9.52 -25.33 -33.24
N GLY A 579 10.02 -25.52 -34.45
CA GLY A 579 11.43 -25.37 -34.70
C GLY A 579 12.05 -24.01 -34.44
N PHE A 580 11.26 -22.95 -34.51
CA PHE A 580 11.83 -21.62 -34.30
C PHE A 580 11.75 -21.04 -32.90
N VAL A 581 11.34 -21.85 -31.93
CA VAL A 581 11.19 -21.41 -30.55
C VAL A 581 12.23 -22.01 -29.62
N ASP A 582 12.87 -21.18 -28.81
CA ASP A 582 13.86 -21.66 -27.84
C ASP A 582 13.07 -22.09 -26.59
N ASN A 583 12.86 -23.40 -26.41
CA ASN A 583 12.09 -23.89 -25.26
C ASN A 583 12.72 -23.58 -23.90
N LYS A 584 13.94 -23.05 -23.91
CA LYS A 584 14.60 -22.67 -22.66
C LYS A 584 14.25 -21.21 -22.34
N ARG A 585 13.71 -20.49 -23.32
CA ARG A 585 13.37 -19.09 -23.10
C ARG A 585 11.93 -18.75 -23.48
N ILE A 586 10.99 -19.17 -22.64
CA ILE A 586 9.59 -18.88 -22.85
C ILE A 586 9.07 -18.16 -21.60
N ALA A 587 8.47 -17.01 -21.80
CA ALA A 587 7.94 -16.22 -20.72
C ALA A 587 6.46 -15.94 -20.95
N ILE A 588 5.82 -15.36 -19.95
CA ILE A 588 4.41 -15.05 -20.04
C ILE A 588 4.14 -13.77 -19.28
N TRP A 589 3.22 -12.95 -19.78
CA TRP A 589 2.82 -11.73 -19.08
C TRP A 589 1.39 -11.33 -19.39
N GLY A 590 0.78 -10.64 -18.44
CA GLY A 590 -0.58 -10.21 -18.62
C GLY A 590 -0.88 -9.11 -17.63
N TRP A 591 -1.97 -8.41 -17.92
CA TRP A 591 -2.40 -7.31 -17.10
C TRP A 591 -3.85 -7.54 -16.73
N SER A 592 -4.22 -7.23 -15.48
CA SER A 592 -5.62 -7.37 -15.08
C SER A 592 -6.05 -8.85 -15.11
N TYR A 593 -7.08 -9.22 -15.86
CA TYR A 593 -7.46 -10.63 -15.90
C TYR A 593 -6.21 -11.39 -16.39
N GLY A 594 -5.49 -10.79 -17.33
CA GLY A 594 -4.27 -11.42 -17.84
C GLY A 594 -3.20 -11.62 -16.76
N GLY A 595 -3.20 -10.77 -15.73
CA GLY A 595 -2.24 -10.90 -14.65
C GLY A 595 -2.60 -12.11 -13.80
N TYR A 596 -3.90 -12.33 -13.61
CA TYR A 596 -4.40 -13.49 -12.87
C TYR A 596 -3.96 -14.78 -13.61
N VAL A 597 -4.26 -14.86 -14.90
CA VAL A 597 -3.92 -16.05 -15.68
C VAL A 597 -2.42 -16.27 -15.69
N THR A 598 -1.65 -15.21 -15.83
CA THR A 598 -0.20 -15.32 -15.84
C THR A 598 0.26 -15.93 -14.51
N SER A 599 -0.31 -15.45 -13.41
CA SER A 599 0.03 -15.94 -12.09
C SER A 599 -0.39 -17.39 -11.89
N MET A 600 -1.58 -17.75 -12.36
CA MET A 600 -2.06 -19.13 -12.22
C MET A 600 -1.17 -20.06 -13.07
N VAL A 601 -0.74 -19.57 -14.23
CA VAL A 601 0.12 -20.36 -15.09
C VAL A 601 1.46 -20.57 -14.39
N LEU A 602 2.06 -19.48 -13.92
CA LEU A 602 3.34 -19.56 -13.25
C LEU A 602 3.30 -20.46 -12.02
N GLY A 603 2.16 -20.53 -11.36
CA GLY A 603 2.06 -21.35 -10.17
C GLY A 603 1.49 -22.73 -10.43
N SER A 604 1.38 -23.11 -11.71
CA SER A 604 0.82 -24.40 -12.10
C SER A 604 1.81 -25.55 -12.01
N GLY A 605 3.10 -25.24 -11.98
CA GLY A 605 4.11 -26.29 -11.91
C GLY A 605 4.37 -26.95 -13.27
N SER A 606 3.86 -26.37 -14.35
CA SER A 606 4.05 -26.95 -15.68
C SER A 606 5.51 -27.00 -16.13
N GLY A 607 6.34 -26.12 -15.60
CA GLY A 607 7.74 -26.09 -15.97
C GLY A 607 8.03 -25.56 -17.37
N VAL A 608 7.02 -25.06 -18.06
CA VAL A 608 7.19 -24.55 -19.42
C VAL A 608 7.73 -23.11 -19.47
N PHE A 609 7.38 -22.31 -18.48
CA PHE A 609 7.79 -20.93 -18.45
C PHE A 609 8.95 -20.65 -17.50
N LYS A 610 9.90 -19.85 -17.98
CA LYS A 610 11.09 -19.47 -17.20
C LYS A 610 10.82 -18.30 -16.27
N CYS A 611 9.99 -17.38 -16.72
CA CYS A 611 9.68 -16.18 -15.96
C CYS A 611 8.31 -15.63 -16.38
N GLY A 612 7.81 -14.65 -15.64
CA GLY A 612 6.52 -14.07 -15.98
C GLY A 612 6.28 -12.76 -15.26
N ILE A 613 5.38 -11.95 -15.80
CA ILE A 613 5.05 -10.65 -15.21
C ILE A 613 3.55 -10.49 -15.05
N ALA A 614 3.12 -10.15 -13.85
CA ALA A 614 1.71 -9.93 -13.56
C ALA A 614 1.51 -8.49 -13.15
N VAL A 615 0.67 -7.76 -13.90
CA VAL A 615 0.36 -6.36 -13.60
C VAL A 615 -1.09 -6.27 -13.11
N ALA A 616 -1.29 -5.67 -11.93
CA ALA A 616 -2.61 -5.53 -11.31
C ALA A 616 -3.46 -6.77 -11.48
N PRO A 617 -2.98 -7.92 -11.03
CA PRO A 617 -3.76 -9.15 -11.18
C PRO A 617 -4.83 -9.40 -10.13
N VAL A 618 -5.86 -10.13 -10.52
CA VAL A 618 -6.88 -10.57 -9.59
C VAL A 618 -6.16 -11.77 -8.96
N SER A 619 -6.34 -12.01 -7.67
CA SER A 619 -5.67 -13.14 -7.04
C SER A 619 -6.64 -14.09 -6.35
N ARG A 620 -7.83 -13.61 -6.01
CA ARG A 620 -8.85 -14.41 -5.33
C ARG A 620 -10.17 -13.77 -5.79
N TRP A 621 -11.08 -14.55 -6.34
CA TRP A 621 -12.31 -13.94 -6.87
C TRP A 621 -13.20 -13.25 -5.85
N GLU A 622 -13.09 -13.65 -4.59
CA GLU A 622 -13.88 -13.01 -3.57
C GLU A 622 -13.44 -11.55 -3.37
N TYR A 623 -12.30 -11.16 -3.93
CA TYR A 623 -11.84 -9.79 -3.78
C TYR A 623 -12.35 -8.90 -4.90
N TYR A 624 -12.82 -9.50 -5.99
CA TYR A 624 -13.32 -8.71 -7.11
C TYR A 624 -14.82 -8.41 -6.98
N ASP A 625 -15.32 -7.50 -7.81
CA ASP A 625 -16.72 -7.07 -7.68
C ASP A 625 -17.76 -8.10 -8.04
N SER A 626 -18.93 -7.96 -7.42
CA SER A 626 -20.03 -8.88 -7.59
C SER A 626 -20.58 -9.07 -8.99
N VAL A 627 -20.94 -7.96 -9.65
CA VAL A 627 -21.53 -8.06 -10.98
C VAL A 627 -20.65 -8.84 -11.97
N TYR A 628 -19.37 -8.53 -12.04
CA TYR A 628 -18.50 -9.25 -12.98
C TYR A 628 -18.20 -10.67 -12.51
N THR A 629 -17.77 -10.81 -11.27
CA THR A 629 -17.39 -12.11 -10.73
C THR A 629 -18.52 -13.15 -10.69
N GLU A 630 -19.66 -12.77 -10.11
CA GLU A 630 -20.80 -13.67 -10.00
C GLU A 630 -21.37 -14.08 -11.36
N ARG A 631 -21.19 -13.24 -12.36
CA ARG A 631 -21.69 -13.54 -13.69
C ARG A 631 -21.10 -14.87 -14.17
N TYR A 632 -19.83 -15.06 -13.85
CA TYR A 632 -19.09 -16.24 -14.25
C TYR A 632 -18.96 -17.27 -13.15
N MET A 633 -18.97 -16.83 -11.91
CA MET A 633 -18.75 -17.74 -10.79
C MET A 633 -19.93 -18.05 -9.87
N GLY A 634 -21.07 -17.43 -10.10
CA GLY A 634 -22.18 -17.66 -9.18
C GLY A 634 -21.80 -17.04 -7.83
N LEU A 635 -22.48 -17.47 -6.77
CA LEU A 635 -22.23 -16.93 -5.43
C LEU A 635 -21.23 -17.75 -4.62
N PRO A 636 -20.42 -17.07 -3.78
CA PRO A 636 -19.41 -17.75 -2.96
C PRO A 636 -19.98 -18.23 -1.61
N THR A 637 -20.96 -19.13 -1.69
CA THR A 637 -21.60 -19.70 -0.51
C THR A 637 -21.48 -21.21 -0.67
N PRO A 638 -21.51 -21.96 0.44
CA PRO A 638 -21.38 -23.42 0.29
C PRO A 638 -22.50 -24.07 -0.55
N GLU A 639 -23.68 -23.44 -0.57
CA GLU A 639 -24.79 -23.96 -1.35
C GLU A 639 -24.59 -23.69 -2.84
N ASP A 640 -23.74 -22.73 -3.18
CA ASP A 640 -23.56 -22.44 -4.58
C ASP A 640 -22.19 -22.82 -5.14
N ASN A 641 -21.23 -21.90 -5.10
CA ASN A 641 -19.95 -22.21 -5.70
C ASN A 641 -18.73 -21.86 -4.86
N LEU A 642 -18.90 -21.76 -3.54
CA LEU A 642 -17.77 -21.42 -2.67
C LEU A 642 -16.53 -22.29 -2.86
N ASP A 643 -16.67 -23.61 -3.00
CA ASP A 643 -15.47 -24.44 -3.18
C ASP A 643 -14.60 -23.99 -4.36
N HIS A 644 -15.20 -23.73 -5.52
CA HIS A 644 -14.34 -23.32 -6.62
C HIS A 644 -13.75 -21.92 -6.39
N TYR A 645 -14.45 -21.07 -5.66
CA TYR A 645 -13.93 -19.74 -5.35
C TYR A 645 -12.65 -19.94 -4.53
N ARG A 646 -12.68 -20.91 -3.62
CA ARG A 646 -11.54 -21.16 -2.75
C ARG A 646 -10.34 -21.86 -3.38
N ASN A 647 -10.54 -22.68 -4.39
CA ASN A 647 -9.33 -23.27 -4.94
C ASN A 647 -8.92 -22.69 -6.29
N SER A 648 -9.46 -21.52 -6.62
CA SER A 648 -9.07 -20.88 -7.86
C SER A 648 -8.22 -19.63 -7.54
N THR A 649 -7.57 -19.62 -6.39
CA THR A 649 -6.74 -18.48 -6.03
C THR A 649 -5.28 -18.68 -6.42
N VAL A 650 -4.57 -17.57 -6.53
CA VAL A 650 -3.16 -17.57 -6.87
C VAL A 650 -2.37 -18.03 -5.64
N MET A 651 -2.76 -17.48 -4.49
CA MET A 651 -2.13 -17.77 -3.19
C MET A 651 -1.92 -19.25 -2.93
N SER A 652 -2.94 -20.08 -3.19
CA SER A 652 -2.82 -21.53 -2.96
C SER A 652 -1.70 -22.19 -3.78
N ARG A 653 -1.23 -21.52 -4.84
CA ARG A 653 -0.18 -22.08 -5.68
C ARG A 653 1.21 -21.51 -5.40
N ALA A 654 1.34 -20.74 -4.32
CA ALA A 654 2.59 -20.09 -3.96
C ALA A 654 3.84 -20.99 -4.07
N GLU A 655 3.73 -22.18 -3.49
CA GLU A 655 4.83 -23.15 -3.47
C GLU A 655 5.41 -23.41 -4.86
N ASN A 656 4.56 -23.44 -5.89
CA ASN A 656 5.01 -23.69 -7.25
C ASN A 656 5.81 -22.57 -7.93
N PHE A 657 5.90 -21.42 -7.29
CA PHE A 657 6.66 -20.32 -7.86
C PHE A 657 8.17 -20.50 -7.61
N LYS A 658 8.55 -21.49 -6.82
CA LYS A 658 9.97 -21.74 -6.51
C LYS A 658 10.83 -21.84 -7.75
N GLN A 659 10.30 -22.44 -8.81
CA GLN A 659 11.10 -22.61 -10.02
C GLN A 659 10.92 -21.60 -11.15
N VAL A 660 10.46 -20.39 -10.85
CA VAL A 660 10.28 -19.37 -11.90
C VAL A 660 10.66 -17.97 -11.42
N GLU A 661 10.95 -17.08 -12.35
CA GLU A 661 11.26 -15.69 -11.99
C GLU A 661 9.94 -14.94 -12.17
N TYR A 662 9.50 -14.28 -11.11
CA TYR A 662 8.21 -13.60 -11.12
C TYR A 662 8.33 -12.12 -10.78
N LEU A 663 7.66 -11.28 -11.56
CA LEU A 663 7.64 -9.85 -11.32
C LEU A 663 6.17 -9.48 -11.09
N LEU A 664 5.89 -8.95 -9.91
CA LEU A 664 4.55 -8.55 -9.52
C LEU A 664 4.49 -7.02 -9.42
N ILE A 665 3.54 -6.41 -10.14
CA ILE A 665 3.38 -4.96 -10.19
C ILE A 665 1.91 -4.54 -9.93
N HIS A 666 1.72 -3.43 -9.22
CA HIS A 666 0.37 -2.95 -8.92
C HIS A 666 0.34 -1.48 -8.47
N GLY A 667 -0.66 -0.72 -8.92
CA GLY A 667 -0.80 0.67 -8.51
C GLY A 667 -1.49 0.71 -7.15
N THR A 668 -1.03 1.57 -6.26
CA THR A 668 -1.60 1.64 -4.91
C THR A 668 -2.99 2.22 -4.85
N ALA A 669 -3.35 2.99 -5.87
CA ALA A 669 -4.68 3.58 -5.89
C ALA A 669 -5.61 2.89 -6.91
N ASP A 670 -5.42 1.59 -7.09
CA ASP A 670 -6.28 0.83 -8.01
C ASP A 670 -7.65 0.64 -7.34
N ASP A 671 -8.68 1.27 -7.92
CA ASP A 671 -10.06 1.19 -7.42
C ASP A 671 -10.81 -0.01 -8.01
N ASN A 672 -10.23 -0.60 -9.06
CA ASN A 672 -10.87 -1.71 -9.75
C ASN A 672 -10.42 -3.04 -9.11
N VAL A 673 -9.15 -3.41 -9.34
CA VAL A 673 -8.52 -4.59 -8.74
C VAL A 673 -7.69 -4.01 -7.60
N HIS A 674 -8.23 -4.06 -6.40
CA HIS A 674 -7.54 -3.46 -5.27
C HIS A 674 -6.12 -3.96 -5.04
N PHE A 675 -5.26 -3.07 -4.56
CA PHE A 675 -3.87 -3.41 -4.29
C PHE A 675 -3.88 -4.66 -3.39
N GLN A 676 -4.92 -4.76 -2.55
CA GLN A 676 -5.10 -5.90 -1.67
C GLN A 676 -4.79 -7.23 -2.38
N GLN A 677 -5.26 -7.37 -3.62
CA GLN A 677 -5.07 -8.61 -4.36
C GLN A 677 -3.58 -8.95 -4.53
N SER A 678 -2.74 -7.96 -4.83
CA SER A 678 -1.32 -8.23 -4.96
C SER A 678 -0.68 -8.31 -3.59
N ALA A 679 -1.22 -7.60 -2.62
CA ALA A 679 -0.65 -7.66 -1.26
C ALA A 679 -0.79 -9.07 -0.69
N GLN A 680 -1.86 -9.77 -1.04
CA GLN A 680 -2.06 -11.14 -0.55
C GLN A 680 -1.16 -12.14 -1.30
N ILE A 681 -0.86 -11.86 -2.56
CA ILE A 681 0.03 -12.72 -3.35
C ILE A 681 1.45 -12.65 -2.78
N SER A 682 1.95 -11.43 -2.57
CA SER A 682 3.31 -11.27 -2.06
C SER A 682 3.43 -11.93 -0.69
N LYS A 683 2.42 -11.75 0.17
CA LYS A 683 2.46 -12.34 1.50
C LYS A 683 2.51 -13.87 1.43
N ALA A 684 1.75 -14.46 0.50
CA ALA A 684 1.74 -15.92 0.37
C ALA A 684 3.10 -16.40 -0.14
N LEU A 685 3.74 -15.63 -1.02
CA LEU A 685 5.04 -16.01 -1.55
C LEU A 685 6.07 -15.89 -0.42
N VAL A 686 5.98 -14.82 0.36
CA VAL A 686 6.88 -14.65 1.49
C VAL A 686 6.70 -15.80 2.48
N ASP A 687 5.44 -16.20 2.73
CA ASP A 687 5.18 -17.29 3.67
C ASP A 687 5.78 -18.66 3.30
N VAL A 688 6.03 -18.93 2.02
CA VAL A 688 6.61 -20.21 1.62
C VAL A 688 8.09 -20.07 1.25
N GLY A 689 8.66 -18.89 1.49
CA GLY A 689 10.05 -18.68 1.19
C GLY A 689 10.43 -18.60 -0.27
N VAL A 690 9.58 -17.99 -1.10
CA VAL A 690 9.86 -17.83 -2.53
C VAL A 690 10.29 -16.39 -2.84
N ASP A 691 11.43 -16.23 -3.50
CA ASP A 691 11.91 -14.89 -3.84
C ASP A 691 11.25 -14.46 -5.14
N PHE A 692 10.98 -13.16 -5.27
CA PHE A 692 10.38 -12.61 -6.48
C PHE A 692 10.67 -11.12 -6.57
N GLN A 693 10.36 -10.52 -7.71
CA GLN A 693 10.57 -9.09 -7.92
C GLN A 693 9.20 -8.41 -7.81
N ALA A 694 9.20 -7.18 -7.32
CA ALA A 694 7.95 -6.45 -7.17
C ALA A 694 8.16 -4.97 -7.46
N MET A 695 7.06 -4.29 -7.72
CA MET A 695 7.07 -2.85 -7.92
C MET A 695 5.66 -2.30 -7.67
N TRP A 696 5.52 -1.31 -6.80
CA TRP A 696 4.23 -0.69 -6.58
C TRP A 696 4.33 0.66 -7.28
N TYR A 697 3.19 1.20 -7.73
CA TYR A 697 3.19 2.53 -8.34
C TYR A 697 2.28 3.41 -7.51
N THR A 698 2.91 4.31 -6.76
CA THR A 698 2.21 5.21 -5.88
C THR A 698 1.14 6.03 -6.57
N ASP A 699 -0.09 5.91 -6.07
CA ASP A 699 -1.22 6.66 -6.59
C ASP A 699 -1.70 6.37 -8.02
N GLU A 700 -1.18 5.31 -8.63
CA GLU A 700 -1.62 4.96 -9.97
C GLU A 700 -2.82 4.01 -9.80
N ASP A 701 -3.77 4.05 -10.72
CA ASP A 701 -4.92 3.16 -10.62
C ASP A 701 -4.73 1.94 -11.52
N HIS A 702 -5.82 1.32 -11.95
CA HIS A 702 -5.73 0.10 -12.77
C HIS A 702 -5.05 0.29 -14.14
N GLY A 703 -5.07 1.52 -14.65
CA GLY A 703 -4.46 1.76 -15.95
C GLY A 703 -2.99 2.08 -15.93
N ILE A 704 -2.46 2.49 -14.77
CA ILE A 704 -1.04 2.88 -14.61
C ILE A 704 -0.67 3.62 -15.88
N ALA A 705 -1.54 4.58 -16.22
CA ALA A 705 -1.45 5.36 -17.45
C ALA A 705 -0.89 6.76 -17.38
N SER A 706 -0.60 7.30 -16.21
CA SER A 706 -0.01 8.65 -16.20
C SER A 706 1.27 8.55 -17.03
N SER A 707 1.60 9.61 -17.75
CA SER A 707 2.78 9.62 -18.61
C SER A 707 4.07 9.05 -17.96
N THR A 708 4.41 9.53 -16.78
CA THR A 708 5.63 9.04 -16.13
C THR A 708 5.56 7.59 -15.67
N ALA A 709 4.45 7.18 -15.06
CA ALA A 709 4.34 5.79 -14.60
C ALA A 709 4.35 4.82 -15.80
N HIS A 710 3.67 5.19 -16.87
CA HIS A 710 3.60 4.36 -18.08
C HIS A 710 5.00 4.09 -18.64
N GLN A 711 5.79 5.15 -18.78
CA GLN A 711 7.14 4.98 -19.26
C GLN A 711 7.96 4.12 -18.31
N HIS A 712 7.79 4.36 -17.00
CA HIS A 712 8.52 3.63 -15.98
C HIS A 712 8.21 2.14 -15.90
N ILE A 713 6.93 1.77 -15.95
CA ILE A 713 6.58 0.36 -15.87
C ILE A 713 7.08 -0.41 -17.09
N TYR A 714 6.90 0.15 -18.29
CA TYR A 714 7.37 -0.55 -19.48
C TYR A 714 8.89 -0.60 -19.53
N THR A 715 9.53 0.42 -18.99
CA THR A 715 10.99 0.42 -18.94
C THR A 715 11.42 -0.71 -17.99
N HIS A 716 10.75 -0.80 -16.84
CA HIS A 716 11.07 -1.81 -15.83
C HIS A 716 10.81 -3.25 -16.33
N MET A 717 9.70 -3.44 -17.04
CA MET A 717 9.38 -4.77 -17.55
C MET A 717 10.35 -5.19 -18.63
N SER A 718 10.84 -4.22 -19.42
CA SER A 718 11.78 -4.51 -20.48
C SER A 718 13.08 -5.06 -19.93
N HIS A 719 13.60 -4.45 -18.86
CA HIS A 719 14.83 -4.92 -18.24
C HIS A 719 14.61 -6.34 -17.71
N PHE A 720 13.46 -6.57 -17.08
CA PHE A 720 13.17 -7.90 -16.53
C PHE A 720 13.13 -8.97 -17.63
N ILE A 721 12.46 -8.67 -18.74
CA ILE A 721 12.38 -9.64 -19.83
C ILE A 721 13.75 -9.91 -20.45
N LYS A 722 14.50 -8.85 -20.76
CA LYS A 722 15.83 -9.02 -21.37
C LYS A 722 16.74 -9.83 -20.45
N GLN A 723 16.77 -9.49 -19.19
CA GLN A 723 17.56 -10.22 -18.21
C GLN A 723 17.14 -11.71 -18.21
N CYS A 724 15.83 -11.98 -18.17
CA CYS A 724 15.32 -13.36 -18.19
C CYS A 724 15.78 -14.12 -19.43
N PHE A 725 15.84 -13.42 -20.57
CA PHE A 725 16.25 -14.01 -21.84
C PHE A 725 17.76 -13.87 -22.18
N SER A 726 18.53 -13.30 -21.27
CA SER A 726 19.99 -13.11 -21.48
C SER A 726 20.27 -12.25 -22.71
N LEU A 727 19.44 -11.24 -22.92
CA LEU A 727 19.59 -10.35 -24.06
C LEU A 727 20.36 -9.08 -23.67
N PRO A 728 21.34 -8.68 -24.52
CA PRO A 728 22.16 -7.48 -24.28
C PRO A 728 21.33 -6.24 -23.94
N THR B 1 38.85 -28.35 4.59
CA THR B 1 38.53 -26.88 4.61
C THR B 1 37.25 -26.60 5.43
N ARG B 2 37.35 -25.74 6.43
CA ARG B 2 36.22 -25.41 7.28
C ARG B 2 35.13 -24.62 6.52
N LYS B 3 33.87 -24.85 6.88
CA LYS B 3 32.76 -24.15 6.25
C LYS B 3 32.78 -22.68 6.68
N THR B 4 31.98 -21.86 6.01
CA THR B 4 31.92 -20.44 6.36
C THR B 4 30.58 -20.17 7.02
N TYR B 5 30.37 -18.95 7.51
CA TYR B 5 29.09 -18.59 8.13
C TYR B 5 28.21 -18.17 6.94
N THR B 6 27.23 -19.02 6.61
CA THR B 6 26.35 -18.84 5.48
C THR B 6 25.09 -18.04 5.83
N LEU B 7 24.30 -17.72 4.82
CA LEU B 7 23.05 -16.99 5.00
C LEU B 7 22.08 -17.84 5.77
N THR B 8 22.04 -19.13 5.43
CA THR B 8 21.13 -20.05 6.11
C THR B 8 21.47 -20.13 7.59
N ASP B 9 22.77 -20.08 7.90
CA ASP B 9 23.22 -20.14 9.29
C ASP B 9 22.58 -18.98 10.04
N TYR B 10 22.67 -17.78 9.45
CA TYR B 10 22.07 -16.60 10.06
C TYR B 10 20.54 -16.73 10.16
N LEU B 11 19.89 -17.06 9.06
CA LEU B 11 18.42 -17.18 9.03
C LEU B 11 17.84 -18.32 9.85
N LYS B 12 18.57 -19.43 9.93
CA LYS B 12 18.08 -20.55 10.70
C LYS B 12 18.62 -20.53 12.13
N ASN B 13 19.53 -19.61 12.42
N ASN B 13 19.51 -19.60 12.43
CA ASN B 13 20.12 -19.49 13.75
CA ASN B 13 20.07 -19.51 13.78
C ASN B 13 20.78 -20.79 14.19
C ASN B 13 20.78 -20.80 14.19
N THR B 14 21.57 -21.39 13.31
CA THR B 14 22.24 -22.63 13.65
C THR B 14 23.26 -22.43 14.80
N TYR B 15 23.98 -21.32 14.78
CA TYR B 15 24.95 -21.03 15.85
C TYR B 15 24.28 -20.10 16.86
N ARG B 16 23.67 -20.70 17.86
CA ARG B 16 22.92 -19.97 18.88
C ARG B 16 23.74 -19.41 20.03
N LEU B 17 23.56 -18.11 20.27
CA LEU B 17 24.22 -17.40 21.34
C LEU B 17 23.45 -17.70 22.62
N LYS B 18 24.12 -18.17 23.67
CA LYS B 18 23.44 -18.45 24.92
C LYS B 18 23.50 -17.25 25.83
N LEU B 19 22.43 -17.05 26.60
CA LEU B 19 22.40 -15.95 27.55
C LEU B 19 22.01 -16.50 28.90
N TYR B 20 21.86 -15.60 29.87
CA TYR B 20 21.48 -16.01 31.23
C TYR B 20 20.63 -14.90 31.83
N SER B 21 19.33 -14.96 31.55
CA SER B 21 18.39 -13.98 32.04
C SER B 21 17.84 -14.42 33.38
N LEU B 22 18.16 -13.68 34.43
CA LEU B 22 17.66 -14.01 35.76
C LEU B 22 16.79 -12.86 36.25
N ARG B 23 15.99 -13.13 37.27
CA ARG B 23 15.14 -12.10 37.86
C ARG B 23 15.33 -12.13 39.36
N TRP B 24 15.85 -11.04 39.90
CA TRP B 24 16.08 -10.96 41.32
C TRP B 24 14.72 -10.87 41.99
N ILE B 25 14.52 -11.62 43.07
CA ILE B 25 13.24 -11.57 43.77
C ILE B 25 13.47 -11.01 45.16
N SER B 26 14.74 -10.83 45.49
CA SER B 26 15.12 -10.28 46.78
C SER B 26 16.59 -9.84 46.73
N ASP B 27 17.20 -9.70 47.90
CA ASP B 27 18.58 -9.29 47.95
C ASP B 27 19.54 -10.47 47.75
N HIS B 28 19.03 -11.70 47.82
CA HIS B 28 19.90 -12.85 47.63
C HIS B 28 19.35 -14.01 46.81
N GLU B 29 18.19 -13.84 46.21
CA GLU B 29 17.64 -14.91 45.37
C GLU B 29 17.14 -14.39 44.04
N TYR B 30 17.29 -15.21 43.00
CA TYR B 30 16.82 -14.85 41.68
C TYR B 30 16.17 -16.07 41.04
N LEU B 31 15.29 -15.80 40.09
CA LEU B 31 14.60 -16.85 39.35
C LEU B 31 15.30 -17.01 38.03
N TYR B 32 15.33 -18.26 37.56
CA TYR B 32 15.97 -18.59 36.30
C TYR B 32 15.18 -19.75 35.74
N LYS B 33 14.83 -19.68 34.46
CA LYS B 33 14.07 -20.75 33.82
C LYS B 33 15.05 -21.76 33.20
N GLN B 34 14.89 -23.04 33.56
CA GLN B 34 15.75 -24.11 33.04
C GLN B 34 14.91 -25.32 32.64
N GLU B 35 14.78 -25.55 31.32
CA GLU B 35 14.00 -26.67 30.80
C GLU B 35 12.51 -26.50 31.15
N ASN B 36 12.01 -25.29 30.95
CA ASN B 36 10.60 -24.95 31.22
C ASN B 36 10.25 -24.92 32.71
N ASN B 37 11.26 -25.14 33.55
CA ASN B 37 11.06 -25.11 34.99
C ASN B 37 11.59 -23.78 35.50
N ILE B 38 10.90 -23.21 36.48
CA ILE B 38 11.35 -21.95 37.05
C ILE B 38 12.07 -22.26 38.35
N LEU B 39 13.40 -22.22 38.31
CA LEU B 39 14.19 -22.50 39.50
C LEU B 39 14.49 -21.24 40.29
N VAL B 40 14.70 -21.41 41.60
CA VAL B 40 15.06 -20.30 42.46
C VAL B 40 16.51 -20.56 42.93
N PHE B 41 17.37 -19.58 42.70
CA PHE B 41 18.79 -19.70 43.05
C PHE B 41 19.22 -18.88 44.24
N ASN B 42 20.12 -19.44 45.03
CA ASN B 42 20.68 -18.76 46.18
C ASN B 42 21.98 -18.15 45.63
N ALA B 43 21.99 -16.82 45.52
CA ALA B 43 23.16 -16.12 44.97
C ALA B 43 24.48 -16.43 45.67
N GLU B 44 24.47 -16.45 46.99
CA GLU B 44 25.68 -16.70 47.76
C GLU B 44 26.36 -18.07 47.52
N TYR B 45 25.58 -19.14 47.44
CA TYR B 45 26.16 -20.47 47.25
C TYR B 45 25.89 -21.14 45.90
N GLY B 46 24.97 -20.60 45.12
CA GLY B 46 24.69 -21.18 43.82
C GLY B 46 23.72 -22.36 43.82
N ASN B 47 23.31 -22.81 45.00
CA ASN B 47 22.37 -23.93 45.08
C ASN B 47 20.97 -23.43 44.71
N SER B 48 20.13 -24.34 44.25
CA SER B 48 18.78 -23.99 43.83
C SER B 48 17.72 -25.04 44.16
N SER B 49 16.48 -24.69 43.86
CA SER B 49 15.32 -25.55 44.06
C SER B 49 14.31 -25.22 42.96
N VAL B 50 13.30 -26.07 42.81
CA VAL B 50 12.29 -25.83 41.80
C VAL B 50 11.24 -24.88 42.37
N PHE B 51 11.10 -23.71 41.75
CA PHE B 51 10.12 -22.76 42.23
C PHE B 51 8.76 -23.12 41.67
N LEU B 52 8.75 -23.55 40.42
CA LEU B 52 7.50 -23.92 39.78
C LEU B 52 7.74 -24.95 38.69
N GLU B 53 7.31 -26.18 38.97
CA GLU B 53 7.46 -27.29 38.03
C GLU B 53 6.90 -26.97 36.65
N ASN B 54 7.63 -27.39 35.61
CA ASN B 54 7.21 -27.16 34.22
C ASN B 54 5.87 -27.83 33.87
N SER B 55 5.38 -28.71 34.75
CA SER B 55 4.11 -29.40 34.49
C SER B 55 2.95 -28.75 35.24
N THR B 56 3.23 -27.67 35.96
CA THR B 56 2.21 -26.98 36.73
C THR B 56 1.04 -26.50 35.87
N PHE B 57 1.34 -25.95 34.71
CA PHE B 57 0.28 -25.45 33.83
C PHE B 57 0.15 -26.24 32.52
N ASP B 58 0.31 -27.55 32.65
CA ASP B 58 0.21 -28.47 31.52
C ASP B 58 -1.21 -28.51 30.99
N GLU B 59 -2.17 -28.39 31.89
CA GLU B 59 -3.57 -28.42 31.50
C GLU B 59 -4.25 -27.07 31.74
N PHE B 60 -3.47 -26.00 31.60
CA PHE B 60 -3.99 -24.65 31.77
C PHE B 60 -4.92 -24.36 30.59
N GLY B 61 -4.62 -24.99 29.46
CA GLY B 61 -5.43 -24.80 28.29
C GLY B 61 -4.93 -23.66 27.43
N HIS B 62 -3.80 -23.07 27.82
CA HIS B 62 -3.23 -21.95 27.07
C HIS B 62 -1.71 -21.92 27.14
N SER B 63 -1.08 -21.46 26.07
CA SER B 63 0.37 -21.37 26.06
C SER B 63 0.78 -20.06 26.75
N ILE B 64 1.27 -20.17 27.98
CA ILE B 64 1.70 -18.99 28.75
C ILE B 64 2.88 -18.30 28.09
N ASN B 65 2.71 -17.01 27.79
CA ASN B 65 3.75 -16.21 27.14
C ASN B 65 4.78 -15.65 28.10
N ASP B 66 4.36 -15.39 29.34
CA ASP B 66 5.26 -14.82 30.34
C ASP B 66 4.60 -14.94 31.72
N TYR B 67 5.38 -14.69 32.77
CA TYR B 67 4.88 -14.78 34.15
C TYR B 67 5.42 -13.61 34.94
N SER B 68 4.88 -13.41 36.15
CA SER B 68 5.31 -12.32 37.01
C SER B 68 4.94 -12.58 38.46
N ILE B 69 5.94 -12.77 39.32
CA ILE B 69 5.69 -13.03 40.72
C ILE B 69 5.49 -11.75 41.49
N SER B 70 4.50 -11.74 42.39
CA SER B 70 4.23 -10.57 43.19
C SER B 70 5.44 -10.41 44.10
N PRO B 71 5.73 -9.18 44.53
CA PRO B 71 6.87 -8.89 45.40
C PRO B 71 6.98 -9.77 46.65
N ASP B 72 5.86 -10.09 47.28
CA ASP B 72 5.89 -10.90 48.49
C ASP B 72 5.92 -12.40 48.21
N GLY B 73 6.14 -12.76 46.95
CA GLY B 73 6.18 -14.15 46.57
C GLY B 73 4.92 -14.97 46.82
N GLN B 74 3.79 -14.33 47.12
CA GLN B 74 2.56 -15.08 47.40
C GLN B 74 1.69 -15.44 46.19
N PHE B 75 1.89 -14.73 45.09
CA PHE B 75 1.10 -14.97 43.90
C PHE B 75 1.97 -14.87 42.63
N ILE B 76 1.43 -15.36 41.53
CA ILE B 76 2.13 -15.26 40.26
C ILE B 76 1.13 -14.86 39.18
N LEU B 77 1.53 -13.90 38.36
CA LEU B 77 0.70 -13.41 37.29
C LEU B 77 1.07 -14.12 35.99
N LEU B 78 0.09 -14.78 35.40
CA LEU B 78 0.27 -15.53 34.17
C LEU B 78 -0.24 -14.72 32.99
N GLU B 79 0.63 -14.52 32.03
CA GLU B 79 0.28 -13.75 30.86
C GLU B 79 0.19 -14.64 29.63
N TYR B 80 -1.01 -14.74 29.06
CA TYR B 80 -1.21 -15.53 27.87
C TYR B 80 -1.99 -14.73 26.84
N ASN B 81 -2.19 -15.30 25.66
CA ASN B 81 -2.93 -14.63 24.58
C ASN B 81 -2.21 -13.35 24.23
N TYR B 82 -0.89 -13.44 24.10
CA TYR B 82 -0.07 -12.29 23.78
C TYR B 82 -0.34 -11.73 22.40
N VAL B 83 -0.73 -10.46 22.36
CA VAL B 83 -1.02 -9.78 21.10
C VAL B 83 -0.19 -8.51 21.02
N LYS B 84 0.90 -8.57 20.27
CA LYS B 84 1.76 -7.41 20.13
C LYS B 84 1.11 -6.15 19.52
N GLN B 85 1.53 -4.97 19.99
CA GLN B 85 1.01 -3.72 19.42
C GLN B 85 2.17 -2.90 18.85
N TRP B 86 2.60 -1.85 19.53
CA TRP B 86 3.70 -1.07 18.99
C TRP B 86 5.05 -1.60 19.55
N ARG B 87 6.03 -0.72 19.74
CA ARG B 87 7.32 -1.18 20.23
C ARG B 87 7.27 -1.81 21.62
N HIS B 88 6.51 -1.21 22.54
CA HIS B 88 6.41 -1.73 23.90
C HIS B 88 5.02 -2.24 24.25
N SER B 89 3.98 -1.67 23.65
CA SER B 89 2.63 -2.08 23.99
C SER B 89 2.23 -3.42 23.39
N TYR B 90 1.22 -4.01 24.02
CA TYR B 90 0.68 -5.28 23.57
C TYR B 90 -0.57 -5.59 24.39
N THR B 91 -1.33 -6.57 23.92
CA THR B 91 -2.54 -6.99 24.62
C THR B 91 -2.38 -8.45 25.03
N ALA B 92 -3.02 -8.83 26.12
CA ALA B 92 -2.90 -10.19 26.59
C ALA B 92 -3.93 -10.50 27.64
N SER B 93 -4.14 -11.79 27.88
CA SER B 93 -5.08 -12.21 28.91
C SER B 93 -4.23 -12.54 30.13
N TYR B 94 -4.82 -12.46 31.30
CA TYR B 94 -4.06 -12.73 32.51
C TYR B 94 -4.84 -13.55 33.51
N ASP B 95 -4.11 -14.33 34.29
CA ASP B 95 -4.70 -15.14 35.35
C ASP B 95 -3.73 -15.05 36.50
N ILE B 96 -4.21 -15.28 37.70
CA ILE B 96 -3.35 -15.21 38.86
C ILE B 96 -3.38 -16.57 39.52
N TYR B 97 -2.22 -17.00 39.99
CA TYR B 97 -2.08 -18.30 40.65
C TYR B 97 -1.64 -18.07 42.09
N ASP B 98 -2.37 -18.65 43.04
CA ASP B 98 -2.03 -18.53 44.45
C ASP B 98 -0.95 -19.60 44.70
N LEU B 99 0.29 -19.16 44.91
CA LEU B 99 1.41 -20.08 45.13
C LEU B 99 1.26 -20.91 46.38
N ASN B 100 0.75 -20.30 47.44
CA ASN B 100 0.57 -21.04 48.69
C ASN B 100 -0.50 -22.11 48.52
N LYS B 101 -1.75 -21.69 48.36
CA LYS B 101 -2.88 -22.58 48.18
C LYS B 101 -2.75 -23.46 46.92
N ARG B 102 -1.75 -23.19 46.10
CA ARG B 102 -1.53 -23.93 44.86
C ARG B 102 -2.80 -24.04 44.00
N GLN B 103 -3.60 -22.99 44.03
CA GLN B 103 -4.83 -22.92 43.24
C GLN B 103 -4.82 -21.70 42.33
N LEU B 104 -5.55 -21.79 41.24
CA LEU B 104 -5.67 -20.71 40.28
C LEU B 104 -6.91 -19.90 40.64
N ILE B 105 -6.77 -18.57 40.72
CA ILE B 105 -7.91 -17.73 41.08
C ILE B 105 -8.97 -17.67 39.97
N THR B 106 -10.18 -18.11 40.29
CA THR B 106 -11.25 -18.14 39.30
C THR B 106 -12.29 -17.02 39.40
N GLU B 107 -12.30 -16.30 40.52
CA GLU B 107 -13.25 -15.19 40.68
C GLU B 107 -12.59 -13.81 40.62
N GLU B 108 -13.38 -12.82 40.18
CA GLU B 108 -12.89 -11.45 40.06
C GLU B 108 -11.60 -11.43 39.27
N ARG B 109 -11.61 -12.14 38.14
CA ARG B 109 -10.47 -12.24 37.26
C ARG B 109 -10.18 -10.95 36.51
N ILE B 110 -8.95 -10.82 36.07
CA ILE B 110 -8.54 -9.66 35.31
C ILE B 110 -9.24 -9.77 33.99
N PRO B 111 -9.96 -8.72 33.58
CA PRO B 111 -10.72 -8.69 32.33
C PRO B 111 -9.87 -9.08 31.13
N ASN B 112 -10.54 -9.50 30.06
CA ASN B 112 -9.83 -9.83 28.83
C ASN B 112 -9.68 -8.49 28.13
N ASN B 113 -8.60 -8.38 27.34
CA ASN B 113 -8.28 -7.16 26.61
C ASN B 113 -7.70 -6.15 27.59
N THR B 114 -7.03 -6.63 28.63
CA THR B 114 -6.41 -5.75 29.60
C THR B 114 -5.15 -5.23 28.92
N GLN B 115 -5.00 -3.91 28.95
CA GLN B 115 -3.91 -3.23 28.30
C GLN B 115 -2.59 -3.26 29.02
N TRP B 116 -2.65 -3.26 30.35
CA TRP B 116 -1.43 -3.31 31.14
C TRP B 116 -1.75 -3.66 32.58
N VAL B 117 -0.82 -4.35 33.21
CA VAL B 117 -0.99 -4.73 34.59
C VAL B 117 0.34 -4.73 35.30
N THR B 118 0.34 -4.28 36.55
CA THR B 118 1.55 -4.25 37.34
C THR B 118 1.29 -4.42 38.83
N TRP B 119 2.11 -5.21 39.49
CA TRP B 119 2.01 -5.45 40.92
C TRP B 119 2.50 -4.19 41.64
N SER B 120 2.08 -4.01 42.89
CA SER B 120 2.60 -2.88 43.67
C SER B 120 4.06 -3.28 43.96
N PRO B 121 4.92 -2.31 44.29
CA PRO B 121 6.33 -2.62 44.55
C PRO B 121 6.54 -3.51 45.77
N VAL B 122 5.54 -3.52 46.65
CA VAL B 122 5.58 -4.31 47.88
C VAL B 122 4.23 -5.01 48.05
N GLY B 123 4.25 -6.22 48.59
CA GLY B 123 3.02 -6.96 48.81
C GLY B 123 2.45 -7.59 47.56
N HIS B 124 1.14 -7.47 47.36
CA HIS B 124 0.50 -8.05 46.19
C HIS B 124 -0.69 -7.25 45.62
N LYS B 125 -0.65 -5.92 45.75
CA LYS B 125 -1.70 -5.09 45.16
C LYS B 125 -1.48 -5.13 43.65
N LEU B 126 -2.54 -4.84 42.90
CA LEU B 126 -2.48 -4.85 41.47
C LEU B 126 -3.17 -3.64 40.91
N ALA B 127 -2.60 -3.09 39.84
CA ALA B 127 -3.21 -1.96 39.16
C ALA B 127 -3.19 -2.36 37.69
N TYR B 128 -4.31 -2.24 37.01
CA TYR B 128 -4.34 -2.57 35.61
C TYR B 128 -5.17 -1.57 34.87
N VAL B 129 -4.98 -1.54 33.56
CA VAL B 129 -5.70 -0.62 32.69
C VAL B 129 -6.54 -1.49 31.76
N TRP B 130 -7.83 -1.16 31.67
CA TRP B 130 -8.78 -1.88 30.82
C TRP B 130 -9.71 -0.84 30.21
N ASN B 131 -9.81 -0.86 28.89
CA ASN B 131 -10.64 0.10 28.17
C ASN B 131 -10.20 1.54 28.49
N ASN B 132 -8.89 1.73 28.62
CA ASN B 132 -8.32 3.05 28.88
C ASN B 132 -8.56 3.68 30.25
N ASP B 133 -9.05 2.88 31.21
CA ASP B 133 -9.28 3.35 32.58
C ASP B 133 -8.47 2.52 33.55
N ILE B 134 -8.13 3.10 34.69
CA ILE B 134 -7.34 2.42 35.69
C ILE B 134 -8.19 1.75 36.74
N TYR B 135 -7.75 0.56 37.14
CA TYR B 135 -8.42 -0.23 38.16
C TYR B 135 -7.36 -0.74 39.15
N VAL B 136 -7.75 -0.86 40.40
CA VAL B 136 -6.85 -1.35 41.44
C VAL B 136 -7.50 -2.47 42.22
N LYS B 137 -6.77 -3.57 42.44
CA LYS B 137 -7.25 -4.68 43.26
C LYS B 137 -6.32 -4.71 44.47
N ILE B 138 -6.89 -4.74 45.66
CA ILE B 138 -6.11 -4.80 46.89
C ILE B 138 -5.70 -6.26 47.12
N GLU B 139 -6.61 -7.17 46.77
CA GLU B 139 -6.39 -8.61 46.89
C GLU B 139 -6.78 -9.24 45.57
N PRO B 140 -5.98 -10.21 45.10
CA PRO B 140 -6.16 -10.96 43.85
C PRO B 140 -7.56 -11.48 43.57
N ASN B 141 -8.25 -11.95 44.61
CA ASN B 141 -9.58 -12.53 44.41
C ASN B 141 -10.74 -11.61 44.75
N LEU B 142 -10.45 -10.37 45.10
CA LEU B 142 -11.50 -9.42 45.44
C LEU B 142 -11.85 -8.46 44.31
N PRO B 143 -13.04 -7.84 44.39
CA PRO B 143 -13.48 -6.88 43.37
C PRO B 143 -12.47 -5.73 43.18
N SER B 144 -12.40 -5.21 41.96
CA SER B 144 -11.51 -4.10 41.65
C SER B 144 -12.16 -2.78 42.01
N TYR B 145 -11.34 -1.76 42.22
CA TYR B 145 -11.82 -0.40 42.48
C TYR B 145 -11.47 0.38 41.20
N ARG B 146 -12.47 0.99 40.61
CA ARG B 146 -12.24 1.77 39.40
C ARG B 146 -11.68 3.11 39.86
N ILE B 147 -10.63 3.59 39.19
CA ILE B 147 -9.96 4.85 39.54
C ILE B 147 -10.32 6.00 38.60
N THR B 148 -10.57 5.69 37.32
CA THR B 148 -10.92 6.72 36.32
C THR B 148 -12.15 6.30 35.52
N TRP B 149 -12.88 7.30 34.99
CA TRP B 149 -14.09 7.04 34.22
C TRP B 149 -14.07 7.70 32.84
N THR B 150 -13.01 8.45 32.58
CA THR B 150 -12.87 9.18 31.32
C THR B 150 -12.27 8.40 30.14
N GLY B 151 -11.77 7.20 30.41
CA GLY B 151 -11.17 6.40 29.35
C GLY B 151 -12.00 6.38 28.08
N LYS B 152 -11.35 6.59 26.94
CA LYS B 152 -12.06 6.57 25.66
C LYS B 152 -11.06 6.20 24.56
N GLU B 153 -11.34 5.09 23.88
CA GLU B 153 -10.49 4.57 22.82
C GLU B 153 -9.96 5.63 21.83
N ASP B 154 -8.65 5.69 21.65
CA ASP B 154 -8.01 6.65 20.75
C ASP B 154 -8.20 8.10 21.16
N ILE B 155 -8.81 8.34 22.32
CA ILE B 155 -9.03 9.71 22.74
C ILE B 155 -8.44 10.04 24.11
N ILE B 156 -8.90 9.37 25.16
CA ILE B 156 -8.39 9.61 26.50
C ILE B 156 -7.70 8.35 27.00
N TYR B 157 -6.44 8.49 27.42
CA TYR B 157 -5.67 7.36 27.92
C TYR B 157 -5.29 7.59 29.38
N ASN B 158 -5.80 6.76 30.28
CA ASN B 158 -5.47 6.88 31.70
C ASN B 158 -4.52 5.74 32.04
N GLY B 159 -3.34 6.06 32.56
CA GLY B 159 -2.42 5.02 32.96
C GLY B 159 -1.65 4.29 31.88
N ILE B 160 -1.91 4.65 30.62
CA ILE B 160 -1.17 4.08 29.51
C ILE B 160 -0.89 5.24 28.57
N THR B 161 0.18 5.11 27.78
CA THR B 161 0.58 6.17 26.86
C THR B 161 -0.14 6.06 25.51
N ASP B 162 -0.09 7.12 24.71
CA ASP B 162 -0.66 7.09 23.38
C ASP B 162 0.55 6.71 22.51
N TRP B 163 0.42 6.74 21.19
CA TRP B 163 1.53 6.31 20.35
C TRP B 163 2.84 7.06 20.53
N VAL B 164 2.78 8.39 20.48
CA VAL B 164 4.00 9.16 20.58
C VAL B 164 4.65 9.16 21.96
N TYR B 165 3.86 9.12 23.03
CA TYR B 165 4.45 9.06 24.36
C TYR B 165 5.12 7.68 24.56
N GLU B 166 4.52 6.63 24.02
CA GLU B 166 5.10 5.32 24.17
C GLU B 166 6.45 5.22 23.43
N GLU B 167 6.46 5.67 22.19
CA GLU B 167 7.67 5.60 21.39
C GLU B 167 8.79 6.60 21.69
N GLU B 168 8.45 7.87 21.84
CA GLU B 168 9.47 8.90 22.03
C GLU B 168 9.69 9.50 23.42
N VAL B 169 8.76 9.34 24.34
CA VAL B 169 8.92 9.95 25.65
C VAL B 169 9.25 8.95 26.74
N PHE B 170 8.37 7.97 26.97
CA PHE B 170 8.61 6.99 28.02
C PHE B 170 9.21 5.65 27.62
N SER B 171 9.26 5.33 26.33
CA SER B 171 9.79 4.03 25.90
C SER B 171 9.13 2.92 26.69
N ALA B 172 7.84 3.12 26.95
CA ALA B 172 7.06 2.14 27.68
C ALA B 172 5.62 2.44 27.42
N TYR B 173 4.78 1.45 27.59
CA TYR B 173 3.37 1.61 27.35
C TYR B 173 2.70 2.12 28.61
N SER B 174 3.26 1.71 29.73
CA SER B 174 2.74 2.06 31.04
C SER B 174 2.93 3.53 31.42
N ALA B 175 1.87 4.11 31.99
CA ALA B 175 1.91 5.49 32.45
C ALA B 175 1.37 5.57 33.88
N LEU B 176 1.83 4.65 34.73
CA LEU B 176 1.43 4.69 36.13
C LEU B 176 2.62 4.28 36.99
N TRP B 177 2.71 4.88 38.17
CA TRP B 177 3.85 4.63 39.05
C TRP B 177 3.46 4.49 40.51
N TRP B 178 3.61 3.30 41.06
CA TRP B 178 3.31 3.03 42.47
C TRP B 178 4.34 3.72 43.36
N SER B 179 3.93 4.23 44.51
CA SER B 179 4.89 4.85 45.41
C SER B 179 5.67 3.66 45.98
N PRO B 180 6.85 3.90 46.59
CA PRO B 180 7.70 2.85 47.16
C PRO B 180 7.05 1.71 47.94
N ASN B 181 6.23 2.02 48.93
CA ASN B 181 5.60 0.95 49.70
C ASN B 181 4.17 0.62 49.19
N GLY B 182 3.78 1.23 48.08
CA GLY B 182 2.48 0.96 47.49
C GLY B 182 1.26 1.73 47.96
N THR B 183 1.44 2.69 48.85
CA THR B 183 0.30 3.45 49.32
C THR B 183 -0.32 4.30 48.20
N PHE B 184 0.51 5.08 47.50
CA PHE B 184 -0.02 5.92 46.43
C PHE B 184 0.17 5.33 45.04
N LEU B 185 -0.72 5.71 44.14
CA LEU B 185 -0.63 5.30 42.74
C LEU B 185 -0.70 6.59 41.93
N ALA B 186 0.39 6.91 41.26
CA ALA B 186 0.47 8.12 40.46
C ALA B 186 0.21 7.70 39.02
N TYR B 187 -0.30 8.59 38.20
CA TYR B 187 -0.54 8.24 36.80
C TYR B 187 -0.73 9.43 35.91
N ALA B 188 -0.57 9.21 34.61
CA ALA B 188 -0.75 10.26 33.63
C ALA B 188 -2.00 9.99 32.78
N GLN B 189 -2.58 11.06 32.28
CA GLN B 189 -3.77 10.97 31.43
C GLN B 189 -3.43 11.75 30.18
N PHE B 190 -3.56 11.13 29.03
CA PHE B 190 -3.26 11.79 27.77
C PHE B 190 -4.57 12.02 27.03
N ASN B 191 -4.69 13.21 26.45
CA ASN B 191 -5.87 13.59 25.68
C ASN B 191 -5.45 13.81 24.24
N ASP B 192 -5.86 12.91 23.35
CA ASP B 192 -5.50 13.02 21.93
C ASP B 192 -6.64 13.51 21.05
N THR B 193 -7.65 14.11 21.68
CA THR B 193 -8.83 14.60 20.97
C THR B 193 -8.56 15.30 19.65
N GLU B 194 -7.57 16.19 19.62
CA GLU B 194 -7.31 16.91 18.38
C GLU B 194 -6.07 16.45 17.62
N VAL B 195 -5.46 15.34 18.05
CA VAL B 195 -4.30 14.81 17.35
C VAL B 195 -4.77 14.13 16.06
N PRO B 196 -4.17 14.49 14.91
CA PRO B 196 -4.55 13.88 13.63
C PRO B 196 -4.23 12.39 13.64
N LEU B 197 -4.97 11.63 12.83
CA LEU B 197 -4.79 10.19 12.74
C LEU B 197 -4.05 9.73 11.51
N ILE B 198 -3.15 8.76 11.67
CA ILE B 198 -2.49 8.22 10.49
C ILE B 198 -3.42 7.05 10.14
N GLU B 199 -3.66 6.87 8.84
CA GLU B 199 -4.54 5.79 8.38
C GLU B 199 -3.84 4.97 7.31
N TYR B 200 -3.92 3.66 7.44
CA TYR B 200 -3.31 2.80 6.44
C TYR B 200 -4.06 1.48 6.46
N SER B 201 -3.96 0.72 5.38
CA SER B 201 -4.65 -0.56 5.26
C SER B 201 -3.89 -1.70 5.90
N PHE B 202 -4.65 -2.68 6.38
CA PHE B 202 -4.11 -3.88 6.96
C PHE B 202 -4.93 -4.97 6.28
N TYR B 203 -4.25 -5.83 5.53
CA TYR B 203 -4.92 -6.87 4.76
C TYR B 203 -5.30 -8.13 5.52
N SER B 204 -4.53 -8.49 6.55
CA SER B 204 -4.83 -9.66 7.37
C SER B 204 -4.77 -10.96 6.57
N ASP B 205 -5.37 -12.02 7.10
CA ASP B 205 -5.39 -13.29 6.41
C ASP B 205 -6.20 -13.17 5.14
N GLU B 206 -5.87 -14.03 4.20
CA GLU B 206 -6.51 -14.08 2.89
C GLU B 206 -8.03 -14.14 2.98
N SER B 207 -8.54 -14.68 4.09
CA SER B 207 -9.99 -14.81 4.28
C SER B 207 -10.73 -13.49 4.47
N LEU B 208 -10.02 -12.45 4.91
CA LEU B 208 -10.67 -11.16 5.10
C LEU B 208 -11.01 -10.55 3.71
N GLN B 209 -12.30 -10.36 3.43
CA GLN B 209 -12.74 -9.85 2.13
C GLN B 209 -12.39 -8.38 1.87
N TYR B 210 -12.68 -7.51 2.84
CA TYR B 210 -12.37 -6.08 2.74
C TYR B 210 -11.20 -5.74 3.65
N PRO B 211 -10.19 -5.03 3.13
CA PRO B 211 -9.04 -4.69 3.98
C PRO B 211 -9.53 -3.81 5.11
N LYS B 212 -8.83 -3.87 6.24
CA LYS B 212 -9.17 -3.04 7.37
C LYS B 212 -8.36 -1.76 7.31
N THR B 213 -8.93 -0.65 7.78
CA THR B 213 -8.18 0.60 7.83
C THR B 213 -7.76 0.86 9.27
N VAL B 214 -6.46 0.78 9.51
CA VAL B 214 -5.94 1.04 10.84
C VAL B 214 -5.83 2.56 11.02
N ARG B 215 -6.34 3.06 12.13
CA ARG B 215 -6.32 4.50 12.42
C ARG B 215 -5.72 4.74 13.80
N VAL B 216 -4.64 5.52 13.86
CA VAL B 216 -4.03 5.82 15.15
C VAL B 216 -3.59 7.28 15.32
N PRO B 217 -3.93 7.88 16.48
CA PRO B 217 -3.57 9.27 16.79
C PRO B 217 -2.04 9.31 16.72
N TYR B 218 -1.53 10.12 15.80
CA TYR B 218 -0.10 10.21 15.58
C TYR B 218 0.18 11.62 15.10
N PRO B 219 0.87 12.41 15.92
CA PRO B 219 1.18 13.78 15.52
C PRO B 219 2.47 13.88 14.69
N LYS B 220 2.34 14.25 13.42
CA LYS B 220 3.51 14.41 12.56
C LYS B 220 4.12 15.77 12.92
N ALA B 221 5.32 16.07 12.43
CA ALA B 221 5.97 17.32 12.81
C ALA B 221 5.13 18.58 12.58
N GLY B 222 5.00 19.38 13.63
CA GLY B 222 4.25 20.61 13.52
C GLY B 222 2.77 20.48 13.82
N ALA B 223 2.27 19.25 13.95
CA ALA B 223 0.84 19.02 14.20
C ALA B 223 0.42 19.15 15.67
N VAL B 224 -0.89 19.10 15.92
CA VAL B 224 -1.43 19.20 17.29
C VAL B 224 -1.00 17.99 18.11
N ASN B 225 -0.32 18.25 19.23
CA ASN B 225 0.15 17.19 20.13
C ASN B 225 -0.87 16.85 21.18
N PRO B 226 -0.75 15.65 21.79
CA PRO B 226 -1.70 15.28 22.84
C PRO B 226 -1.36 16.16 24.03
N THR B 227 -2.32 16.38 24.91
CA THR B 227 -2.05 17.19 26.10
C THR B 227 -1.99 16.19 27.22
N VAL B 228 -1.43 16.57 28.36
CA VAL B 228 -1.28 15.63 29.46
C VAL B 228 -1.57 16.23 30.82
N LYS B 229 -2.04 15.37 31.71
CA LYS B 229 -2.33 15.73 33.11
C LYS B 229 -1.77 14.64 34.01
N PHE B 230 -1.41 15.03 35.23
CA PHE B 230 -0.82 14.11 36.19
C PHE B 230 -1.64 14.04 37.47
N PHE B 231 -1.86 12.83 37.97
CA PHE B 231 -2.65 12.63 39.18
C PHE B 231 -2.03 11.63 40.14
N VAL B 232 -2.43 11.71 41.41
CA VAL B 232 -1.98 10.78 42.42
C VAL B 232 -3.20 10.37 43.29
N VAL B 233 -3.42 9.07 43.46
CA VAL B 233 -4.53 8.60 44.30
C VAL B 233 -3.99 7.72 45.43
N ASN B 234 -4.59 7.84 46.62
CA ASN B 234 -4.18 7.04 47.78
C ASN B 234 -4.95 5.72 47.77
N THR B 235 -4.29 4.64 47.38
CA THR B 235 -4.96 3.35 47.29
C THR B 235 -5.31 2.76 48.64
N ASP B 236 -4.66 3.22 49.72
CA ASP B 236 -4.97 2.69 51.04
C ASP B 236 -6.33 3.14 51.51
N SER B 237 -6.91 4.12 50.83
CA SER B 237 -8.22 4.62 51.23
C SER B 237 -9.36 4.06 50.36
N LEU B 238 -9.01 3.27 49.34
CA LEU B 238 -10.02 2.73 48.44
C LEU B 238 -11.15 1.98 49.12
N SER B 239 -10.82 1.18 50.13
CA SER B 239 -11.85 0.40 50.81
C SER B 239 -12.58 1.16 51.90
N SER B 240 -12.31 2.47 52.01
CA SER B 240 -12.95 3.29 53.03
C SER B 240 -13.85 4.39 52.49
N VAL B 241 -13.66 4.75 51.23
CA VAL B 241 -14.50 5.76 50.61
C VAL B 241 -15.06 5.16 49.33
N THR B 242 -16.26 5.60 48.94
CA THR B 242 -16.87 5.05 47.73
C THR B 242 -16.11 5.42 46.45
N ASN B 243 -15.55 6.61 46.41
CA ASN B 243 -14.85 7.06 45.20
C ASN B 243 -13.60 7.87 45.52
N ALA B 244 -12.48 7.20 45.76
CA ALA B 244 -11.21 7.88 46.09
C ALA B 244 -10.87 9.02 45.13
N THR B 245 -10.44 10.14 45.68
CA THR B 245 -10.10 11.34 44.91
C THR B 245 -8.69 11.29 44.33
N SER B 246 -8.58 11.51 43.02
CA SER B 246 -7.31 11.56 42.33
C SER B 246 -6.87 13.01 42.41
N ILE B 247 -5.79 13.27 43.14
CA ILE B 247 -5.30 14.63 43.31
C ILE B 247 -4.42 15.02 42.13
N GLN B 248 -4.72 16.12 41.48
CA GLN B 248 -3.92 16.52 40.33
C GLN B 248 -2.72 17.37 40.72
N ILE B 249 -1.60 17.17 40.03
CA ILE B 249 -0.43 17.99 40.29
C ILE B 249 -0.21 18.70 38.96
N THR B 250 -0.44 20.01 38.94
CA THR B 250 -0.30 20.75 37.71
C THR B 250 1.14 21.11 37.36
N ALA B 251 1.40 21.23 36.06
CA ALA B 251 2.72 21.58 35.55
C ALA B 251 3.06 23.00 35.96
N PRO B 252 4.36 23.33 36.06
CA PRO B 252 4.73 24.70 36.44
C PRO B 252 4.27 25.73 35.40
N ALA B 253 4.13 26.97 35.85
CA ALA B 253 3.69 28.07 34.98
C ALA B 253 4.59 28.21 33.75
N SER B 254 5.88 27.91 33.91
CA SER B 254 6.82 28.01 32.79
C SER B 254 6.53 27.00 31.68
N MET B 255 5.72 25.99 31.98
CA MET B 255 5.37 24.96 30.99
C MET B 255 3.96 25.22 30.47
N LEU B 256 3.09 25.70 31.34
CA LEU B 256 1.71 25.96 30.96
C LEU B 256 1.55 27.08 29.92
N ILE B 257 2.58 27.91 29.72
CA ILE B 257 2.51 28.98 28.73
C ILE B 257 2.40 28.44 27.30
N GLY B 258 2.80 27.20 27.09
CA GLY B 258 2.70 26.63 25.75
C GLY B 258 2.62 25.11 25.75
N ASP B 259 2.77 24.50 24.58
CA ASP B 259 2.77 23.05 24.48
C ASP B 259 3.95 22.51 25.28
N HIS B 260 3.75 21.38 25.94
CA HIS B 260 4.81 20.77 26.74
C HIS B 260 4.57 19.26 26.86
N TYR B 261 5.47 18.59 27.55
CA TYR B 261 5.39 17.15 27.78
C TYR B 261 5.76 16.81 29.22
N LEU B 262 5.20 15.72 29.73
CA LEU B 262 5.59 15.23 31.04
C LEU B 262 6.64 14.21 30.56
N CYS B 263 7.90 14.34 30.99
CA CYS B 263 8.89 13.39 30.49
C CYS B 263 9.55 12.44 31.49
N ASP B 264 9.23 12.61 32.77
CA ASP B 264 9.79 11.73 33.79
C ASP B 264 9.02 11.82 35.09
N VAL B 265 8.84 10.65 35.71
CA VAL B 265 8.17 10.54 36.99
C VAL B 265 9.03 9.59 37.81
N THR B 266 9.40 10.03 39.01
CA THR B 266 10.24 9.23 39.88
C THR B 266 9.92 9.55 41.32
N TRP B 267 9.54 8.53 42.07
CA TRP B 267 9.24 8.71 43.49
C TRP B 267 10.56 8.83 44.24
N ALA B 268 10.60 9.70 45.24
CA ALA B 268 11.81 9.87 46.04
C ALA B 268 11.63 9.14 47.36
N THR B 269 10.47 9.32 47.98
CA THR B 269 10.14 8.67 49.25
C THR B 269 8.68 8.28 49.22
N GLN B 270 8.18 7.78 50.35
CA GLN B 270 6.79 7.35 50.48
C GLN B 270 5.87 8.54 50.27
N GLU B 271 6.36 9.75 50.53
CA GLU B 271 5.54 10.93 50.39
C GLU B 271 6.14 12.07 49.58
N ARG B 272 7.00 11.74 48.63
CA ARG B 272 7.63 12.77 47.80
C ARG B 272 7.85 12.21 46.41
N ILE B 273 7.33 12.93 45.42
CA ILE B 273 7.48 12.49 44.04
C ILE B 273 8.12 13.61 43.22
N SER B 274 8.95 13.23 42.25
CA SER B 274 9.58 14.21 41.40
C SER B 274 9.02 14.03 39.99
N LEU B 275 8.84 15.14 39.30
CA LEU B 275 8.29 15.15 37.95
C LEU B 275 9.11 16.07 37.07
N GLN B 276 9.45 15.64 35.87
CA GLN B 276 10.18 16.51 34.96
C GLN B 276 9.27 16.82 33.78
N TRP B 277 9.23 18.09 33.42
CA TRP B 277 8.43 18.55 32.30
C TRP B 277 9.39 19.10 31.23
N LEU B 278 8.97 19.04 29.98
CA LEU B 278 9.79 19.52 28.87
C LEU B 278 8.90 20.33 27.92
N ARG B 279 9.39 21.49 27.50
CA ARG B 279 8.65 22.35 26.58
C ARG B 279 8.64 21.73 25.21
N ARG B 280 7.65 22.05 24.38
CA ARG B 280 7.63 21.49 23.03
C ARG B 280 8.96 21.82 22.33
N ILE B 281 9.56 22.96 22.64
CA ILE B 281 10.90 23.27 22.10
C ILE B 281 11.76 22.62 23.17
N GLN B 282 12.25 21.44 22.86
CA GLN B 282 12.99 20.61 23.79
C GLN B 282 14.35 21.00 24.36
N ASN B 283 14.59 22.28 24.57
CA ASN B 283 15.87 22.69 25.15
C ASN B 283 15.68 23.32 26.52
N TYR B 284 14.50 23.09 27.10
CA TYR B 284 14.19 23.63 28.41
C TYR B 284 13.30 22.66 29.20
N SER B 285 13.82 22.14 30.31
CA SER B 285 13.06 21.22 31.15
C SER B 285 13.04 21.71 32.58
N VAL B 286 11.99 21.32 33.30
CA VAL B 286 11.82 21.72 34.69
C VAL B 286 11.44 20.54 35.58
N MET B 287 12.14 20.37 36.69
CA MET B 287 11.79 19.30 37.60
C MET B 287 11.16 19.85 38.87
N ASP B 288 9.98 19.33 39.21
CA ASP B 288 9.30 19.74 40.45
C ASP B 288 9.47 18.56 41.43
N ILE B 289 9.53 18.87 42.71
CA ILE B 289 9.65 17.86 43.74
C ILE B 289 8.48 18.17 44.66
N CYS B 290 7.52 17.24 44.70
CA CYS B 290 6.29 17.46 45.43
C CYS B 290 6.07 16.58 46.65
N ASP B 291 5.68 17.21 47.74
CA ASP B 291 5.44 16.53 49.00
C ASP B 291 3.97 16.43 49.36
N TYR B 292 3.60 15.31 49.97
CA TYR B 292 2.24 15.08 50.39
C TYR B 292 1.98 15.90 51.66
N ASP B 293 0.86 16.61 51.69
CA ASP B 293 0.43 17.42 52.83
C ASP B 293 -0.70 16.66 53.53
N GLU B 294 -0.35 15.95 54.58
CA GLU B 294 -1.26 15.12 55.35
C GLU B 294 -2.49 15.81 55.92
N SER B 295 -2.44 17.13 56.05
CA SER B 295 -3.57 17.87 56.60
C SER B 295 -4.55 18.26 55.51
N SER B 296 -4.04 18.53 54.32
CA SER B 296 -4.91 18.91 53.20
C SER B 296 -5.06 17.78 52.18
N GLY B 297 -4.34 16.69 52.39
CA GLY B 297 -4.43 15.59 51.44
C GLY B 297 -4.04 16.04 50.04
N ARG B 298 -3.31 17.14 49.96
CA ARG B 298 -2.87 17.70 48.67
C ARG B 298 -1.37 17.51 48.43
N TRP B 299 -0.92 17.77 47.21
CA TRP B 299 0.48 17.65 46.86
C TRP B 299 1.05 19.01 46.46
N ASN B 300 2.05 19.48 47.19
CA ASN B 300 2.65 20.78 46.89
C ASN B 300 4.11 20.68 46.48
N CYS B 301 4.49 21.48 45.50
CA CYS B 301 5.87 21.49 45.00
C CYS B 301 6.47 22.88 45.22
N LEU B 302 7.34 23.01 46.22
CA LEU B 302 7.97 24.30 46.52
C LEU B 302 8.89 24.73 45.40
N VAL B 303 8.75 25.96 44.96
CA VAL B 303 9.62 26.44 43.89
C VAL B 303 11.08 26.38 44.33
N ALA B 304 11.33 26.43 45.64
CA ALA B 304 12.72 26.32 46.11
C ALA B 304 13.29 24.91 45.83
N ARG B 305 12.42 23.97 45.43
CA ARG B 305 12.87 22.62 45.13
C ARG B 305 12.78 22.30 43.66
N GLN B 306 12.51 23.34 42.87
CA GLN B 306 12.38 23.20 41.43
C GLN B 306 13.76 23.31 40.78
N HIS B 307 14.06 22.44 39.83
CA HIS B 307 15.34 22.46 39.14
C HIS B 307 15.17 22.60 37.64
N ILE B 308 15.90 23.56 37.06
CA ILE B 308 15.84 23.83 35.64
C ILE B 308 17.01 23.20 34.91
N GLU B 309 16.74 22.67 33.73
CA GLU B 309 17.78 22.05 32.91
C GLU B 309 17.57 22.44 31.47
N MET B 310 18.48 23.23 30.94
CA MET B 310 18.35 23.69 29.57
C MET B 310 19.62 23.46 28.74
N SER B 311 19.53 23.73 27.45
CA SER B 311 20.69 23.54 26.59
C SER B 311 20.77 24.66 25.59
N THR B 312 22.00 25.13 25.38
CA THR B 312 22.24 26.22 24.45
C THR B 312 22.71 25.69 23.10
N THR B 313 23.31 24.50 23.11
CA THR B 313 23.81 23.88 21.90
C THR B 313 22.88 22.86 21.23
N GLY B 314 21.95 22.30 21.99
CA GLY B 314 21.05 21.34 21.39
C GLY B 314 19.76 21.12 22.17
N TRP B 315 19.41 19.85 22.31
CA TRP B 315 18.22 19.49 23.05
C TRP B 315 18.68 19.05 24.43
N VAL B 316 17.75 18.69 25.30
CA VAL B 316 18.11 18.26 26.64
C VAL B 316 18.13 16.73 26.73
N GLY B 317 19.24 16.20 27.24
CA GLY B 317 19.39 14.76 27.38
C GLY B 317 19.85 14.11 26.10
N ARG B 318 20.14 12.82 26.13
CA ARG B 318 20.54 12.12 24.92
C ARG B 318 19.27 11.97 24.07
N PHE B 319 18.21 11.41 24.65
CA PHE B 319 16.92 11.24 23.95
C PHE B 319 15.80 11.86 24.78
N ARG B 320 16.12 12.24 26.02
CA ARG B 320 15.16 12.83 26.95
C ARG B 320 15.94 13.21 28.21
N PRO B 321 15.43 14.15 29.01
CA PRO B 321 16.18 14.49 30.22
C PRO B 321 16.40 13.24 31.09
N SER B 322 17.57 13.16 31.71
CA SER B 322 17.93 12.01 32.54
C SER B 322 17.10 11.88 33.82
N GLU B 323 16.97 10.65 34.31
CA GLU B 323 16.19 10.41 35.51
C GLU B 323 17.03 10.60 36.77
N PRO B 324 16.42 11.11 37.85
CA PRO B 324 17.13 11.33 39.11
C PRO B 324 17.21 10.04 39.94
N HIS B 325 18.24 9.91 40.76
CA HIS B 325 18.41 8.75 41.62
C HIS B 325 18.53 9.35 43.03
N PHE B 326 17.47 9.19 43.82
CA PHE B 326 17.44 9.75 45.16
C PHE B 326 18.12 8.94 46.25
N THR B 327 18.73 9.64 47.19
CA THR B 327 19.36 8.99 48.33
C THR B 327 18.17 8.48 49.15
N LEU B 328 18.39 7.55 50.06
CA LEU B 328 17.31 6.99 50.86
C LEU B 328 16.37 8.03 51.51
N ASP B 329 16.92 9.02 52.19
CA ASP B 329 16.08 10.03 52.85
C ASP B 329 15.36 10.99 51.89
N GLY B 330 15.59 10.83 50.59
CA GLY B 330 14.95 11.70 49.62
C GLY B 330 15.36 13.16 49.65
N ASN B 331 16.44 13.51 50.35
CA ASN B 331 16.85 14.90 50.43
C ASN B 331 17.90 15.35 49.41
N SER B 332 18.41 14.41 48.62
CA SER B 332 19.38 14.71 47.59
C SER B 332 19.28 13.64 46.50
N PHE B 333 19.80 13.93 45.31
CA PHE B 333 19.73 12.97 44.22
C PHE B 333 20.90 13.16 43.25
N TYR B 334 21.16 12.13 42.46
CA TYR B 334 22.22 12.18 41.46
C TYR B 334 21.55 12.13 40.11
N LYS B 335 22.13 12.81 39.14
CA LYS B 335 21.58 12.89 37.79
C LYS B 335 22.73 13.08 36.80
N ILE B 336 22.63 12.45 35.63
CA ILE B 336 23.66 12.60 34.61
C ILE B 336 23.27 13.84 33.81
N ILE B 337 24.20 14.75 33.61
CA ILE B 337 23.95 15.96 32.83
C ILE B 337 25.27 16.36 32.21
N SER B 338 25.24 17.09 31.09
CA SER B 338 26.51 17.45 30.49
C SER B 338 27.11 18.62 31.21
N ASN B 339 28.39 18.49 31.52
CA ASN B 339 29.11 19.53 32.24
C ASN B 339 29.42 20.69 31.29
N GLU B 340 30.23 21.63 31.77
CA GLU B 340 30.58 22.79 30.97
C GLU B 340 31.33 22.45 29.67
N GLU B 341 32.07 21.35 29.68
CA GLU B 341 32.83 20.92 28.51
C GLU B 341 31.94 20.20 27.49
N GLY B 342 30.73 19.85 27.88
CA GLY B 342 29.85 19.13 26.98
C GLY B 342 29.79 17.62 27.21
N TYR B 343 30.45 17.11 28.25
CA TYR B 343 30.42 15.66 28.54
C TYR B 343 29.45 15.34 29.66
N ARG B 344 28.71 14.25 29.49
CA ARG B 344 27.71 13.83 30.46
C ARG B 344 28.32 13.11 31.64
N HIS B 345 28.13 13.71 32.81
CA HIS B 345 28.69 13.19 34.06
C HIS B 345 27.68 13.26 35.20
N ILE B 346 27.98 12.57 36.30
CA ILE B 346 27.05 12.57 37.41
C ILE B 346 27.16 13.81 38.27
N CYS B 347 26.03 14.48 38.47
CA CYS B 347 25.97 15.69 39.29
C CYS B 347 25.14 15.36 40.53
N TYR B 348 25.62 15.82 41.69
CA TYR B 348 24.95 15.58 42.96
C TYR B 348 24.17 16.83 43.38
N PHE B 349 22.86 16.65 43.60
CA PHE B 349 21.93 17.74 43.95
C PHE B 349 21.32 17.62 45.38
N GLN B 350 21.14 18.76 46.03
CA GLN B 350 20.47 18.83 47.33
C GLN B 350 19.10 19.26 46.81
N ILE B 351 18.00 18.67 47.27
CA ILE B 351 16.72 19.05 46.69
C ILE B 351 16.33 20.53 46.71
N ASP B 352 16.87 21.31 47.65
CA ASP B 352 16.51 22.72 47.72
C ASP B 352 17.65 23.69 47.42
N LYS B 353 18.62 23.24 46.64
CA LYS B 353 19.74 24.08 46.24
C LYS B 353 19.87 23.91 44.73
N LYS B 354 19.92 25.03 44.03
CA LYS B 354 19.98 24.99 42.58
C LYS B 354 21.31 24.57 41.95
N ASP B 355 22.43 24.81 42.61
CA ASP B 355 23.71 24.43 42.02
C ASP B 355 24.17 23.04 42.46
N CYS B 356 24.39 22.15 41.50
CA CYS B 356 24.83 20.82 41.85
C CYS B 356 26.35 20.73 41.81
N THR B 357 26.87 19.57 42.22
CA THR B 357 28.30 19.33 42.24
C THR B 357 28.58 18.10 41.40
N PHE B 358 29.46 18.24 40.41
CA PHE B 358 29.82 17.11 39.58
C PHE B 358 30.70 16.14 40.33
N ILE B 359 30.41 14.85 40.30
CA ILE B 359 31.25 13.91 41.01
C ILE B 359 32.18 13.11 40.11
N THR B 360 31.97 13.21 38.80
CA THR B 360 32.83 12.55 37.83
C THR B 360 33.12 13.60 36.79
N LYS B 361 34.21 13.42 36.05
CA LYS B 361 34.57 14.37 35.01
C LYS B 361 35.61 13.73 34.10
N GLY B 362 35.83 14.32 32.95
CA GLY B 362 36.79 13.78 32.00
C GLY B 362 36.24 13.84 30.59
N THR B 363 37.09 13.54 29.61
CA THR B 363 36.65 13.56 28.22
C THR B 363 36.15 12.16 27.87
N TRP B 364 35.06 11.77 28.50
CA TRP B 364 34.37 10.49 28.31
C TRP B 364 33.01 10.71 28.94
N GLU B 365 32.13 9.73 28.89
CA GLU B 365 30.83 9.95 29.46
C GLU B 365 30.27 8.80 30.28
N VAL B 366 29.38 9.18 31.20
CA VAL B 366 28.70 8.21 32.03
C VAL B 366 27.48 7.78 31.20
N ILE B 367 27.28 6.47 31.08
CA ILE B 367 26.18 5.91 30.33
C ILE B 367 24.91 5.84 31.17
N GLY B 368 25.05 5.42 32.43
CA GLY B 368 23.90 5.33 33.32
C GLY B 368 24.30 5.06 34.76
N ILE B 369 23.40 5.34 35.69
CA ILE B 369 23.64 5.09 37.11
C ILE B 369 22.89 3.78 37.34
N GLU B 370 23.59 2.76 37.83
CA GLU B 370 23.01 1.42 38.04
C GLU B 370 22.51 1.11 39.45
N ALA B 371 23.14 1.70 40.46
CA ALA B 371 22.71 1.47 41.82
C ALA B 371 23.31 2.52 42.74
N LEU B 372 22.64 2.70 43.87
CA LEU B 372 23.01 3.68 44.87
C LEU B 372 22.80 3.06 46.22
N THR B 373 23.84 3.05 47.05
CA THR B 373 23.74 2.53 48.41
C THR B 373 24.18 3.69 49.31
N SER B 374 24.05 3.52 50.63
CA SER B 374 24.44 4.59 51.53
C SER B 374 25.92 4.97 51.38
N ASP B 375 26.74 4.03 50.93
CA ASP B 375 28.17 4.28 50.77
C ASP B 375 28.74 4.38 49.35
N TYR B 376 28.10 3.76 48.37
CA TYR B 376 28.60 3.79 46.99
C TYR B 376 27.54 3.99 45.90
N LEU B 377 27.96 4.60 44.79
CA LEU B 377 27.09 4.75 43.63
C LEU B 377 27.83 3.98 42.53
N TYR B 378 27.10 3.12 41.83
CA TYR B 378 27.66 2.30 40.75
C TYR B 378 27.16 2.83 39.41
N TYR B 379 28.07 2.99 38.45
CA TYR B 379 27.68 3.52 37.15
C TYR B 379 28.43 2.85 36.00
N ILE B 380 27.92 2.98 34.78
CA ILE B 380 28.57 2.40 33.60
C ILE B 380 29.09 3.61 32.83
N SER B 381 30.30 3.50 32.28
CA SER B 381 30.85 4.60 31.50
C SER B 381 31.79 4.03 30.44
N ASN B 382 32.21 4.88 29.51
CA ASN B 382 33.13 4.45 28.45
C ASN B 382 34.51 5.07 28.69
N GLU B 383 34.84 5.34 29.95
CA GLU B 383 36.14 5.91 30.27
C GLU B 383 37.31 5.00 29.93
N TYR B 384 37.16 3.70 30.16
CA TYR B 384 38.28 2.78 29.94
C TYR B 384 38.96 2.86 28.59
N LYS B 385 40.27 3.10 28.65
CA LYS B 385 41.12 3.21 27.46
C LYS B 385 40.66 4.26 26.46
N GLY B 386 39.84 5.20 26.92
CA GLY B 386 39.34 6.23 26.04
C GLY B 386 38.54 5.69 24.85
N MET B 387 37.91 4.53 25.03
CA MET B 387 37.11 3.90 23.95
C MET B 387 35.64 4.24 24.12
N PRO B 388 35.12 5.18 23.32
CA PRO B 388 33.70 5.54 23.44
C PRO B 388 32.74 4.39 23.19
N GLY B 389 33.23 3.37 22.49
CA GLY B 389 32.41 2.20 22.18
C GLY B 389 32.54 1.05 23.16
N GLY B 390 33.24 1.26 24.27
CA GLY B 390 33.37 0.24 25.30
C GLY B 390 32.50 0.64 26.49
N ARG B 391 32.14 -0.30 27.36
CA ARG B 391 31.30 0.00 28.53
C ARG B 391 31.82 -0.76 29.76
N ASN B 392 32.04 -0.07 30.87
CA ASN B 392 32.50 -0.74 32.09
C ASN B 392 31.78 -0.27 33.36
N LEU B 393 31.73 -1.16 34.36
CA LEU B 393 31.09 -0.85 35.62
C LEU B 393 32.09 -0.23 36.60
N TYR B 394 31.70 0.90 37.21
CA TYR B 394 32.52 1.58 38.20
C TYR B 394 31.75 1.78 39.50
N LYS B 395 32.52 1.99 40.55
CA LYS B 395 32.01 2.19 41.90
C LYS B 395 32.69 3.45 42.44
N ILE B 396 31.92 4.37 42.98
CA ILE B 396 32.53 5.58 43.51
C ILE B 396 32.10 5.79 44.95
N GLN B 397 33.09 6.00 45.82
CA GLN B 397 32.82 6.19 47.25
C GLN B 397 32.17 7.53 47.49
N LEU B 398 30.97 7.51 48.08
CA LEU B 398 30.23 8.73 48.33
C LEU B 398 30.90 9.69 49.30
N SER B 399 31.69 9.16 50.23
CA SER B 399 32.39 9.99 51.21
C SER B 399 33.78 10.44 50.73
N ASP B 400 34.18 10.02 49.52
CA ASP B 400 35.49 10.38 48.97
C ASP B 400 35.50 10.12 47.46
N TYR B 401 35.07 11.13 46.69
CA TYR B 401 34.98 11.03 45.24
C TYR B 401 36.25 10.64 44.49
N THR B 402 37.41 10.84 45.11
CA THR B 402 38.67 10.50 44.46
C THR B 402 38.85 8.99 44.49
N LYS B 403 37.95 8.31 45.17
CA LYS B 403 38.02 6.86 45.27
C LYS B 403 37.03 6.21 44.31
N VAL B 404 37.52 5.91 43.11
CA VAL B 404 36.75 5.30 42.05
C VAL B 404 37.38 3.97 41.68
N THR B 405 36.61 2.90 41.70
CA THR B 405 37.15 1.59 41.36
C THR B 405 36.44 1.04 40.14
N CYS B 406 37.18 0.56 39.14
CA CYS B 406 36.54 -0.04 37.98
C CYS B 406 36.36 -1.52 38.33
N LEU B 407 35.10 -1.96 38.39
CA LEU B 407 34.78 -3.33 38.76
C LEU B 407 34.82 -4.36 37.63
N SER B 408 34.97 -3.92 36.39
CA SER B 408 34.95 -4.87 35.27
C SER B 408 36.09 -4.76 34.28
N CYS B 409 36.74 -3.59 34.21
CA CYS B 409 37.83 -3.34 33.27
C CYS B 409 38.83 -4.47 33.06
N GLU B 410 39.39 -4.95 34.17
CA GLU B 410 40.43 -5.97 34.16
C GLU B 410 39.99 -7.42 34.34
N LEU B 411 38.70 -7.68 34.41
CA LEU B 411 38.22 -9.06 34.59
C LEU B 411 38.74 -10.00 33.50
N ASN B 412 38.62 -9.59 32.24
CA ASN B 412 39.10 -10.36 31.10
C ASN B 412 39.09 -9.35 29.96
N PRO B 413 40.08 -8.45 29.98
CA PRO B 413 40.28 -7.37 29.03
C PRO B 413 40.32 -7.69 27.55
N GLU B 414 40.71 -8.92 27.19
CA GLU B 414 40.79 -9.29 25.78
C GLU B 414 39.41 -9.72 25.31
N ARG B 415 38.71 -10.47 26.16
CA ARG B 415 37.39 -10.98 25.82
C ARG B 415 36.24 -10.04 26.14
N CYS B 416 36.39 -9.23 27.18
CA CYS B 416 35.32 -8.35 27.66
C CYS B 416 35.55 -6.86 27.77
N GLN B 417 34.86 -6.08 26.95
CA GLN B 417 35.01 -4.63 26.97
C GLN B 417 33.65 -3.92 26.93
N TYR B 418 32.56 -4.69 26.95
CA TYR B 418 31.22 -4.09 26.89
C TYR B 418 30.33 -4.77 27.92
N TYR B 419 30.17 -4.11 29.05
CA TYR B 419 29.39 -4.65 30.15
C TYR B 419 28.06 -3.94 30.45
N SER B 420 27.09 -4.72 30.96
CA SER B 420 25.82 -4.18 31.44
C SER B 420 25.76 -4.93 32.78
N VAL B 421 24.94 -4.45 33.71
CA VAL B 421 24.89 -5.08 35.02
C VAL B 421 23.47 -5.20 35.56
N SER B 422 23.29 -6.10 36.52
CA SER B 422 22.01 -6.32 37.18
C SER B 422 22.21 -6.60 38.68
N PHE B 423 21.89 -5.62 39.51
CA PHE B 423 22.05 -5.76 40.96
C PHE B 423 20.87 -6.43 41.62
N SER B 424 21.09 -7.04 42.78
CA SER B 424 20.01 -7.69 43.53
C SER B 424 19.21 -6.57 44.18
N LYS B 425 18.15 -6.90 44.92
CA LYS B 425 17.31 -5.87 45.53
C LYS B 425 17.99 -4.75 46.30
N GLU B 426 18.90 -5.09 47.20
CA GLU B 426 19.60 -4.07 47.98
C GLU B 426 21.05 -3.95 47.50
N ALA B 427 21.29 -4.39 46.26
CA ALA B 427 22.63 -4.34 45.65
C ALA B 427 23.66 -5.22 46.36
N LYS B 428 23.20 -6.26 47.07
CA LYS B 428 24.12 -7.14 47.78
C LYS B 428 24.91 -8.01 46.79
N TYR B 429 24.35 -8.24 45.61
CA TYR B 429 25.02 -9.04 44.56
C TYR B 429 24.78 -8.37 43.22
N TYR B 430 25.58 -8.74 42.23
CA TYR B 430 25.37 -8.23 40.90
C TYR B 430 25.85 -9.19 39.83
N GLN B 431 25.07 -9.28 38.75
CA GLN B 431 25.42 -10.12 37.62
C GLN B 431 26.04 -9.21 36.59
N LEU B 432 27.21 -9.58 36.10
CA LEU B 432 27.84 -8.80 35.06
C LEU B 432 27.55 -9.50 33.75
N ARG B 433 27.19 -8.71 32.74
CA ARG B 433 26.91 -9.24 31.42
C ARG B 433 27.90 -8.64 30.44
N CYS B 434 28.86 -9.44 30.01
CA CYS B 434 29.86 -9.00 29.04
C CYS B 434 29.28 -9.38 27.68
N SER B 435 29.26 -8.46 26.73
CA SER B 435 28.70 -8.80 25.43
C SER B 435 29.67 -8.67 24.26
N GLY B 436 30.95 -8.49 24.54
CA GLY B 436 31.95 -8.38 23.50
C GLY B 436 33.25 -7.79 24.01
N PRO B 437 34.33 -7.82 23.21
CA PRO B 437 34.40 -8.28 21.81
C PRO B 437 34.42 -9.80 21.58
N GLY B 438 34.56 -10.58 22.65
CA GLY B 438 34.57 -12.03 22.52
C GLY B 438 33.17 -12.56 22.77
N LEU B 439 33.02 -13.86 22.92
CA LEU B 439 31.70 -14.43 23.16
C LEU B 439 31.14 -13.94 24.51
N PRO B 440 29.84 -13.64 24.56
CA PRO B 440 29.21 -13.16 25.80
C PRO B 440 29.54 -14.04 26.99
N LEU B 441 29.80 -13.38 28.12
CA LEU B 441 30.14 -14.07 29.36
C LEU B 441 29.30 -13.49 30.51
N TYR B 442 28.58 -14.35 31.22
CA TYR B 442 27.73 -13.92 32.33
C TYR B 442 28.32 -14.40 33.67
N THR B 443 28.53 -13.47 34.59
CA THR B 443 29.14 -13.80 35.89
C THR B 443 28.40 -13.19 37.07
N LEU B 444 28.53 -13.81 38.25
CA LEU B 444 27.87 -13.35 39.47
C LEU B 444 28.93 -12.91 40.48
N HIS B 445 28.69 -11.78 41.13
CA HIS B 445 29.65 -11.22 42.08
C HIS B 445 28.99 -10.75 43.35
N SER B 446 29.77 -10.70 44.43
N SER B 446 29.76 -10.71 44.44
CA SER B 446 29.27 -10.25 45.72
CA SER B 446 29.24 -10.26 45.72
C SER B 446 29.74 -8.81 45.92
C SER B 446 29.73 -8.83 45.94
N SER B 447 28.80 -7.93 46.24
CA SER B 447 29.14 -6.51 46.43
C SER B 447 29.94 -6.20 47.70
N VAL B 448 29.80 -7.04 48.72
CA VAL B 448 30.49 -6.80 49.97
C VAL B 448 32.01 -6.81 49.85
N ASN B 449 32.53 -7.61 48.92
CA ASN B 449 33.98 -7.70 48.72
C ASN B 449 34.38 -7.63 47.24
N ASP B 450 33.40 -7.40 46.37
CA ASP B 450 33.63 -7.35 44.93
C ASP B 450 34.35 -8.58 44.39
N LYS B 451 34.06 -9.73 44.98
CA LYS B 451 34.69 -10.98 44.54
C LYS B 451 33.78 -11.76 43.61
N GLY B 452 34.38 -12.40 42.60
CA GLY B 452 33.64 -13.19 41.66
C GLY B 452 33.12 -14.42 42.36
N LEU B 453 31.82 -14.69 42.26
CA LEU B 453 31.24 -15.86 42.91
C LEU B 453 31.30 -17.05 41.97
N ARG B 454 30.96 -16.84 40.69
CA ARG B 454 30.97 -17.93 39.73
C ARG B 454 30.56 -17.47 38.35
N VAL B 455 30.88 -18.29 37.34
CA VAL B 455 30.54 -18.04 35.95
C VAL B 455 29.14 -18.64 35.76
N LEU B 456 28.23 -17.85 35.22
CA LEU B 456 26.87 -18.33 35.01
C LEU B 456 26.69 -18.96 33.63
N GLU B 457 27.37 -18.38 32.63
CA GLU B 457 27.30 -18.85 31.25
C GLU B 457 28.50 -18.29 30.51
N ASP B 458 29.28 -19.16 29.90
CA ASP B 458 30.49 -18.76 29.18
C ASP B 458 30.40 -19.02 27.67
N ASN B 459 29.29 -19.62 27.23
CA ASN B 459 29.11 -19.91 25.83
C ASN B 459 30.18 -20.86 25.28
N SER B 460 30.63 -21.79 26.11
CA SER B 460 31.65 -22.75 25.70
C SER B 460 31.11 -23.63 24.57
N ALA B 461 29.83 -24.00 24.64
CA ALA B 461 29.19 -24.82 23.60
C ALA B 461 29.34 -24.17 22.22
N LEU B 462 28.93 -22.90 22.11
CA LEU B 462 29.04 -22.16 20.86
C LEU B 462 30.50 -22.00 20.44
N ASP B 463 31.36 -21.71 21.41
CA ASP B 463 32.77 -21.55 21.10
C ASP B 463 33.27 -22.82 20.40
N LYS B 464 32.77 -23.97 20.84
CA LYS B 464 33.18 -25.23 20.25
C LYS B 464 32.75 -25.23 18.79
N MET B 465 31.45 -25.07 18.53
CA MET B 465 30.94 -25.07 17.16
C MET B 465 31.66 -24.11 16.22
N LEU B 466 31.89 -22.88 16.69
CA LEU B 466 32.56 -21.87 15.87
C LEU B 466 34.01 -22.20 15.51
N GLN B 467 34.54 -23.28 16.08
CA GLN B 467 35.92 -23.70 15.81
C GLN B 467 36.03 -24.24 14.38
N ASN B 468 34.96 -24.90 13.91
CA ASN B 468 34.93 -25.49 12.56
C ASN B 468 34.44 -24.51 11.51
N VAL B 469 34.29 -23.25 11.87
CA VAL B 469 33.80 -22.22 10.95
C VAL B 469 34.83 -21.10 10.70
N GLN B 470 34.93 -20.67 9.44
CA GLN B 470 35.85 -19.60 9.08
C GLN B 470 35.17 -18.26 9.40
N MET B 471 35.22 -17.87 10.67
CA MET B 471 34.59 -16.64 11.12
C MET B 471 35.37 -15.41 10.70
N PRO B 472 34.67 -14.31 10.43
CA PRO B 472 35.32 -13.05 10.04
C PRO B 472 35.86 -12.39 11.31
N SER B 473 36.64 -11.32 11.14
CA SER B 473 37.18 -10.64 12.31
C SER B 473 36.61 -9.22 12.36
N LYS B 474 36.77 -8.57 13.50
CA LYS B 474 36.28 -7.21 13.64
C LYS B 474 37.40 -6.28 14.08
N LYS B 475 37.49 -5.15 13.40
CA LYS B 475 38.48 -4.14 13.71
C LYS B 475 37.73 -2.90 14.17
N LEU B 476 38.16 -2.32 15.28
CA LEU B 476 37.57 -1.12 15.84
C LEU B 476 38.73 -0.14 15.97
N ASP B 477 38.63 0.99 15.27
CA ASP B 477 39.70 1.99 15.27
C ASP B 477 39.10 3.36 14.96
N PHE B 478 39.94 4.35 14.75
CA PHE B 478 39.47 5.69 14.41
C PHE B 478 40.34 6.33 13.35
N ILE B 479 39.85 7.44 12.80
CA ILE B 479 40.56 8.23 11.83
C ILE B 479 40.39 9.63 12.38
N ILE B 480 41.34 10.51 12.07
CA ILE B 480 41.28 11.88 12.58
C ILE B 480 40.83 12.85 11.51
N LEU B 481 39.74 13.58 11.78
CA LEU B 481 39.24 14.56 10.84
C LEU B 481 39.15 15.92 11.55
N ASN B 482 39.84 16.91 11.02
CA ASN B 482 39.83 18.25 11.59
C ASN B 482 40.23 18.26 13.05
N GLU B 483 41.24 17.48 13.41
CA GLU B 483 41.72 17.43 14.79
C GLU B 483 40.81 16.63 15.72
N THR B 484 39.85 15.90 15.15
CA THR B 484 38.92 15.12 15.98
C THR B 484 38.90 13.65 15.59
N LYS B 485 38.90 12.79 16.60
CA LYS B 485 38.85 11.35 16.37
C LYS B 485 37.40 10.91 16.10
N PHE B 486 37.23 10.13 15.04
CA PHE B 486 35.95 9.58 14.66
C PHE B 486 36.17 8.08 14.51
N TRP B 487 35.38 7.31 15.28
CA TRP B 487 35.51 5.85 15.29
C TRP B 487 34.76 5.10 14.20
N TYR B 488 35.25 3.91 13.89
CA TYR B 488 34.64 3.08 12.87
C TYR B 488 34.97 1.62 13.18
N GLN B 489 34.22 0.71 12.61
CA GLN B 489 34.51 -0.69 12.79
C GLN B 489 34.42 -1.35 11.43
N MET B 490 35.11 -2.47 11.27
CA MET B 490 35.07 -3.19 10.02
C MET B 490 34.93 -4.67 10.31
N ILE B 491 34.01 -5.32 9.62
CA ILE B 491 33.84 -6.76 9.75
C ILE B 491 34.66 -7.24 8.55
N LEU B 492 35.80 -7.87 8.83
CA LEU B 492 36.72 -8.34 7.80
C LEU B 492 36.61 -9.82 7.45
N PRO B 493 36.67 -10.16 6.16
CA PRO B 493 36.57 -11.56 5.75
C PRO B 493 37.66 -12.42 6.36
N PRO B 494 37.45 -13.74 6.42
CA PRO B 494 38.47 -14.64 6.97
C PRO B 494 39.75 -14.52 6.14
N HIS B 495 40.92 -14.67 6.77
CA HIS B 495 42.19 -14.59 6.05
C HIS B 495 42.33 -13.26 5.33
N PHE B 496 41.79 -12.20 5.92
CA PHE B 496 41.86 -10.87 5.33
C PHE B 496 43.28 -10.60 4.81
N ASP B 497 43.38 -10.13 3.56
CA ASP B 497 44.68 -9.83 3.00
C ASP B 497 44.75 -8.37 2.55
N LYS B 498 45.51 -7.58 3.30
CA LYS B 498 45.67 -6.16 3.02
C LYS B 498 46.21 -5.83 1.62
N SER B 499 46.72 -6.85 0.92
CA SER B 499 47.26 -6.65 -0.42
C SER B 499 46.17 -6.79 -1.49
N LYS B 500 44.96 -7.18 -1.07
CA LYS B 500 43.86 -7.34 -2.01
C LYS B 500 42.86 -6.18 -1.95
N LYS B 501 41.98 -6.15 -2.93
CA LYS B 501 40.97 -5.10 -3.03
C LYS B 501 39.62 -5.77 -2.83
N TYR B 502 39.01 -5.56 -1.66
CA TYR B 502 37.73 -6.17 -1.33
C TYR B 502 36.56 -5.24 -1.60
N PRO B 503 35.39 -5.79 -1.93
CA PRO B 503 34.25 -4.91 -2.16
C PRO B 503 33.82 -4.46 -0.76
N LEU B 504 33.30 -3.24 -0.63
CA LEU B 504 32.89 -2.75 0.69
C LEU B 504 31.43 -2.32 0.81
N LEU B 505 30.76 -2.77 1.88
CA LEU B 505 29.38 -2.40 2.18
C LEU B 505 29.39 -1.49 3.42
N LEU B 506 28.91 -0.27 3.29
CA LEU B 506 28.87 0.63 4.43
C LEU B 506 27.51 0.43 5.13
N ASP B 507 27.54 -0.09 6.36
CA ASP B 507 26.33 -0.35 7.14
C ASP B 507 26.09 0.93 7.96
N VAL B 508 25.01 1.65 7.64
N VAL B 508 25.01 1.64 7.63
CA VAL B 508 24.78 2.91 8.33
CA VAL B 508 24.74 2.92 8.28
C VAL B 508 23.48 3.09 9.10
C VAL B 508 23.47 3.10 9.09
N TYR B 509 23.58 3.89 10.16
CA TYR B 509 22.41 4.28 10.95
C TYR B 509 22.56 5.80 11.03
N ALA B 510 23.53 6.27 11.83
CA ALA B 510 23.86 7.68 11.95
C ALA B 510 22.86 8.70 12.51
N GLY B 511 21.83 8.21 13.19
CA GLY B 511 20.89 9.15 13.80
C GLY B 511 21.54 9.83 15.00
N PRO B 512 20.90 10.86 15.56
CA PRO B 512 21.46 11.58 16.72
C PRO B 512 21.67 10.68 17.94
N CYS B 513 22.87 10.74 18.48
CA CYS B 513 23.31 9.93 19.61
C CYS B 513 23.43 8.44 19.28
N SER B 514 23.57 8.12 17.99
CA SER B 514 23.74 6.73 17.63
C SER B 514 25.22 6.31 17.82
N GLN B 515 25.46 5.01 17.79
CA GLN B 515 26.81 4.48 17.90
C GLN B 515 26.81 3.17 17.15
N LYS B 516 27.48 3.16 16.01
CA LYS B 516 27.58 1.96 15.20
C LYS B 516 28.96 1.32 15.27
N ALA B 517 29.89 1.97 15.98
CA ALA B 517 31.23 1.42 16.15
C ALA B 517 31.39 1.08 17.63
N ASP B 518 31.46 -0.21 17.96
CA ASP B 518 31.58 -0.60 19.35
C ASP B 518 32.28 -1.95 19.49
N THR B 519 32.38 -2.43 20.73
CA THR B 519 33.06 -3.68 21.00
C THR B 519 32.11 -4.85 21.20
N VAL B 520 30.87 -4.73 20.73
CA VAL B 520 29.90 -5.80 20.91
C VAL B 520 30.08 -6.92 19.88
N PHE B 521 29.88 -8.16 20.33
CA PHE B 521 30.00 -9.32 19.47
C PHE B 521 28.67 -9.66 18.81
N ARG B 522 28.61 -9.62 17.49
CA ARG B 522 27.35 -9.95 16.83
C ARG B 522 27.47 -11.02 15.76
N LEU B 523 26.42 -11.82 15.64
CA LEU B 523 26.30 -12.86 14.62
C LEU B 523 25.09 -12.38 13.83
N ASN B 524 25.34 -11.70 12.72
CA ASN B 524 24.26 -11.16 11.92
C ASN B 524 24.54 -11.25 10.41
N TRP B 525 23.78 -10.50 9.63
CA TRP B 525 23.92 -10.49 8.17
C TRP B 525 25.35 -10.15 7.74
N ALA B 526 25.94 -9.14 8.37
CA ALA B 526 27.31 -8.77 8.02
C ALA B 526 28.26 -9.94 8.28
N THR B 527 27.93 -10.78 9.26
CA THR B 527 28.79 -11.93 9.55
C THR B 527 28.86 -12.79 8.29
N TYR B 528 27.70 -13.10 7.72
CA TYR B 528 27.61 -13.88 6.50
C TYR B 528 28.30 -13.19 5.31
N LEU B 529 28.01 -11.90 5.12
CA LEU B 529 28.60 -11.15 4.01
C LEU B 529 30.13 -11.17 4.03
N ALA B 530 30.74 -11.04 5.20
CA ALA B 530 32.19 -11.06 5.28
C ALA B 530 32.73 -12.49 5.18
N SER B 531 32.11 -13.41 5.92
CA SER B 531 32.54 -14.81 5.96
C SER B 531 32.36 -15.61 4.67
N THR B 532 31.16 -15.59 4.12
CA THR B 532 30.86 -16.34 2.91
C THR B 532 31.14 -15.56 1.63
N GLU B 533 30.72 -14.29 1.59
CA GLU B 533 30.88 -13.46 0.40
C GLU B 533 32.16 -12.64 0.33
N ASN B 534 33.00 -12.74 1.34
CA ASN B 534 34.24 -11.98 1.36
C ASN B 534 34.03 -10.49 1.14
N ILE B 535 33.02 -9.95 1.81
CA ILE B 535 32.72 -8.53 1.73
C ILE B 535 33.08 -7.85 3.05
N ILE B 536 33.70 -6.68 2.98
CA ILE B 536 34.02 -5.95 4.19
C ILE B 536 32.79 -5.08 4.50
N VAL B 537 32.24 -5.22 5.70
CA VAL B 537 31.08 -4.44 6.09
C VAL B 537 31.56 -3.46 7.14
N ALA B 538 31.49 -2.18 6.84
CA ALA B 538 31.96 -1.16 7.75
C ALA B 538 30.89 -0.21 8.23
N SER B 539 31.14 0.40 9.40
CA SER B 539 30.24 1.39 9.97
C SER B 539 31.10 2.53 10.52
N PHE B 540 30.54 3.73 10.55
CA PHE B 540 31.28 4.91 10.98
C PHE B 540 30.42 5.82 11.83
N ASP B 541 30.99 6.35 12.92
CA ASP B 541 30.25 7.30 13.77
C ASP B 541 30.82 8.69 13.57
N GLY B 542 30.12 9.51 12.80
CA GLY B 542 30.56 10.86 12.51
C GLY B 542 29.81 11.87 13.33
N ARG B 543 29.74 13.11 12.86
CA ARG B 543 29.03 14.12 13.61
C ARG B 543 27.60 13.69 13.90
N GLY B 544 27.11 14.05 15.08
CA GLY B 544 25.77 13.67 15.51
C GLY B 544 25.76 12.39 16.36
N SER B 545 26.79 11.56 16.26
CA SER B 545 26.82 10.31 17.03
C SER B 545 26.99 10.59 18.54
N GLY B 546 26.64 9.64 19.40
CA GLY B 546 26.71 9.91 20.83
C GLY B 546 27.86 9.36 21.67
N TYR B 547 27.74 9.59 22.96
CA TYR B 547 28.70 9.10 23.95
C TYR B 547 30.11 9.65 23.82
N GLN B 548 30.24 10.79 23.14
CA GLN B 548 31.54 11.42 22.92
C GLN B 548 31.50 12.93 23.16
N GLY B 549 30.49 13.39 23.90
CA GLY B 549 30.40 14.82 24.16
C GLY B 549 29.44 15.54 23.24
N ASP B 550 28.92 16.65 23.71
CA ASP B 550 27.97 17.46 22.97
C ASP B 550 28.53 18.13 21.72
N LYS B 551 29.83 18.39 21.67
CA LYS B 551 30.36 19.04 20.47
C LYS B 551 30.08 18.16 19.25
N ILE B 552 30.22 16.85 19.42
CA ILE B 552 29.95 15.90 18.35
C ILE B 552 28.45 15.61 18.22
N MET B 553 27.78 15.33 19.33
CA MET B 553 26.36 14.99 19.23
C MET B 553 25.49 16.15 18.73
N HIS B 554 25.67 17.33 19.29
CA HIS B 554 24.88 18.49 18.86
C HIS B 554 25.32 19.15 17.55
N ALA B 555 26.26 18.54 16.84
CA ALA B 555 26.71 19.15 15.58
C ALA B 555 25.61 19.20 14.53
N ILE B 556 24.66 18.25 14.58
CA ILE B 556 23.57 18.25 13.61
C ILE B 556 22.31 18.94 14.09
N ASN B 557 22.38 19.62 15.23
CA ASN B 557 21.22 20.33 15.78
C ASN B 557 20.57 21.19 14.69
N ARG B 558 19.25 21.09 14.59
CA ARG B 558 18.45 21.84 13.59
C ARG B 558 18.88 21.59 12.15
N ARG B 559 19.76 20.62 11.95
CA ARG B 559 20.29 20.31 10.63
C ARG B 559 20.39 18.83 10.28
N LEU B 560 19.31 18.07 10.47
CA LEU B 560 19.38 16.65 10.12
C LEU B 560 19.57 16.56 8.60
N GLY B 561 20.17 15.47 8.14
CA GLY B 561 20.37 15.32 6.71
C GLY B 561 21.55 16.07 6.11
N THR B 562 22.52 16.45 6.94
CA THR B 562 23.68 17.18 6.42
C THR B 562 24.98 16.51 6.86
N PHE B 563 25.57 17.00 7.96
CA PHE B 563 26.86 16.47 8.42
C PHE B 563 26.92 14.98 8.63
N GLU B 564 25.83 14.40 9.13
CA GLU B 564 25.86 12.97 9.37
C GLU B 564 25.84 12.23 8.05
N VAL B 565 25.28 12.87 7.02
CA VAL B 565 25.24 12.26 5.70
C VAL B 565 26.62 12.43 5.03
N GLU B 566 27.14 13.66 5.05
CA GLU B 566 28.44 13.96 4.46
C GLU B 566 29.57 13.13 5.08
N ASP B 567 29.57 13.00 6.40
CA ASP B 567 30.63 12.25 7.08
C ASP B 567 30.63 10.78 6.70
N GLN B 568 29.46 10.28 6.34
CA GLN B 568 29.32 8.90 5.92
C GLN B 568 30.01 8.76 4.54
N ILE B 569 29.83 9.76 3.66
CA ILE B 569 30.46 9.75 2.34
C ILE B 569 31.99 9.83 2.52
N GLU B 570 32.43 10.78 3.34
CA GLU B 570 33.86 10.96 3.60
C GLU B 570 34.47 9.69 4.20
N ALA B 571 33.71 8.99 5.05
CA ALA B 571 34.21 7.74 5.66
C ALA B 571 34.54 6.71 4.58
N ALA B 572 33.71 6.64 3.55
CA ALA B 572 33.95 5.68 2.46
C ALA B 572 35.21 6.08 1.69
N ARG B 573 35.38 7.38 1.45
CA ARG B 573 36.56 7.87 0.74
C ARG B 573 37.81 7.51 1.52
N GLN B 574 37.73 7.60 2.85
CA GLN B 574 38.85 7.30 3.71
C GLN B 574 39.14 5.82 3.66
N PHE B 575 38.08 5.00 3.65
CA PHE B 575 38.28 3.55 3.57
C PHE B 575 38.91 3.18 2.23
N SER B 576 38.66 4.00 1.20
CA SER B 576 39.24 3.75 -0.12
C SER B 576 40.75 3.96 -0.02
N LYS B 577 41.14 5.10 0.55
CA LYS B 577 42.54 5.42 0.73
C LYS B 577 43.32 4.32 1.46
N MET B 578 42.64 3.54 2.29
CA MET B 578 43.32 2.46 3.02
C MET B 578 43.97 1.42 2.12
N GLY B 579 43.60 1.41 0.84
CA GLY B 579 44.21 0.49 -0.10
C GLY B 579 43.73 -0.94 -0.25
N PHE B 580 42.82 -1.40 0.59
CA PHE B 580 42.32 -2.77 0.46
C PHE B 580 40.84 -2.81 0.04
N VAL B 581 40.38 -1.72 -0.55
CA VAL B 581 39.00 -1.62 -0.99
C VAL B 581 38.92 -1.36 -2.49
N ASP B 582 38.08 -2.16 -3.15
CA ASP B 582 37.84 -2.05 -4.58
C ASP B 582 36.91 -0.84 -4.77
N ASN B 583 37.48 0.29 -5.16
N ASN B 583 37.48 0.29 -5.16
CA ASN B 583 36.73 1.52 -5.36
CA ASN B 583 36.72 1.51 -5.36
C ASN B 583 35.54 1.39 -6.31
C ASN B 583 35.52 1.37 -6.29
N LYS B 584 35.50 0.29 -7.08
CA LYS B 584 34.43 0.08 -8.04
C LYS B 584 33.27 -0.68 -7.41
N ARG B 585 33.51 -1.20 -6.22
CA ARG B 585 32.47 -1.96 -5.53
C ARG B 585 32.23 -1.50 -4.11
N ILE B 586 31.74 -0.26 -3.97
CA ILE B 586 31.38 0.29 -2.68
C ILE B 586 29.85 0.48 -2.61
N ALA B 587 29.22 -0.15 -1.63
CA ALA B 587 27.79 -0.07 -1.47
C ALA B 587 27.46 0.52 -0.11
N ILE B 588 26.18 0.77 0.12
CA ILE B 588 25.73 1.35 1.39
C ILE B 588 24.28 0.93 1.65
N TRP B 589 23.96 0.65 2.92
CA TRP B 589 22.61 0.27 3.29
C TRP B 589 22.29 0.65 4.71
N GLY B 590 21.00 0.82 4.99
CA GLY B 590 20.57 1.20 6.30
C GLY B 590 19.08 1.01 6.45
N TRP B 591 18.67 0.90 7.71
CA TRP B 591 17.28 0.70 8.07
C TRP B 591 16.82 1.88 8.91
N SER B 592 15.58 2.30 8.70
CA SER B 592 15.03 3.38 9.51
C SER B 592 15.80 4.70 9.30
N TYR B 593 16.38 5.27 10.36
CA TYR B 593 17.14 6.50 10.18
C TYR B 593 18.26 6.18 9.20
N GLY B 594 18.74 4.93 9.25
CA GLY B 594 19.79 4.49 8.35
C GLY B 594 19.34 4.52 6.89
N GLY B 595 18.07 4.20 6.63
CA GLY B 595 17.53 4.22 5.29
C GLY B 595 17.52 5.64 4.75
N TYR B 596 17.18 6.60 5.60
CA TYR B 596 17.15 8.01 5.22
C TYR B 596 18.57 8.45 4.81
N VAL B 597 19.55 8.19 5.68
CA VAL B 597 20.92 8.56 5.36
C VAL B 597 21.42 7.87 4.09
N THR B 598 21.13 6.58 3.96
CA THR B 598 21.52 5.83 2.76
C THR B 598 20.94 6.51 1.52
N SER B 599 19.65 6.84 1.59
CA SER B 599 18.98 7.51 0.48
C SER B 599 19.62 8.85 0.18
N MET B 600 19.85 9.64 1.23
CA MET B 600 20.47 10.93 1.06
C MET B 600 21.87 10.77 0.41
N VAL B 601 22.60 9.77 0.86
CA VAL B 601 23.92 9.51 0.30
C VAL B 601 23.80 9.09 -1.17
N LEU B 602 22.89 8.16 -1.47
CA LEU B 602 22.73 7.72 -2.84
C LEU B 602 22.29 8.86 -3.76
N GLY B 603 21.61 9.85 -3.22
CA GLY B 603 21.16 10.96 -4.04
C GLY B 603 22.04 12.20 -3.97
N SER B 604 23.23 12.06 -3.39
CA SER B 604 24.13 13.20 -3.26
C SER B 604 24.93 13.53 -4.52
N GLY B 605 25.10 12.56 -5.42
CA GLY B 605 25.87 12.79 -6.63
C GLY B 605 27.37 12.63 -6.38
N SER B 606 27.75 12.11 -5.22
CA SER B 606 29.16 11.93 -4.85
C SER B 606 29.94 10.98 -5.77
N GLY B 607 29.25 10.09 -6.46
CA GLY B 607 29.93 9.15 -7.34
C GLY B 607 30.68 8.05 -6.62
N VAL B 608 30.69 8.10 -5.29
CA VAL B 608 31.43 7.11 -4.50
C VAL B 608 30.80 5.73 -4.41
N PHE B 609 29.46 5.67 -4.41
CA PHE B 609 28.77 4.40 -4.27
C PHE B 609 28.13 3.87 -5.54
N LYS B 610 28.24 2.57 -5.73
CA LYS B 610 27.66 1.91 -6.89
C LYS B 610 26.17 1.58 -6.68
N CYS B 611 25.82 1.12 -5.48
CA CYS B 611 24.43 0.75 -5.18
C CYS B 611 24.10 0.94 -3.70
N GLY B 612 22.82 0.92 -3.38
CA GLY B 612 22.41 1.09 -2.00
C GLY B 612 21.03 0.52 -1.73
N ILE B 613 20.79 0.23 -0.46
CA ILE B 613 19.53 -0.35 -0.02
C ILE B 613 18.95 0.42 1.18
N ALA B 614 17.74 0.95 1.03
CA ALA B 614 17.11 1.65 2.15
C ALA B 614 15.90 0.84 2.60
N VAL B 615 15.85 0.51 3.89
CA VAL B 615 14.71 -0.25 4.41
C VAL B 615 13.94 0.65 5.36
N ALA B 616 12.63 0.78 5.13
CA ALA B 616 11.73 1.63 5.92
C ALA B 616 12.36 3.00 6.23
N PRO B 617 12.79 3.73 5.20
CA PRO B 617 13.40 5.04 5.44
C PRO B 617 12.48 6.24 5.68
N VAL B 618 13.00 7.23 6.39
CA VAL B 618 12.27 8.49 6.52
C VAL B 618 12.65 9.16 5.20
N SER B 619 11.73 9.89 4.59
CA SER B 619 12.02 10.58 3.33
C SER B 619 11.88 12.10 3.45
N ARG B 620 11.05 12.55 4.38
CA ARG B 620 10.88 13.98 4.65
C ARG B 620 10.45 14.13 6.10
N TRP B 621 11.15 14.98 6.82
CA TRP B 621 10.89 15.13 8.23
C TRP B 621 9.49 15.53 8.67
N GLU B 622 8.72 16.20 7.81
CA GLU B 622 7.36 16.56 8.16
C GLU B 622 6.44 15.33 8.23
N TYR B 623 6.90 14.18 7.72
CA TYR B 623 6.08 12.95 7.79
C TYR B 623 6.33 12.18 9.10
N TYR B 624 7.45 12.46 9.77
CA TYR B 624 7.75 11.76 11.01
C TYR B 624 7.08 12.41 12.23
N ASP B 625 7.11 11.73 13.38
CA ASP B 625 6.42 12.29 14.54
C ASP B 625 7.04 13.56 15.16
N SER B 626 6.18 14.34 15.81
CA SER B 626 6.57 15.60 16.44
C SER B 626 7.68 15.53 17.49
N VAL B 627 7.48 14.69 18.51
CA VAL B 627 8.44 14.59 19.60
C VAL B 627 9.88 14.32 19.13
N TYR B 628 10.08 13.25 18.39
CA TYR B 628 11.42 12.93 17.90
C TYR B 628 11.94 13.99 16.92
N THR B 629 11.16 14.26 15.88
CA THR B 629 11.59 15.20 14.84
C THR B 629 11.93 16.62 15.34
N GLU B 630 11.01 17.21 16.08
CA GLU B 630 11.18 18.57 16.57
C GLU B 630 12.30 18.70 17.58
N ARG B 631 12.68 17.59 18.20
CA ARG B 631 13.73 17.63 19.19
C ARG B 631 15.03 18.09 18.54
N TYR B 632 15.24 17.66 17.31
CA TYR B 632 16.46 17.99 16.59
C TYR B 632 16.23 19.08 15.54
N MET B 633 15.01 19.16 15.02
CA MET B 633 14.71 20.08 13.94
C MET B 633 13.88 21.32 14.27
N GLY B 634 13.40 21.42 15.50
CA GLY B 634 12.56 22.56 15.82
C GLY B 634 11.24 22.42 15.06
N LEU B 635 10.51 23.52 14.88
CA LEU B 635 9.23 23.49 14.19
C LEU B 635 9.28 23.74 12.69
N PRO B 636 8.38 23.09 11.93
CA PRO B 636 8.39 23.31 10.49
C PRO B 636 7.55 24.53 10.07
N THR B 637 7.96 25.70 10.54
CA THR B 637 7.27 26.94 10.22
C THR B 637 8.29 27.93 9.69
N PRO B 638 7.85 28.87 8.84
CA PRO B 638 8.79 29.85 8.29
C PRO B 638 9.55 30.66 9.36
N GLU B 639 8.92 30.85 10.51
CA GLU B 639 9.57 31.59 11.60
C GLU B 639 10.58 30.73 12.34
N ASP B 640 10.53 29.42 12.15
CA ASP B 640 11.48 28.56 12.84
C ASP B 640 12.46 27.85 11.90
N ASN B 641 12.14 26.63 11.48
CA ASN B 641 13.10 25.91 10.64
C ASN B 641 12.54 25.29 9.37
N LEU B 642 11.38 25.76 8.91
CA LEU B 642 10.78 25.18 7.70
C LEU B 642 11.75 25.04 6.53
N ASP B 643 12.56 26.06 6.25
CA ASP B 643 13.49 25.96 5.13
C ASP B 643 14.37 24.71 5.18
N HIS B 644 14.94 24.39 6.33
CA HIS B 644 15.77 23.19 6.35
C HIS B 644 14.92 21.91 6.26
N TYR B 645 13.70 21.94 6.80
CA TYR B 645 12.78 20.81 6.71
C TYR B 645 12.55 20.50 5.23
N ARG B 646 12.36 21.56 4.44
CA ARG B 646 12.08 21.40 3.00
C ARG B 646 13.31 21.07 2.16
N ASN B 647 14.48 21.40 2.69
CA ASN B 647 15.73 21.17 1.98
C ASN B 647 16.40 19.83 2.28
N SER B 648 15.90 19.12 3.28
CA SER B 648 16.49 17.84 3.70
C SER B 648 15.71 16.59 3.32
N THR B 649 14.85 16.71 2.31
CA THR B 649 14.06 15.55 1.86
C THR B 649 14.82 14.70 0.88
N VAL B 650 14.44 13.43 0.80
CA VAL B 650 15.05 12.52 -0.14
C VAL B 650 14.55 12.84 -1.56
N MET B 651 13.26 13.17 -1.65
CA MET B 651 12.61 13.47 -2.95
C MET B 651 13.28 14.52 -3.79
N SER B 652 13.83 15.57 -3.17
CA SER B 652 14.49 16.64 -3.93
C SER B 652 15.79 16.22 -4.62
N ARG B 653 16.25 15.01 -4.34
CA ARG B 653 17.49 14.52 -4.93
C ARG B 653 17.24 13.40 -5.92
N ALA B 654 15.96 13.20 -6.27
CA ALA B 654 15.57 12.12 -7.17
C ALA B 654 16.43 11.96 -8.43
N GLU B 655 16.71 13.08 -9.08
CA GLU B 655 17.49 13.13 -10.30
C GLU B 655 18.86 12.46 -10.17
N ASN B 656 19.52 12.63 -9.02
CA ASN B 656 20.83 12.04 -8.83
C ASN B 656 20.83 10.53 -8.71
N PHE B 657 19.67 9.92 -8.50
CA PHE B 657 19.60 8.46 -8.37
C PHE B 657 19.84 7.78 -9.71
N LYS B 658 19.93 8.56 -10.77
CA LYS B 658 20.20 7.99 -12.08
C LYS B 658 21.62 7.41 -12.11
N GLN B 659 22.46 7.83 -11.17
CA GLN B 659 23.85 7.38 -11.10
C GLN B 659 24.11 6.11 -10.28
N VAL B 660 23.07 5.57 -9.64
CA VAL B 660 23.23 4.39 -8.78
C VAL B 660 22.14 3.31 -8.91
N GLU B 661 22.43 2.13 -8.36
CA GLU B 661 21.47 1.03 -8.32
C GLU B 661 20.84 1.12 -6.92
N TYR B 662 19.53 1.27 -6.87
CA TYR B 662 18.82 1.44 -5.60
C TYR B 662 17.72 0.42 -5.37
N LEU B 663 17.62 -0.08 -4.13
CA LEU B 663 16.60 -1.02 -3.72
C LEU B 663 15.90 -0.39 -2.53
N LEU B 664 14.60 -0.17 -2.67
CA LEU B 664 13.79 0.48 -1.64
C LEU B 664 12.81 -0.55 -1.09
N ILE B 665 12.77 -0.69 0.24
CA ILE B 665 11.93 -1.69 0.87
C ILE B 665 11.14 -1.10 2.05
N HIS B 666 9.86 -1.49 2.18
CA HIS B 666 9.04 -0.94 3.28
C HIS B 666 7.87 -1.88 3.64
N GLY B 667 7.56 -1.99 4.93
CA GLY B 667 6.44 -2.81 5.36
C GLY B 667 5.19 -1.94 5.22
N THR B 668 4.12 -2.51 4.69
CA THR B 668 2.90 -1.74 4.48
C THR B 668 2.16 -1.35 5.76
N ALA B 669 2.40 -2.08 6.85
CA ALA B 669 1.74 -1.77 8.11
C ALA B 669 2.69 -1.11 9.10
N ASP B 670 3.64 -0.33 8.57
CA ASP B 670 4.61 0.38 9.39
C ASP B 670 3.91 1.58 10.06
N ASP B 671 3.67 1.46 11.36
CA ASP B 671 2.99 2.48 12.16
C ASP B 671 3.93 3.58 12.60
N ASN B 672 5.23 3.32 12.47
CA ASN B 672 6.28 4.24 12.91
C ASN B 672 6.76 5.15 11.77
N VAL B 673 7.44 4.58 10.77
CA VAL B 673 7.85 5.34 9.59
C VAL B 673 6.78 4.86 8.60
N HIS B 674 5.78 5.69 8.35
CA HIS B 674 4.70 5.28 7.46
C HIS B 674 5.11 4.93 6.05
N PHE B 675 4.42 3.96 5.48
CA PHE B 675 4.71 3.50 4.13
C PHE B 675 4.70 4.74 3.22
N GLN B 676 3.88 5.73 3.59
CA GLN B 676 3.79 7.01 2.87
C GLN B 676 5.19 7.54 2.50
N GLN B 677 6.13 7.40 3.43
CA GLN B 677 7.48 7.91 3.22
C GLN B 677 8.16 7.26 2.01
N SER B 678 8.00 5.94 1.83
CA SER B 678 8.59 5.29 0.66
C SER B 678 7.73 5.48 -0.59
N ALA B 679 6.41 5.63 -0.38
CA ALA B 679 5.48 5.88 -1.49
C ALA B 679 5.88 7.19 -2.15
N GLN B 680 6.29 8.18 -1.37
CA GLN B 680 6.69 9.46 -1.95
C GLN B 680 8.07 9.40 -2.62
N ILE B 681 8.96 8.53 -2.14
CA ILE B 681 10.28 8.41 -2.76
C ILE B 681 10.12 7.76 -4.12
N SER B 682 9.36 6.66 -4.17
CA SER B 682 9.16 5.97 -5.42
C SER B 682 8.44 6.86 -6.42
N LYS B 683 7.45 7.63 -5.98
CA LYS B 683 6.75 8.51 -6.91
C LYS B 683 7.70 9.57 -7.49
N ALA B 684 8.58 10.11 -6.64
CA ALA B 684 9.54 11.13 -7.09
C ALA B 684 10.51 10.53 -8.11
N LEU B 685 10.95 9.30 -7.87
CA LEU B 685 11.85 8.62 -8.80
C LEU B 685 11.13 8.32 -10.11
N VAL B 686 9.89 7.87 -10.03
CA VAL B 686 9.13 7.62 -11.26
C VAL B 686 8.98 8.91 -12.06
N ASP B 687 8.73 10.02 -11.37
CA ASP B 687 8.55 11.30 -12.03
C ASP B 687 9.74 11.85 -12.81
N VAL B 688 10.96 11.43 -12.48
CA VAL B 688 12.12 11.92 -13.22
C VAL B 688 12.70 10.81 -14.11
N GLY B 689 11.96 9.71 -14.23
CA GLY B 689 12.39 8.62 -15.08
C GLY B 689 13.58 7.82 -14.59
N VAL B 690 13.61 7.56 -13.29
CA VAL B 690 14.70 6.79 -12.70
C VAL B 690 14.27 5.34 -12.41
N ASP B 691 15.02 4.36 -12.90
CA ASP B 691 14.69 2.97 -12.63
C ASP B 691 15.34 2.56 -11.32
N PHE B 692 14.68 1.66 -10.60
CA PHE B 692 15.18 1.18 -9.30
C PHE B 692 14.43 -0.10 -8.94
N GLN B 693 14.88 -0.75 -7.88
CA GLN B 693 14.24 -1.99 -7.42
C GLN B 693 13.37 -1.64 -6.21
N ALA B 694 12.32 -2.43 -5.99
CA ALA B 694 11.45 -2.18 -4.88
C ALA B 694 10.85 -3.45 -4.31
N MET B 695 10.47 -3.39 -3.04
CA MET B 695 9.83 -4.52 -2.40
C MET B 695 8.99 -4.02 -1.21
N TRP B 696 7.72 -4.38 -1.18
CA TRP B 696 6.84 -4.01 -0.08
C TRP B 696 6.64 -5.32 0.68
N TYR B 697 6.42 -5.22 1.99
CA TYR B 697 6.16 -6.40 2.82
C TYR B 697 4.79 -6.26 3.47
N THR B 698 3.83 -6.96 2.90
CA THR B 698 2.45 -6.92 3.35
C THR B 698 2.26 -7.17 4.84
N ASP B 699 1.59 -6.22 5.49
CA ASP B 699 1.27 -6.28 6.91
C ASP B 699 2.45 -6.32 7.89
N GLU B 700 3.65 -6.00 7.40
CA GLU B 700 4.84 -5.95 8.25
C GLU B 700 4.99 -4.54 8.76
N ASP B 701 5.56 -4.39 9.96
CA ASP B 701 5.72 -3.07 10.51
C ASP B 701 7.16 -2.57 10.41
N HIS B 702 7.52 -1.59 11.23
CA HIS B 702 8.85 -1.05 11.16
C HIS B 702 9.97 -2.06 11.37
N GLY B 703 9.66 -3.15 12.08
CA GLY B 703 10.68 -4.15 12.33
C GLY B 703 10.82 -5.23 11.26
N ILE B 704 9.78 -5.42 10.45
CA ILE B 704 9.80 -6.46 9.41
C ILE B 704 10.45 -7.69 10.06
N ALA B 705 9.95 -8.00 11.27
CA ALA B 705 10.47 -9.08 12.10
C ALA B 705 9.72 -10.41 12.11
N SER B 706 8.62 -10.53 11.36
CA SER B 706 7.95 -11.82 11.39
C SER B 706 9.00 -12.80 10.85
N SER B 707 8.92 -14.04 11.30
CA SER B 707 9.87 -15.07 10.88
C SER B 707 10.08 -15.17 9.35
N THR B 708 8.99 -15.31 8.61
CA THR B 708 9.05 -15.44 7.17
C THR B 708 9.51 -14.17 6.45
N ALA B 709 9.01 -13.02 6.87
CA ALA B 709 9.41 -11.76 6.25
C ALA B 709 10.89 -11.48 6.52
N HIS B 710 11.36 -11.79 7.72
CA HIS B 710 12.77 -11.59 8.08
C HIS B 710 13.67 -12.40 7.14
N GLN B 711 13.34 -13.66 6.93
CA GLN B 711 14.16 -14.47 6.06
C GLN B 711 14.05 -13.96 4.62
N HIS B 712 12.84 -13.58 4.20
CA HIS B 712 12.62 -13.11 2.85
C HIS B 712 13.38 -11.84 2.53
N ILE B 713 13.33 -10.85 3.42
CA ILE B 713 14.04 -9.61 3.14
C ILE B 713 15.57 -9.75 3.10
N TYR B 714 16.14 -10.51 4.01
CA TYR B 714 17.58 -10.68 3.98
C TYR B 714 18.00 -11.51 2.76
N THR B 715 17.15 -12.43 2.34
CA THR B 715 17.44 -13.22 1.15
C THR B 715 17.41 -12.29 -0.09
N HIS B 716 16.40 -11.43 -0.15
CA HIS B 716 16.26 -10.51 -1.27
C HIS B 716 17.42 -9.53 -1.32
N MET B 717 17.80 -8.98 -0.18
CA MET B 717 18.91 -8.03 -0.13
C MET B 717 20.26 -8.67 -0.50
N SER B 718 20.44 -9.93 -0.15
CA SER B 718 21.68 -10.64 -0.47
C SER B 718 21.84 -10.76 -1.99
N HIS B 719 20.79 -11.16 -2.69
CA HIS B 719 20.88 -11.26 -4.16
C HIS B 719 21.23 -9.91 -4.75
N PHE B 720 20.58 -8.87 -4.26
CA PHE B 720 20.84 -7.53 -4.79
C PHE B 720 22.29 -7.10 -4.58
N ILE B 721 22.84 -7.36 -3.39
CA ILE B 721 24.24 -6.99 -3.11
C ILE B 721 25.22 -7.81 -3.95
N LYS B 722 24.99 -9.12 -4.02
CA LYS B 722 25.83 -10.04 -4.79
C LYS B 722 25.83 -9.68 -6.26
N GLN B 723 24.68 -9.25 -6.76
CA GLN B 723 24.54 -8.86 -8.15
C GLN B 723 25.31 -7.54 -8.40
N CYS B 724 25.12 -6.57 -7.51
CA CYS B 724 25.81 -5.29 -7.63
C CYS B 724 27.33 -5.49 -7.62
N PHE B 725 27.79 -6.45 -6.82
CA PHE B 725 29.21 -6.74 -6.69
C PHE B 725 29.70 -7.83 -7.65
N SER B 726 28.85 -8.28 -8.56
CA SER B 726 29.23 -9.31 -9.52
C SER B 726 29.77 -10.53 -8.80
N LEU B 727 29.03 -10.99 -7.79
CA LEU B 727 29.42 -12.16 -7.01
C LEU B 727 28.53 -13.34 -7.35
N PRO B 728 29.15 -14.51 -7.64
CA PRO B 728 28.43 -15.75 -7.98
C PRO B 728 27.42 -16.12 -6.89
C1 NAG C . -21.20 22.09 -50.10
C2 NAG C . -21.78 23.10 -49.06
C3 NAG C . -23.24 23.51 -49.40
C4 NAG C . -23.20 24.01 -50.84
C5 NAG C . -22.87 22.80 -51.70
C6 NAG C . -23.06 23.02 -53.20
C7 NAG C . -20.73 22.82 -46.90
C8 NAG C . -20.79 22.19 -45.53
N2 NAG C . -21.73 22.53 -47.73
O3 NAG C . -23.67 24.54 -48.49
O4 NAG C . -24.41 24.67 -51.29
O5 NAG C . -21.49 22.45 -51.47
O6 NAG C . -21.83 23.29 -53.87
O7 NAG C . -19.79 23.57 -47.20
C1 NAG C . -25.68 24.42 -50.78
C2 NAG C . -26.70 25.03 -51.76
C3 NAG C . -26.34 26.52 -51.98
C4 NAG C . -26.23 27.27 -50.63
C5 NAG C . -25.38 26.48 -49.59
C6 NAG C . -25.48 27.04 -48.16
C7 NAG C . -27.45 23.28 -53.25
C8 NAG C . -27.36 22.61 -54.61
N2 NAG C . -26.67 24.34 -53.03
O3 NAG C . -27.33 27.13 -52.79
O4 NAG C . -25.65 28.56 -50.86
O5 NAG C . -25.80 25.09 -49.51
O6 NAG C . -25.31 26.02 -47.18
O7 NAG C . -28.22 22.84 -52.39
C1 NAG D . -18.33 27.64 -10.09
C2 NAG D . -19.36 28.82 -10.10
C3 NAG D . -18.77 30.09 -10.72
C4 NAG D . -17.39 30.39 -10.13
C5 NAG D . -16.48 29.18 -10.35
C6 NAG D . -15.08 29.43 -9.83
C7 NAG D . -21.67 28.12 -10.22
C8 NAG D . -22.89 27.80 -11.09
N2 NAG D . -20.55 28.49 -10.85
O3 NAG D . -19.64 31.20 -10.50
O4 NAG D . -16.84 31.55 -10.79
O5 NAG D . -17.02 28.04 -9.64
O6 NAG D . -15.09 29.81 -8.46
O7 NAG D . -21.76 28.02 -9.00
C1 NAG D . -16.61 32.74 -10.10
C2 NAG D . -17.25 32.76 -8.68
C3 NAG D . -16.84 34.02 -7.89
C4 NAG D . -15.35 34.40 -8.06
C5 NAG D . -14.85 34.22 -9.52
C6 NAG D . -13.34 34.29 -9.64
C7 NAG D . -19.39 33.72 -9.29
C8 NAG D . -20.91 33.58 -9.35
N2 NAG D . -18.70 32.70 -8.77
O3 NAG D . -17.10 33.80 -6.51
O4 NAG D . -15.17 35.77 -7.68
O5 NAG D . -15.20 32.91 -10.01
O6 NAG D . -12.82 33.10 -10.23
O7 NAG D . -18.86 34.76 -9.72
C1 NAG E . -42.74 14.38 -28.87
C2 NAG E . -43.39 15.63 -29.44
C3 NAG E . -44.59 16.05 -28.59
C4 NAG E . -45.54 14.86 -28.29
C5 NAG E . -44.72 13.68 -27.75
C6 NAG E . -45.52 12.44 -27.43
C7 NAG E . -41.95 17.15 -30.63
C8 NAG E . -40.91 18.27 -30.58
N2 NAG E . -42.42 16.70 -29.47
O3 NAG E . -45.30 17.08 -29.28
O4 NAG E . -46.49 15.25 -27.29
O5 NAG E . -43.70 13.32 -28.72
O6 NAG E . -46.09 11.86 -28.62
O7 NAG E . -42.34 16.70 -31.72
C1 NAG E . -47.84 14.95 -27.52
C2 NAG E . -48.61 15.10 -26.19
C3 NAG E . -50.14 15.06 -26.42
C4 NAG E . -50.55 16.05 -27.50
C5 NAG E . -49.76 15.69 -28.77
C6 NAG E . -50.11 16.56 -29.96
C7 NAG E . -47.44 14.30 -24.25
C8 NAG E . -47.12 13.10 -23.35
N2 NAG E . -48.24 14.04 -25.27
O3 NAG E . -50.83 15.37 -25.21
O4 NAG E . -51.95 15.96 -27.74
O5 NAG E . -48.34 15.85 -28.53
O6 NAG E . -49.63 17.88 -29.80
O7 NAG E . -46.97 15.42 -24.00
C1 NAG F . -32.03 3.48 0.42
C2 NAG F . -33.35 4.21 0.75
C3 NAG F . -33.56 4.19 2.27
C4 NAG F . -33.56 2.75 2.77
C5 NAG F . -32.24 2.07 2.34
C6 NAG F . -32.17 0.60 2.70
C7 NAG F . -34.07 5.96 -0.75
C8 NAG F . -34.00 7.43 -1.17
N2 NAG F . -33.33 5.59 0.28
O3 NAG F . -34.79 4.84 2.60
O4 NAG F . -33.71 2.71 4.22
O5 NAG F . -32.08 2.14 0.90
O6 NAG F . -31.05 -0.02 2.10
O7 NAG F . -34.79 5.18 -1.38
C1 NAG F . -34.13 1.49 4.75
C2 NAG F . -35.40 1.60 5.63
C3 NAG F . -35.12 2.06 7.08
C4 NAG F . -33.91 1.35 7.67
C5 NAG F . -32.73 1.51 6.71
C6 NAG F . -31.45 0.90 7.23
C7 NAG F . -36.20 3.80 5.06
C8 NAG F . -37.31 4.66 4.45
N2 NAG F . -36.38 2.48 5.04
O3 NAG F . -36.27 1.81 7.88
O4 NAG F . -33.60 1.91 8.94
O5 NAG F . -33.03 0.88 5.47
O6 NAG F . -30.56 0.57 6.17
O7 NAG F . -35.17 4.33 5.52
C1 NAG G . -29.06 -20.44 -13.63
C2 NAG G . -29.99 -21.61 -13.96
C3 NAG G . -30.43 -22.31 -12.68
C4 NAG G . -29.25 -22.63 -11.74
C5 NAG G . -28.23 -21.46 -11.64
C6 NAG G . -26.91 -21.84 -10.97
C7 NAG G . -31.42 -21.65 -15.91
C8 NAG G . -32.67 -21.14 -16.62
N2 NAG G . -31.17 -21.16 -14.69
O3 NAG G . -31.12 -23.51 -13.01
O4 NAG G . -29.79 -22.87 -10.41
O5 NAG G . -27.91 -20.94 -12.95
O6 NAG G . -26.08 -22.61 -11.85
O7 NAG G . -30.67 -22.46 -16.48
C1 NAG G . -29.48 -24.04 -9.74
C2 NAG G . -29.83 -25.28 -10.56
C3 NAG G . -29.57 -26.50 -9.68
C4 NAG G . -28.11 -26.51 -9.16
C5 NAG G . -27.75 -25.14 -8.52
C6 NAG G . -26.26 -25.00 -8.21
C7 NAG G . -32.17 -24.84 -10.08
C8 NAG G . -33.61 -24.81 -10.60
N2 NAG G . -31.23 -25.23 -10.95
O3 NAG G . -29.82 -27.69 -10.40
O4 NAG G . -27.98 -27.53 -8.18
O5 NAG G . -28.09 -24.05 -9.41
O6 NAG G . -25.97 -23.70 -7.72
O7 NAG G . -31.94 -24.53 -8.90
C1 NAG H . 20.48 -23.39 49.48
C2 NAG H . 18.97 -23.44 49.80
C3 NAG H . 18.70 -22.98 51.24
C4 NAG H . 19.63 -23.70 52.25
C5 NAG H . 21.08 -23.53 51.78
C6 NAG H . 22.10 -24.21 52.68
C7 NAG H . 17.69 -23.11 47.77
C8 NAG H . 16.97 -22.14 46.85
N2 NAG H . 18.26 -22.59 48.86
O3 NAG H . 17.33 -23.21 51.59
O4 NAG H . 19.47 -23.15 53.58
O5 NAG H . 21.22 -24.10 50.47
O6 NAG H . 23.08 -24.93 51.93
O7 NAG H . 17.71 -24.31 47.50
C1 NAG H . 18.74 -23.90 54.50
C2 NAG H . 19.39 -25.28 54.77
C3 NAG H . 18.49 -26.03 55.78
C4 NAG H . 18.31 -25.20 57.05
C5 NAG H . 17.82 -23.79 56.71
C6 NAG H . 17.76 -22.89 57.93
C7 NAG H . 20.63 -26.83 53.34
C8 NAG H . 20.68 -27.63 52.05
N2 NAG H . 19.54 -26.08 53.55
O3 NAG H . 19.05 -27.30 56.10
O4 NAG H . 17.38 -25.84 57.91
O5 NAG H . 18.70 -23.16 55.73
O6 NAG H . 16.63 -23.21 58.75
O7 NAG H . 21.59 -26.89 54.15
C1 NAG I . 3.64 3.64 53.32
C2 NAG I . 3.25 3.08 54.70
C3 NAG I . 2.02 3.84 55.21
C4 NAG I . 2.25 5.36 55.18
C5 NAG I . 2.70 5.77 53.77
C6 NAG I . 3.02 7.25 53.67
C7 NAG I . 3.60 0.72 55.15
C8 NAG I . 3.16 -0.71 54.89
N2 NAG I . 2.92 1.67 54.53
O3 NAG I . 1.70 3.44 56.53
O4 NAG I . 1.03 6.03 55.51
O5 NAG I . 3.89 5.05 53.40
O6 NAG I . 4.08 7.58 54.54
O7 NAG I . 4.52 0.95 55.95
C1 NAG I . 1.07 6.93 56.57
C2 NAG I . -0.26 7.68 56.62
C3 NAG I . -0.42 8.51 57.91
C4 NAG I . -0.03 7.71 59.16
C5 NAG I . 1.33 7.02 58.95
C6 NAG I . 1.72 6.12 60.13
C7 NAG I . -0.98 8.19 54.37
C8 NAG I . -1.00 9.17 53.21
N2 NAG I . -0.34 8.57 55.48
O3 NAG I . -1.78 8.93 58.03
O4 NAG I . 0.04 8.57 60.29
O5 NAG I . 1.28 6.18 57.78
O6 NAG I . 3.13 5.95 60.19
O7 NAG I . -1.53 7.09 54.26
C1 NAG J . -9.91 16.36 26.02
C2 NAG J . -10.90 16.66 27.16
C3 NAG J . -12.19 17.17 26.54
C4 NAG J . -11.95 18.36 25.62
C5 NAG J . -10.80 18.08 24.63
C6 NAG J . -10.38 19.34 23.90
C7 NAG J . -10.73 15.31 29.14
C8 NAG J . -11.16 14.04 29.89
N2 NAG J . -11.22 15.47 27.92
O3 NAG J . -13.09 17.53 27.58
O4 NAG J . -13.15 18.59 24.87
O5 NAG J . -9.65 17.56 25.31
O6 NAG J . -9.81 19.04 22.64
O7 NAG J . -9.94 16.10 29.67
C1 NAG J . -13.79 19.81 25.03
C2 NAG J . -14.68 20.07 23.81
C3 NAG J . -15.59 21.28 24.04
C4 NAG J . -16.28 21.24 25.40
C5 NAG J . -15.26 20.96 26.50
C6 NAG J . -15.88 20.83 27.89
C7 NAG J . -13.65 19.30 21.75
C8 NAG J . -12.77 19.61 20.55
N2 NAG J . -13.85 20.28 22.63
O3 NAG J . -16.58 21.31 23.02
O4 NAG J . -16.96 22.48 25.66
O5 NAG J . -14.57 19.73 26.22
O6 NAG J . -16.82 19.76 27.93
O7 NAG J . -14.14 18.17 21.87
C1 NAG K . -15.94 9.30 40.91
C2 NAG K . -17.19 9.14 40.04
C3 NAG K . -16.97 9.71 38.65
C4 NAG K . -16.51 11.16 38.78
C5 NAG K . -15.25 11.22 39.67
C6 NAG K . -14.70 12.63 39.88
C7 NAG K . -18.66 7.36 40.62
C8 NAG K . -19.03 5.88 40.54
N2 NAG K . -17.58 7.76 39.96
O3 NAG K . -18.18 9.65 37.91
O4 NAG K . -16.24 11.71 37.50
O5 NAG K . -15.54 10.67 40.96
O6 NAG K . -15.61 13.44 40.61
O7 NAG K . -19.36 8.13 41.26
C1 NAG K . -17.05 12.76 37.13
C2 NAG K . -16.41 13.51 35.97
C3 NAG K . -17.33 14.68 35.57
C4 NAG K . -18.77 14.17 35.30
C5 NAG K . -19.28 13.31 36.48
C6 NAG K . -20.65 12.66 36.23
C7 NAG K . -14.02 13.21 36.10
C8 NAG K . -12.66 13.73 36.57
N2 NAG K . -15.08 13.97 36.37
O3 NAG K . -16.83 15.31 34.41
O4 NAG K . -19.64 15.28 35.11
O5 NAG K . -18.33 12.25 36.76
O6 NAG K . -20.54 11.32 35.75
O7 NAG K . -14.08 12.14 35.48
C1 NAG L . -6.00 27.80 -34.97
C2 NAG L . -5.49 28.28 -36.37
C3 NAG L . -4.25 27.50 -36.86
C4 NAG L . -3.21 27.35 -35.74
C5 NAG L . -3.87 26.77 -34.49
C6 NAG L . -2.89 26.60 -33.32
C7 NAG L . -6.52 28.82 -38.51
C8 NAG L . -7.69 28.60 -39.46
N2 NAG L . -6.56 28.14 -37.35
O3 NAG L . -3.65 28.17 -37.97
O4 NAG L . -2.15 26.49 -36.18
O5 NAG L . -4.90 27.68 -34.04
O6 NAG L . -3.51 25.93 -32.23
O7 NAG L . -5.61 29.60 -38.82
C1 NAG M . -39.73 20.39 -3.43
C2 NAG M . -40.26 21.53 -2.53
C3 NAG M . -39.21 21.90 -1.47
C4 NAG M . -38.86 20.65 -0.66
C5 NAG M . -38.35 19.56 -1.62
C6 NAG M . -37.97 18.27 -0.92
C7 NAG M . -41.87 22.90 -3.67
C8 NAG M . -42.16 24.13 -4.52
N2 NAG M . -40.60 22.69 -3.34
O3 NAG M . -39.73 22.91 -0.61
O4 NAG M . -37.86 20.94 0.32
O5 NAG M . -39.37 19.25 -2.61
O6 NAG M . -39.11 17.47 -0.61
O7 NAG M . -42.79 22.15 -3.33
C1 NAG N . -11.65 -32.73 -25.23
C2 NAG N . -11.34 -33.69 -24.05
C3 NAG N . -11.39 -32.93 -22.71
C4 NAG N . -10.47 -31.69 -22.75
C5 NAG N . -10.87 -30.83 -23.98
C6 NAG N . -10.02 -29.58 -24.18
C7 NAG N . -13.58 -34.62 -23.84
C8 NAG N . -14.46 -35.86 -23.84
N2 NAG N . -12.27 -34.81 -24.04
O3 NAG N . -10.99 -33.81 -21.66
O4 NAG N . -10.59 -30.94 -21.56
O5 NAG N . -10.73 -31.61 -25.19
O6 NAG N . -10.23 -29.02 -25.49
O7 NAG N . -14.09 -33.51 -23.67
NA NA O . -14.43 7.11 -54.88
C1 417 P . -10.33 -6.18 -14.07
C1 417 P . -10.32 -5.82 -14.18
C2 417 P . -11.10 -5.53 -15.04
C2 417 P . -11.15 -5.28 -15.17
C3 417 P . -11.98 -6.21 -15.92
C3 417 P . -11.98 -6.09 -16.01
C4 417 P . -12.08 -7.63 -15.80
C4 417 P . -11.92 -7.52 -15.82
C5 417 P . -11.31 -8.29 -14.82
C5 417 P . -11.09 -8.05 -14.83
C6 417 P . -10.45 -7.57 -13.97
C6 417 P . -10.29 -7.22 -14.01
C9 417 P . -12.77 -5.41 -16.95
C9 417 P . -12.87 -5.46 -17.08
C10 417 P . -12.57 -5.95 -18.39
C10 417 P . -12.65 -6.08 -18.48
C11 417 P . -13.38 -5.09 -19.39
C11 417 P . -13.58 -5.43 -19.52
C12 417 P . -14.91 -5.05 -19.05
C12 417 P . -15.09 -5.60 -19.13
C13 417 P . -15.10 -4.54 -17.59
C13 417 P . -15.32 -4.96 -17.72
C14 417 P . -14.29 -5.39 -16.58
C14 417 P . -14.38 -5.59 -16.67
N21 417 P . -15.70 -4.20 -20.00
N21 417 P . -16.05 -4.99 -20.12
C22 417 P . -16.02 -4.90 -21.27
C22 417 P . -17.48 -5.07 -19.72
C23 417 P . -17.03 -4.11 -22.16
C23 417 P . -18.41 -4.28 -20.68
N24 417 P . -16.80 -2.65 -22.12
N24 417 P . -18.01 -4.45 -22.10
C25 417 P . -15.94 -2.04 -21.28
C25 417 P . -16.89 -5.03 -22.52
C26 417 P . -15.10 -2.83 -20.29
C26 417 P . -15.88 -5.57 -21.50
C33 417 P . -17.32 -1.63 -22.83
C33 417 P . -18.66 -4.13 -23.26
N34 417 P . -16.77 -0.47 -22.39
N34 417 P . -17.87 -4.50 -24.30
N35 417 P . -15.95 -0.72 -21.48
N35 417 P . -16.83 -5.03 -23.86
F36 417 P . -11.41 -9.63 -14.71
F36 417 P . -11.05 -9.38 -14.67
F37 417 P . -10.96 -4.21 -15.12
F37 417 P . -11.15 -3.96 -15.30
N38 417 P . -14.49 -4.88 -15.21
N38 417 P . -14.60 -4.99 -15.35
C39 417 P . -18.37 -1.73 -23.95
C39 417 P . -20.02 -3.45 -23.37
F40 417 P . -18.64 -0.51 -24.41
F40 417 P . -20.32 -3.26 -24.64
F41 417 P . -19.45 -2.31 -23.42
F41 417 P . -19.96 -2.27 -22.74
F42 417 P . -17.85 -2.50 -24.91
F42 417 P . -20.89 -4.25 -22.79
F43 417 P . -9.73 -8.19 -13.04
F43 417 P . -9.49 -7.75 -13.07
C1 NAG Q . 10.68 -29.90 32.54
C2 NAG Q . 11.39 -31.24 32.87
C3 NAG Q . 12.26 -31.71 31.69
C4 NAG Q . 11.47 -31.67 30.37
C5 NAG Q . 10.85 -30.28 30.17
C6 NAG Q . 10.02 -30.14 28.90
C7 NAG Q . 12.81 -32.04 34.69
C8 NAG Q . 13.66 -31.69 35.92
N2 NAG Q . 12.23 -31.02 34.06
O3 NAG Q . 12.74 -33.03 31.92
O4 NAG Q . 12.35 -31.98 29.28
O5 NAG Q . 9.98 -29.99 31.29
O6 NAG Q . 10.21 -28.87 28.31
O7 NAG Q . 12.70 -33.21 34.34
C1 NAG R . -11.92 -14.22 28.18
C2 NAG R . -12.68 -14.99 29.26
C3 NAG R . -12.93 -16.46 28.83
C4 NAG R . -13.40 -16.58 27.36
C5 NAG R . -12.61 -15.65 26.41
C6 NAG R . -13.18 -15.60 24.99
C7 NAG R . -11.99 -13.92 31.33
C8 NAG R . -11.11 -13.95 32.56
N2 NAG R . -11.89 -14.96 30.49
O3 NAG R . -13.94 -17.02 29.68
O4 NAG R . -13.23 -17.92 26.93
O5 NAG R . -12.60 -14.30 26.92
O6 NAG R . -14.60 -15.42 25.00
O7 NAG R . -12.76 -12.96 31.14
C1 NAG S . 15.77 26.96 22.62
C2 NAG S . 16.54 28.19 23.08
C3 NAG S . 16.00 29.48 22.43
C4 NAG S . 16.03 29.29 20.91
C5 NAG S . 15.20 28.05 20.54
C6 NAG S . 15.27 27.79 19.05
C7 NAG S . 17.57 28.11 25.26
C8 NAG S . 17.40 28.18 26.77
N2 NAG S . 16.48 28.27 24.53
O3 NAG S . 16.79 30.61 22.80
O4 NAG S . 15.53 30.45 20.24
O5 NAG S . 15.74 26.88 21.19
O6 NAG S . 16.60 27.49 18.65
O7 NAG S . 18.70 27.92 24.77
C1 417 T . 12.38 5.53 13.14
C1 417 T . 12.25 5.32 13.30
C2 417 T . 12.54 5.16 14.49
C2 417 T . 12.52 5.02 14.66
C3 417 T . 13.41 5.87 15.38
C3 417 T . 13.46 5.76 15.45
C4 417 T . 14.09 7.03 14.87
C4 417 T . 14.14 6.85 14.80
C5 417 T . 13.93 7.40 13.52
C5 417 T . 13.87 7.16 13.45
C6 417 T . 13.06 6.66 12.67
C6 417 T . 12.94 6.41 12.72
C9 417 T . 13.51 5.40 16.81
C9 417 T . 13.75 5.40 16.90
C10 417 T . 15.01 5.10 17.21
C10 417 T . 15.26 5.05 17.12
C11 417 T . 15.08 4.59 18.66
C11 417 T . 15.55 4.70 18.59
C12 417 T . 14.44 5.57 19.69
C12 417 T . 15.16 5.88 19.54
C13 417 T . 12.98 5.90 19.27
C13 417 T . 13.64 6.22 19.33
C14 417 T . 12.89 6.42 17.81
C14 417 T . 13.34 6.56 17.84
N21 417 T . 14.45 5.06 21.10
N21 417 T . 15.42 5.60 21.01
C22 417 T . 15.69 5.39 21.83
C22 417 T . 15.03 6.73 21.89
C23 417 T . 15.52 5.15 23.35
C23 417 T . 15.08 6.33 23.40
N24 417 T . 14.86 3.84 23.62
N24 417 T . 16.29 5.56 23.73
C25 417 T . 14.22 3.10 22.69
C25 417 T . 17.13 5.03 22.83
C26 417 T . 14.15 3.58 21.23
C26 417 T . 16.86 5.22 21.32
C33 417 T . 14.73 3.11 24.75
C33 417 T . 16.83 5.23 24.92
N34 417 T . 14.04 1.99 24.45
N34 417 T . 17.96 4.50 24.69
N35 417 T . 13.74 1.98 23.24
N35 417 T . 18.14 4.39 23.45
F36 417 T . 14.59 8.46 13.04
F36 417 T . 14.51 8.19 12.87
F37 417 T . 11.87 4.09 14.94
F37 417 T . 11.86 3.99 15.21
N38 417 T . 11.51 6.72 17.46
N38 417 T . 11.93 6.87 17.65
C39 417 T . 15.28 3.48 26.12
C39 417 T . 16.25 5.60 26.30
F40 417 T . 14.97 2.54 27.00
F40 417 T . 17.02 5.12 27.27
F41 417 T . 14.74 4.66 26.46
F41 417 T . 15.04 5.10 26.37
F42 417 T . 16.59 3.59 26.01
F42 417 T . 16.20 6.93 26.37
F43 417 T . 12.92 7.02 11.40
F43 417 T . 12.70 6.71 11.44
#